data_1X45
#
_entry.id   1X45
#
_entity_poly.entity_id   1
_entity_poly.type   'polypeptide(L)'
_entity_poly.pdbx_seq_one_letter_code
;GSSGSSGDVFIEKQKGEILGVVIVESGWGSILPTVIIANMMHGGPAEKSGKLNIGDQIMSINGTSLVGLPLSTCQSIIKG
LKNQSRVKLNIVSGPSSG
;
_entity_poly.pdbx_strand_id   A
#
# COMPACT_ATOMS: atom_id res chain seq x y z
N GLY A 1 -7.42 -20.78 -3.38
CA GLY A 1 -8.13 -19.64 -3.94
C GLY A 1 -8.38 -18.56 -2.91
N SER A 2 -9.65 -18.42 -2.49
CA SER A 2 -10.02 -17.42 -1.50
C SER A 2 -8.96 -17.30 -0.41
N SER A 3 -8.23 -16.19 -0.43
CA SER A 3 -7.18 -15.95 0.55
C SER A 3 -6.71 -14.50 0.51
N GLY A 4 -6.51 -13.91 1.69
CA GLY A 4 -6.06 -12.53 1.76
C GLY A 4 -6.30 -11.92 3.12
N SER A 5 -5.21 -11.63 3.84
CA SER A 5 -5.31 -11.04 5.17
C SER A 5 -4.05 -10.25 5.50
N SER A 6 -4.13 -9.47 6.58
CA SER A 6 -2.99 -8.65 7.01
C SER A 6 -1.69 -9.45 6.92
N GLY A 7 -0.94 -9.23 5.83
CA GLY A 7 0.31 -9.93 5.65
C GLY A 7 0.97 -9.60 4.32
N ASP A 8 1.76 -10.54 3.81
CA ASP A 8 2.44 -10.35 2.53
C ASP A 8 1.44 -10.26 1.39
N VAL A 9 1.41 -9.11 0.73
CA VAL A 9 0.49 -8.89 -0.39
C VAL A 9 1.25 -8.85 -1.71
N PHE A 10 0.59 -9.30 -2.78
CA PHE A 10 1.19 -9.31 -4.10
C PHE A 10 0.27 -8.67 -5.13
N ILE A 11 0.66 -7.49 -5.61
CA ILE A 11 -0.13 -6.77 -6.60
C ILE A 11 0.34 -7.08 -8.01
N GLU A 12 -0.48 -7.82 -8.76
CA GLU A 12 -0.15 -8.18 -10.13
C GLU A 12 -0.68 -7.15 -11.12
N LYS A 13 0.23 -6.43 -11.77
CA LYS A 13 -0.15 -5.42 -12.74
C LYS A 13 0.72 -5.50 -13.98
N GLN A 14 0.54 -4.55 -14.90
CA GLN A 14 1.32 -4.51 -16.13
C GLN A 14 2.34 -3.37 -16.10
N LYS A 15 3.52 -3.62 -16.67
CA LYS A 15 4.57 -2.61 -16.70
C LYS A 15 4.09 -1.35 -17.41
N GLY A 16 4.75 -0.24 -17.11
CA GLY A 16 4.38 1.03 -17.72
C GLY A 16 3.21 1.70 -17.03
N GLU A 17 2.37 0.89 -16.40
CA GLU A 17 1.20 1.41 -15.69
C GLU A 17 1.51 1.64 -14.22
N ILE A 18 0.71 2.48 -13.57
CA ILE A 18 0.91 2.78 -12.16
C ILE A 18 0.13 1.81 -11.27
N LEU A 19 0.39 1.88 -9.97
CA LEU A 19 -0.30 1.00 -9.02
C LEU A 19 -1.76 1.40 -8.86
N GLY A 20 -2.17 2.43 -9.59
CA GLY A 20 -3.55 2.89 -9.53
C GLY A 20 -4.09 2.92 -8.11
N VAL A 21 -3.32 3.52 -7.20
CA VAL A 21 -3.73 3.61 -5.80
C VAL A 21 -3.13 4.85 -5.14
N VAL A 22 -3.90 5.48 -4.27
CA VAL A 22 -3.45 6.67 -3.55
C VAL A 22 -3.20 6.38 -2.08
N ILE A 23 -2.11 6.92 -1.55
CA ILE A 23 -1.76 6.72 -0.16
C ILE A 23 -1.70 8.05 0.59
N VAL A 24 -1.85 7.98 1.91
CA VAL A 24 -1.81 9.18 2.74
C VAL A 24 -1.13 8.89 4.08
N GLU A 25 -0.72 9.95 4.77
CA GLU A 25 -0.05 9.82 6.06
C GLU A 25 -0.89 8.95 7.01
N SER A 26 -0.23 8.01 7.68
CA SER A 26 -0.91 7.13 8.61
C SER A 26 -1.17 7.83 9.93
N GLY A 27 -1.67 9.06 9.86
CA GLY A 27 -1.96 9.82 11.06
C GLY A 27 -0.92 9.62 12.13
N TRP A 28 0.13 10.43 12.11
CA TRP A 28 1.20 10.33 13.09
C TRP A 28 0.64 10.07 14.49
N GLY A 29 0.62 8.80 14.88
CA GLY A 29 0.11 8.42 16.18
C GLY A 29 -0.01 6.93 16.36
N SER A 30 -0.30 6.23 15.26
CA SER A 30 -0.44 4.78 15.31
C SER A 30 0.90 4.10 15.58
N ILE A 31 0.85 2.83 15.97
CA ILE A 31 2.06 2.07 16.26
C ILE A 31 3.17 2.42 15.29
N LEU A 32 3.00 2.02 14.04
CA LEU A 32 4.00 2.30 13.00
C LEU A 32 3.41 3.19 11.91
N PRO A 33 3.57 4.50 12.07
CA PRO A 33 3.07 5.48 11.10
C PRO A 33 3.85 5.45 9.79
N THR A 34 3.35 4.69 8.83
CA THR A 34 3.99 4.57 7.53
C THR A 34 3.15 5.21 6.43
N VAL A 35 2.08 4.52 6.03
CA VAL A 35 1.19 5.03 5.00
C VAL A 35 -0.02 4.10 4.81
N ILE A 36 -1.17 4.70 4.52
CA ILE A 36 -2.39 3.92 4.31
C ILE A 36 -3.10 4.34 3.03
N ILE A 37 -3.85 3.42 2.44
CA ILE A 37 -4.57 3.69 1.21
C ILE A 37 -5.68 4.72 1.45
N ALA A 38 -5.60 5.84 0.73
CA ALA A 38 -6.59 6.90 0.86
C ALA A 38 -7.71 6.72 -0.17
N ASN A 39 -7.37 6.14 -1.30
CA ASN A 39 -8.35 5.93 -2.36
C ASN A 39 -7.80 4.97 -3.42
N MET A 40 -8.69 4.24 -4.09
CA MET A 40 -8.30 3.30 -5.12
C MET A 40 -8.87 3.70 -6.48
N MET A 41 -8.05 3.60 -7.52
CA MET A 41 -8.48 3.96 -8.86
C MET A 41 -9.61 3.04 -9.33
N HIS A 42 -10.52 3.60 -10.13
CA HIS A 42 -11.64 2.83 -10.64
C HIS A 42 -11.24 2.01 -11.86
N GLY A 43 -10.46 0.95 -11.62
CA GLY A 43 -10.01 0.10 -12.71
C GLY A 43 -8.51 -0.13 -12.68
N GLY A 44 -7.89 0.21 -11.56
CA GLY A 44 -6.45 0.03 -11.43
C GLY A 44 -6.08 -1.37 -10.96
N PRO A 45 -4.77 -1.61 -10.81
CA PRO A 45 -4.25 -2.91 -10.36
C PRO A 45 -4.59 -3.21 -8.91
N ALA A 46 -4.42 -2.20 -8.06
CA ALA A 46 -4.71 -2.34 -6.64
C ALA A 46 -6.20 -2.60 -6.39
N GLU A 47 -7.05 -1.81 -7.05
CA GLU A 47 -8.49 -1.95 -6.91
C GLU A 47 -8.95 -3.33 -7.36
N LYS A 48 -8.29 -3.87 -8.37
CA LYS A 48 -8.62 -5.18 -8.89
C LYS A 48 -7.98 -6.28 -8.06
N SER A 49 -6.77 -6.02 -7.56
CA SER A 49 -6.07 -6.99 -6.74
C SER A 49 -6.90 -7.42 -5.55
N GLY A 50 -7.54 -6.46 -4.90
CA GLY A 50 -8.37 -6.76 -3.74
C GLY A 50 -7.57 -7.27 -2.56
N LYS A 51 -6.27 -7.02 -2.58
CA LYS A 51 -5.38 -7.45 -1.51
C LYS A 51 -5.38 -6.45 -0.36
N LEU A 52 -5.66 -5.19 -0.68
CA LEU A 52 -5.70 -4.13 0.32
C LEU A 52 -7.10 -3.56 0.46
N ASN A 53 -7.25 -2.58 1.34
CA ASN A 53 -8.54 -1.94 1.57
C ASN A 53 -8.36 -0.52 2.09
N ILE A 54 -9.33 0.34 1.80
CA ILE A 54 -9.29 1.73 2.25
C ILE A 54 -9.10 1.82 3.76
N GLY A 55 -7.89 2.20 4.18
CA GLY A 55 -7.60 2.31 5.60
C GLY A 55 -6.40 1.50 6.00
N ASP A 56 -6.13 0.43 5.27
CA ASP A 56 -4.99 -0.44 5.57
C ASP A 56 -3.67 0.30 5.36
N GLN A 57 -2.66 -0.08 6.14
CA GLN A 57 -1.36 0.54 6.04
C GLN A 57 -0.32 -0.42 5.47
N ILE A 58 0.77 0.12 4.94
CA ILE A 58 1.83 -0.69 4.37
C ILE A 58 3.05 -0.72 5.28
N MET A 59 3.39 -1.91 5.77
CA MET A 59 4.55 -2.07 6.65
C MET A 59 5.85 -1.85 5.89
N SER A 60 5.90 -2.38 4.67
CA SER A 60 7.09 -2.25 3.84
C SER A 60 6.75 -2.45 2.36
N ILE A 61 7.73 -2.21 1.50
CA ILE A 61 7.53 -2.36 0.06
C ILE A 61 8.66 -3.17 -0.56
N ASN A 62 8.36 -4.44 -0.88
CA ASN A 62 9.36 -5.32 -1.48
C ASN A 62 10.57 -5.47 -0.58
N GLY A 63 10.38 -5.26 0.71
CA GLY A 63 11.47 -5.36 1.66
C GLY A 63 12.03 -4.02 2.06
N THR A 64 11.30 -2.95 1.72
CA THR A 64 11.73 -1.60 2.06
C THR A 64 10.82 -0.97 3.09
N SER A 65 11.20 -1.08 4.36
CA SER A 65 10.41 -0.52 5.46
C SER A 65 10.14 0.96 5.24
N LEU A 66 8.90 1.37 5.46
CA LEU A 66 8.51 2.76 5.28
C LEU A 66 8.33 3.46 6.63
N VAL A 67 8.64 2.74 7.70
CA VAL A 67 8.51 3.28 9.05
C VAL A 67 9.35 4.55 9.21
N GLY A 68 8.68 5.66 9.51
CA GLY A 68 9.37 6.92 9.68
C GLY A 68 9.39 7.75 8.41
N LEU A 69 9.52 7.08 7.27
CA LEU A 69 9.56 7.76 5.98
C LEU A 69 8.34 8.66 5.80
N PRO A 70 8.56 9.85 5.21
CA PRO A 70 7.49 10.81 4.96
C PRO A 70 6.51 10.34 3.89
N LEU A 71 5.32 10.92 3.89
CA LEU A 71 4.29 10.56 2.91
C LEU A 71 4.80 10.73 1.49
N SER A 72 5.50 11.83 1.26
CA SER A 72 6.05 12.13 -0.07
C SER A 72 7.02 11.03 -0.50
N THR A 73 7.90 10.63 0.42
CA THR A 73 8.88 9.58 0.13
C THR A 73 8.20 8.26 -0.20
N CYS A 74 7.52 7.68 0.78
CA CYS A 74 6.82 6.42 0.59
C CYS A 74 6.15 6.37 -0.78
N GLN A 75 5.55 7.49 -1.18
CA GLN A 75 4.87 7.57 -2.46
C GLN A 75 5.84 7.34 -3.61
N SER A 76 7.04 7.91 -3.50
CA SER A 76 8.06 7.77 -4.53
C SER A 76 8.42 6.31 -4.73
N ILE A 77 8.60 5.58 -3.63
CA ILE A 77 8.95 4.17 -3.68
C ILE A 77 7.85 3.36 -4.36
N ILE A 78 6.63 3.88 -4.31
CA ILE A 78 5.48 3.20 -4.92
C ILE A 78 5.29 3.64 -6.37
N LYS A 79 5.85 4.79 -6.71
CA LYS A 79 5.74 5.31 -8.06
C LYS A 79 6.78 4.69 -8.98
N GLY A 80 7.80 4.08 -8.37
CA GLY A 80 8.85 3.44 -9.15
C GLY A 80 8.54 2.00 -9.47
N LEU A 81 7.31 1.58 -9.18
CA LEU A 81 6.89 0.21 -9.45
C LEU A 81 6.16 0.11 -10.77
N LYS A 82 6.10 1.22 -11.50
CA LYS A 82 5.43 1.25 -12.79
C LYS A 82 6.19 0.44 -13.83
N ASN A 83 7.51 0.49 -13.76
CA ASN A 83 8.35 -0.25 -14.69
C ASN A 83 8.28 -1.74 -14.43
N GLN A 84 7.63 -2.11 -13.33
CA GLN A 84 7.49 -3.51 -12.96
C GLN A 84 6.02 -3.93 -12.95
N SER A 85 5.78 -5.22 -13.17
CA SER A 85 4.42 -5.75 -13.19
C SER A 85 4.04 -6.31 -11.83
N ARG A 86 4.78 -7.30 -11.37
CA ARG A 86 4.51 -7.93 -10.07
C ARG A 86 5.31 -7.24 -8.97
N VAL A 87 4.62 -6.88 -7.89
CA VAL A 87 5.25 -6.22 -6.76
C VAL A 87 4.78 -6.81 -5.44
N LYS A 88 5.69 -6.89 -4.47
CA LYS A 88 5.37 -7.44 -3.16
C LYS A 88 5.35 -6.33 -2.10
N LEU A 89 4.28 -6.28 -1.33
CA LEU A 89 4.14 -5.27 -0.27
C LEU A 89 3.44 -5.85 0.95
N ASN A 90 3.90 -5.46 2.13
CA ASN A 90 3.32 -5.94 3.38
C ASN A 90 2.24 -4.98 3.88
N ILE A 91 1.01 -5.47 3.96
CA ILE A 91 -0.11 -4.66 4.44
C ILE A 91 -0.54 -5.07 5.84
N VAL A 92 -0.97 -4.09 6.63
CA VAL A 92 -1.42 -4.35 8.00
C VAL A 92 -2.60 -3.46 8.37
N SER A 93 -3.76 -4.06 8.53
CA SER A 93 -4.97 -3.32 8.89
C SER A 93 -4.65 -2.22 9.90
N GLY A 94 -4.96 -0.98 9.53
CA GLY A 94 -4.69 0.14 10.41
C GLY A 94 -5.24 -0.09 11.81
N PRO A 95 -5.09 0.93 12.68
CA PRO A 95 -5.56 0.86 14.06
C PRO A 95 -7.10 0.87 14.15
N SER A 96 -7.69 -0.33 14.10
CA SER A 96 -9.13 -0.46 14.17
C SER A 96 -9.65 -0.03 15.53
N SER A 97 -9.03 -0.54 16.59
CA SER A 97 -9.42 -0.22 17.95
C SER A 97 -8.96 1.18 18.33
N GLY A 98 -9.91 2.09 18.54
CA GLY A 98 -9.57 3.45 18.90
C GLY A 98 -10.66 4.44 18.54
N GLY A 1 -9.50 -11.51 12.23
CA GLY A 1 -9.34 -10.07 12.28
C GLY A 1 -10.42 -9.33 11.52
N SER A 2 -10.48 -8.01 11.71
CA SER A 2 -11.48 -7.19 11.03
C SER A 2 -11.32 -7.27 9.51
N SER A 3 -10.08 -7.10 9.05
CA SER A 3 -9.79 -7.15 7.62
C SER A 3 -9.52 -8.58 7.18
N GLY A 4 -8.48 -9.19 7.76
CA GLY A 4 -8.13 -10.55 7.40
C GLY A 4 -6.93 -10.62 6.49
N SER A 5 -6.86 -9.71 5.52
CA SER A 5 -5.74 -9.68 4.58
C SER A 5 -4.58 -8.88 5.14
N SER A 6 -4.20 -9.18 6.38
CA SER A 6 -3.10 -8.48 7.03
C SER A 6 -1.80 -9.29 6.95
N GLY A 7 -1.04 -9.04 5.89
CA GLY A 7 0.22 -9.75 5.71
C GLY A 7 0.87 -9.44 4.38
N ASP A 8 1.70 -10.36 3.90
CA ASP A 8 2.40 -10.17 2.63
C ASP A 8 1.40 -10.07 1.48
N VAL A 9 1.46 -8.96 0.76
CA VAL A 9 0.56 -8.74 -0.37
C VAL A 9 1.33 -8.64 -1.69
N PHE A 10 0.71 -9.09 -2.77
CA PHE A 10 1.34 -9.05 -4.08
C PHE A 10 0.38 -8.50 -5.14
N ILE A 11 0.67 -7.30 -5.62
CA ILE A 11 -0.17 -6.66 -6.63
C ILE A 11 0.29 -7.02 -8.03
N GLU A 12 -0.48 -7.86 -8.71
CA GLU A 12 -0.15 -8.28 -10.07
C GLU A 12 -0.71 -7.30 -11.09
N LYS A 13 0.18 -6.55 -11.74
CA LYS A 13 -0.23 -5.58 -12.75
C LYS A 13 0.68 -5.66 -13.98
N GLN A 14 0.46 -4.74 -14.92
CA GLN A 14 1.26 -4.72 -16.15
C GLN A 14 2.25 -3.56 -16.11
N LYS A 15 3.38 -3.73 -16.79
CA LYS A 15 4.41 -2.70 -16.84
C LYS A 15 3.93 -1.50 -17.66
N GLY A 16 4.39 -0.31 -17.28
CA GLY A 16 4.00 0.89 -17.99
C GLY A 16 2.90 1.65 -17.28
N GLU A 17 2.06 0.94 -16.54
CA GLU A 17 0.95 1.55 -15.82
C GLU A 17 1.32 1.74 -14.35
N ILE A 18 0.56 2.59 -13.67
CA ILE A 18 0.80 2.88 -12.26
C ILE A 18 0.03 1.90 -11.38
N LEU A 19 0.33 1.91 -10.08
CA LEU A 19 -0.32 1.03 -9.13
C LEU A 19 -1.78 1.47 -8.91
N GLY A 20 -2.17 2.56 -9.56
CA GLY A 20 -3.52 3.05 -9.43
C GLY A 20 -4.01 3.03 -7.99
N VAL A 21 -3.23 3.62 -7.09
CA VAL A 21 -3.59 3.66 -5.68
C VAL A 21 -3.00 4.89 -5.00
N VAL A 22 -3.78 5.51 -4.11
CA VAL A 22 -3.33 6.69 -3.39
C VAL A 22 -3.00 6.36 -1.94
N ILE A 23 -1.91 6.94 -1.44
CA ILE A 23 -1.49 6.71 -0.07
C ILE A 23 -1.37 8.03 0.70
N VAL A 24 -1.44 7.94 2.02
CA VAL A 24 -1.35 9.12 2.87
C VAL A 24 -0.59 8.81 4.16
N GLU A 25 -0.40 9.84 4.98
CA GLU A 25 0.32 9.67 6.24
C GLU A 25 -0.46 8.76 7.20
N SER A 26 0.24 7.81 7.80
CA SER A 26 -0.39 6.88 8.73
C SER A 26 -0.21 7.34 10.17
N GLY A 27 -0.18 8.66 10.36
CA GLY A 27 -0.02 9.21 11.69
C GLY A 27 -1.30 9.18 12.49
N TRP A 28 -2.41 8.89 11.82
CA TRP A 28 -3.71 8.82 12.48
C TRP A 28 -3.74 7.71 13.52
N GLY A 29 -3.45 8.06 14.77
CA GLY A 29 -3.45 7.07 15.84
C GLY A 29 -2.97 5.72 15.36
N SER A 30 -1.65 5.57 15.24
CA SER A 30 -1.06 4.32 14.80
C SER A 30 0.32 4.12 15.40
N ILE A 31 0.74 2.86 15.53
CA ILE A 31 2.04 2.54 16.11
C ILE A 31 3.16 2.89 15.14
N LEU A 32 3.12 2.29 13.95
CA LEU A 32 4.14 2.53 12.93
C LEU A 32 3.59 3.44 11.84
N PRO A 33 3.83 4.75 11.98
CA PRO A 33 3.37 5.75 11.00
C PRO A 33 4.13 5.66 9.68
N THR A 34 3.62 4.86 8.76
CA THR A 34 4.25 4.68 7.45
C THR A 34 3.41 5.30 6.35
N VAL A 35 2.33 4.61 5.98
CA VAL A 35 1.44 5.11 4.93
C VAL A 35 0.23 4.19 4.76
N ILE A 36 -0.93 4.79 4.55
CA ILE A 36 -2.16 4.03 4.37
C ILE A 36 -2.88 4.43 3.09
N ILE A 37 -3.67 3.52 2.54
CA ILE A 37 -4.42 3.78 1.31
C ILE A 37 -5.52 4.80 1.56
N ALA A 38 -5.49 5.89 0.80
CA ALA A 38 -6.49 6.94 0.93
C ALA A 38 -7.61 6.76 -0.10
N ASN A 39 -7.31 6.06 -1.18
CA ASN A 39 -8.28 5.81 -2.23
C ASN A 39 -7.73 4.83 -3.27
N MET A 40 -8.64 4.15 -3.96
CA MET A 40 -8.24 3.18 -4.99
C MET A 40 -8.85 3.54 -6.34
N MET A 41 -8.03 3.51 -7.38
CA MET A 41 -8.48 3.83 -8.73
C MET A 41 -9.73 3.03 -9.09
N HIS A 42 -10.59 3.62 -9.90
CA HIS A 42 -11.82 2.96 -10.32
C HIS A 42 -11.57 2.01 -11.49
N GLY A 43 -10.42 1.33 -11.45
CA GLY A 43 -10.07 0.39 -12.51
C GLY A 43 -8.58 0.16 -12.59
N GLY A 44 -7.90 0.17 -11.45
CA GLY A 44 -6.46 -0.04 -11.42
C GLY A 44 -6.09 -1.41 -10.89
N PRO A 45 -4.78 -1.67 -10.76
CA PRO A 45 -4.28 -2.96 -10.27
C PRO A 45 -4.56 -3.15 -8.79
N ALA A 46 -4.45 -2.08 -8.01
CA ALA A 46 -4.70 -2.14 -6.58
C ALA A 46 -6.17 -2.35 -6.29
N GLU A 47 -7.03 -1.67 -7.04
CA GLU A 47 -8.47 -1.79 -6.86
C GLU A 47 -8.96 -3.18 -7.27
N LYS A 48 -8.34 -3.73 -8.31
CA LYS A 48 -8.71 -5.05 -8.79
C LYS A 48 -8.07 -6.15 -7.94
N SER A 49 -6.84 -5.93 -7.52
CA SER A 49 -6.12 -6.90 -6.69
C SER A 49 -6.96 -7.30 -5.49
N GLY A 50 -7.50 -6.32 -4.79
CA GLY A 50 -8.32 -6.59 -3.62
C GLY A 50 -7.51 -7.11 -2.46
N LYS A 51 -6.21 -6.84 -2.47
CA LYS A 51 -5.32 -7.29 -1.41
C LYS A 51 -5.31 -6.28 -0.25
N LEU A 52 -5.53 -5.01 -0.58
CA LEU A 52 -5.54 -3.96 0.43
C LEU A 52 -6.96 -3.40 0.60
N ASN A 53 -7.09 -2.41 1.49
CA ASN A 53 -8.38 -1.79 1.74
C ASN A 53 -8.19 -0.37 2.28
N ILE A 54 -9.18 0.49 2.01
CA ILE A 54 -9.13 1.88 2.47
C ILE A 54 -8.87 1.95 3.97
N GLY A 55 -7.65 2.31 4.34
CA GLY A 55 -7.31 2.42 5.75
C GLY A 55 -6.09 1.58 6.11
N ASP A 56 -5.86 0.53 5.34
CA ASP A 56 -4.72 -0.35 5.59
C ASP A 56 -3.40 0.39 5.39
N GLN A 57 -2.40 0.03 6.18
CA GLN A 57 -1.08 0.66 6.09
C GLN A 57 -0.05 -0.32 5.54
N ILE A 58 0.99 0.23 4.91
CA ILE A 58 2.05 -0.58 4.34
C ILE A 58 3.28 -0.60 5.24
N MET A 59 3.66 -1.79 5.69
CA MET A 59 4.83 -1.95 6.56
C MET A 59 6.12 -1.74 5.77
N SER A 60 6.19 -2.34 4.59
CA SER A 60 7.38 -2.24 3.75
C SER A 60 7.01 -2.41 2.27
N ILE A 61 7.99 -2.20 1.40
CA ILE A 61 7.77 -2.33 -0.04
C ILE A 61 8.88 -3.14 -0.69
N ASN A 62 8.57 -4.38 -1.05
CA ASN A 62 9.55 -5.25 -1.69
C ASN A 62 10.75 -5.48 -0.78
N GLY A 63 10.52 -5.38 0.53
CA GLY A 63 11.59 -5.60 1.49
C GLY A 63 12.19 -4.29 1.97
N THR A 64 11.50 -3.19 1.71
CA THR A 64 11.98 -1.87 2.11
C THR A 64 11.05 -1.24 3.15
N SER A 65 11.53 -1.11 4.38
CA SER A 65 10.74 -0.53 5.46
C SER A 65 10.43 0.93 5.17
N LEU A 66 9.18 1.32 5.44
CA LEU A 66 8.75 2.70 5.22
C LEU A 66 8.71 3.48 6.52
N VAL A 67 8.48 2.77 7.63
CA VAL A 67 8.41 3.39 8.94
C VAL A 67 9.46 4.49 9.08
N GLY A 68 9.01 5.71 9.33
CA GLY A 68 9.92 6.83 9.47
C GLY A 68 9.99 7.69 8.24
N LEU A 69 10.01 7.05 7.07
CA LEU A 69 10.08 7.77 5.81
C LEU A 69 8.90 8.73 5.66
N PRO A 70 9.15 9.88 5.02
CA PRO A 70 8.12 10.90 4.79
C PRO A 70 7.07 10.45 3.78
N LEU A 71 5.90 11.07 3.83
CA LEU A 71 4.81 10.73 2.91
C LEU A 71 5.24 10.94 1.47
N SER A 72 6.02 11.99 1.23
CA SER A 72 6.50 12.30 -0.11
C SER A 72 7.40 11.18 -0.64
N THR A 73 8.34 10.74 0.20
CA THR A 73 9.26 9.69 -0.18
C THR A 73 8.52 8.37 -0.44
N CYS A 74 7.83 7.88 0.59
CA CYS A 74 7.08 6.64 0.47
C CYS A 74 6.34 6.57 -0.86
N GLN A 75 5.74 7.68 -1.25
CA GLN A 75 4.99 7.75 -2.52
C GLN A 75 5.89 7.41 -3.69
N SER A 76 7.09 8.01 -3.71
CA SER A 76 8.04 7.78 -4.79
C SER A 76 8.34 6.30 -4.95
N ILE A 77 8.63 5.64 -3.83
CA ILE A 77 8.94 4.22 -3.84
C ILE A 77 7.79 3.40 -4.45
N ILE A 78 6.57 3.86 -4.20
CA ILE A 78 5.39 3.18 -4.73
C ILE A 78 5.14 3.58 -6.19
N LYS A 79 5.62 4.75 -6.57
CA LYS A 79 5.45 5.24 -7.94
C LYS A 79 6.49 4.62 -8.86
N GLY A 80 7.51 3.99 -8.27
CA GLY A 80 8.55 3.37 -9.06
C GLY A 80 8.26 1.91 -9.38
N LEU A 81 7.03 1.49 -9.12
CA LEU A 81 6.62 0.12 -9.37
C LEU A 81 5.88 0.01 -10.71
N LYS A 82 5.72 1.14 -11.39
CA LYS A 82 5.03 1.17 -12.67
C LYS A 82 5.65 0.18 -13.65
N ASN A 83 6.98 0.12 -13.66
CA ASN A 83 7.70 -0.78 -14.53
C ASN A 83 7.79 -2.19 -13.94
N GLN A 84 7.23 -2.35 -12.74
CA GLN A 84 7.24 -3.63 -12.05
C GLN A 84 5.87 -4.28 -12.08
N SER A 85 5.69 -5.27 -12.95
CA SER A 85 4.42 -5.97 -13.08
C SER A 85 3.97 -6.53 -11.74
N ARG A 86 4.78 -7.43 -11.18
CA ARG A 86 4.46 -8.05 -9.90
C ARG A 86 5.29 -7.44 -8.77
N VAL A 87 4.63 -6.69 -7.88
CA VAL A 87 5.31 -6.05 -6.78
C VAL A 87 4.84 -6.62 -5.43
N LYS A 88 5.78 -6.84 -4.53
CA LYS A 88 5.46 -7.38 -3.21
C LYS A 88 5.46 -6.28 -2.16
N LEU A 89 4.39 -6.20 -1.39
CA LEU A 89 4.26 -5.19 -0.33
C LEU A 89 3.57 -5.77 0.90
N ASN A 90 4.04 -5.37 2.07
CA ASN A 90 3.46 -5.84 3.32
C ASN A 90 2.40 -4.87 3.83
N ILE A 91 1.17 -5.37 3.96
CA ILE A 91 0.06 -4.55 4.44
C ILE A 91 -0.36 -4.97 5.85
N VAL A 92 -0.82 -3.99 6.63
CA VAL A 92 -1.26 -4.26 8.00
C VAL A 92 -2.44 -3.36 8.37
N SER A 93 -3.62 -3.96 8.48
CA SER A 93 -4.83 -3.21 8.84
C SER A 93 -4.50 -2.12 9.85
N GLY A 94 -4.68 -0.87 9.43
CA GLY A 94 -4.41 0.25 10.32
C GLY A 94 -5.31 0.25 11.54
N PRO A 95 -5.41 1.42 12.20
CA PRO A 95 -6.24 1.59 13.39
C PRO A 95 -7.73 1.52 13.08
N SER A 96 -8.41 0.54 13.67
CA SER A 96 -9.84 0.36 13.45
C SER A 96 -10.61 0.52 14.75
N SER A 97 -11.90 0.78 14.63
CA SER A 97 -12.76 0.97 15.81
C SER A 97 -14.00 0.09 15.71
N GLY A 98 -14.54 -0.28 16.87
CA GLY A 98 -15.74 -1.12 16.90
C GLY A 98 -16.88 -0.51 16.12
N GLY A 1 -18.12 -3.73 9.92
CA GLY A 1 -17.70 -4.82 9.07
C GLY A 1 -16.29 -4.66 8.57
N SER A 2 -15.39 -5.53 9.02
CA SER A 2 -14.00 -5.48 8.61
C SER A 2 -13.76 -6.32 7.35
N SER A 3 -12.65 -6.06 6.68
CA SER A 3 -12.30 -6.79 5.46
C SER A 3 -10.81 -6.74 5.20
N GLY A 4 -10.28 -7.80 4.60
CA GLY A 4 -8.86 -7.86 4.30
C GLY A 4 -8.05 -8.37 5.47
N SER A 5 -6.89 -8.95 5.18
CA SER A 5 -6.02 -9.49 6.22
C SER A 5 -4.73 -8.68 6.32
N SER A 6 -3.89 -9.04 7.28
CA SER A 6 -2.62 -8.35 7.49
C SER A 6 -1.44 -9.28 7.24
N GLY A 7 -0.64 -8.96 6.24
CA GLY A 7 0.52 -9.78 5.92
C GLY A 7 1.13 -9.44 4.58
N ASP A 8 1.94 -10.34 4.05
CA ASP A 8 2.59 -10.13 2.76
C ASP A 8 1.56 -10.07 1.64
N VAL A 9 1.64 -9.04 0.82
CA VAL A 9 0.71 -8.87 -0.30
C VAL A 9 1.45 -8.82 -1.63
N PHE A 10 0.78 -9.22 -2.70
CA PHE A 10 1.37 -9.22 -4.03
C PHE A 10 0.42 -8.62 -5.05
N ILE A 11 0.76 -7.43 -5.54
CA ILE A 11 -0.07 -6.75 -6.53
C ILE A 11 0.38 -7.07 -7.94
N GLU A 12 -0.46 -7.82 -8.67
CA GLU A 12 -0.15 -8.20 -10.04
C GLU A 12 -0.79 -7.23 -11.03
N LYS A 13 0.05 -6.44 -11.70
CA LYS A 13 -0.43 -5.46 -12.67
C LYS A 13 0.37 -5.56 -13.97
N GLN A 14 0.09 -4.65 -14.90
CA GLN A 14 0.78 -4.63 -16.18
C GLN A 14 1.82 -3.51 -16.21
N LYS A 15 3.03 -3.85 -16.65
CA LYS A 15 4.12 -2.88 -16.73
C LYS A 15 3.67 -1.63 -17.50
N GLY A 16 4.28 -0.49 -17.17
CA GLY A 16 3.93 0.74 -17.83
C GLY A 16 2.79 1.48 -17.15
N GLU A 17 1.98 0.74 -16.40
CA GLU A 17 0.85 1.33 -15.68
C GLU A 17 1.22 1.62 -14.23
N ILE A 18 0.46 2.50 -13.60
CA ILE A 18 0.70 2.87 -12.21
C ILE A 18 -0.06 1.94 -11.25
N LEU A 19 0.26 2.03 -9.98
CA LEU A 19 -0.39 1.20 -8.96
C LEU A 19 -1.84 1.64 -8.76
N GLY A 20 -2.25 2.66 -9.50
CA GLY A 20 -3.62 3.16 -9.39
C GLY A 20 -4.11 3.15 -7.95
N VAL A 21 -3.32 3.72 -7.05
CA VAL A 21 -3.68 3.79 -5.64
C VAL A 21 -3.05 5.00 -4.96
N VAL A 22 -3.81 5.63 -4.07
CA VAL A 22 -3.33 6.80 -3.35
C VAL A 22 -2.98 6.45 -1.91
N ILE A 23 -1.91 7.05 -1.40
CA ILE A 23 -1.47 6.81 -0.04
C ILE A 23 -1.31 8.12 0.73
N VAL A 24 -1.42 8.03 2.06
CA VAL A 24 -1.29 9.22 2.91
C VAL A 24 -0.54 8.87 4.20
N GLU A 25 -0.38 9.87 5.06
CA GLU A 25 0.30 9.68 6.33
C GLU A 25 -0.51 8.78 7.25
N SER A 26 0.14 7.74 7.78
CA SER A 26 -0.51 6.79 8.67
C SER A 26 -0.38 7.24 10.13
N GLY A 27 -0.13 8.53 10.33
CA GLY A 27 0.01 9.05 11.67
C GLY A 27 -1.33 9.37 12.32
N TRP A 28 -2.10 8.32 12.60
CA TRP A 28 -3.41 8.48 13.21
C TRP A 28 -3.49 7.72 14.54
N GLY A 29 -3.60 6.40 14.46
CA GLY A 29 -3.68 5.58 15.65
C GLY A 29 -2.70 4.42 15.63
N SER A 30 -2.30 4.02 14.43
CA SER A 30 -1.36 2.91 14.27
C SER A 30 -0.08 3.16 15.05
N ILE A 31 0.75 2.14 15.17
CA ILE A 31 2.01 2.24 15.88
C ILE A 31 3.12 2.75 14.97
N LEU A 32 3.24 2.14 13.79
CA LEU A 32 4.26 2.53 12.82
C LEU A 32 3.67 3.40 11.72
N PRO A 33 3.81 4.73 11.85
CA PRO A 33 3.30 5.69 10.88
C PRO A 33 4.05 5.64 9.56
N THR A 34 3.62 4.75 8.67
CA THR A 34 4.26 4.61 7.36
C THR A 34 3.42 5.25 6.26
N VAL A 35 2.34 4.58 5.88
CA VAL A 35 1.46 5.08 4.84
C VAL A 35 0.24 4.17 4.67
N ILE A 36 -0.92 4.79 4.44
CA ILE A 36 -2.15 4.03 4.27
C ILE A 36 -2.87 4.47 2.99
N ILE A 37 -3.65 3.55 2.42
CA ILE A 37 -4.40 3.84 1.20
C ILE A 37 -5.51 4.85 1.47
N ALA A 38 -5.45 5.98 0.77
CA ALA A 38 -6.45 7.02 0.93
C ALA A 38 -7.55 6.90 -0.12
N ASN A 39 -7.21 6.31 -1.27
CA ASN A 39 -8.17 6.12 -2.35
C ASN A 39 -7.65 5.12 -3.37
N MET A 40 -8.57 4.47 -4.08
CA MET A 40 -8.21 3.48 -5.08
C MET A 40 -8.71 3.89 -6.46
N MET A 41 -7.90 3.64 -7.48
CA MET A 41 -8.29 3.99 -8.85
C MET A 41 -9.41 3.09 -9.35
N HIS A 42 -10.46 3.72 -9.86
CA HIS A 42 -11.61 2.97 -10.37
C HIS A 42 -11.23 2.18 -11.62
N GLY A 43 -10.51 1.09 -11.43
CA GLY A 43 -10.09 0.26 -12.54
C GLY A 43 -8.59 0.03 -12.57
N GLY A 44 -7.93 0.27 -11.43
CA GLY A 44 -6.50 0.09 -11.36
C GLY A 44 -6.12 -1.29 -10.82
N PRO A 45 -4.81 -1.52 -10.65
CA PRO A 45 -4.29 -2.79 -10.15
C PRO A 45 -4.61 -3.01 -8.67
N ALA A 46 -4.49 -1.96 -7.89
CA ALA A 46 -4.78 -2.03 -6.46
C ALA A 46 -6.26 -2.31 -6.21
N GLU A 47 -7.12 -1.63 -6.95
CA GLU A 47 -8.56 -1.81 -6.82
C GLU A 47 -8.98 -3.22 -7.25
N LYS A 48 -8.31 -3.74 -8.26
CA LYS A 48 -8.60 -5.08 -8.76
C LYS A 48 -7.91 -6.15 -7.92
N SER A 49 -6.76 -5.80 -7.37
CA SER A 49 -6.00 -6.73 -6.54
C SER A 49 -6.80 -7.16 -5.32
N GLY A 50 -7.54 -6.21 -4.75
CA GLY A 50 -8.34 -6.52 -3.57
C GLY A 50 -7.52 -7.01 -2.41
N LYS A 51 -6.20 -6.84 -2.51
CA LYS A 51 -5.29 -7.26 -1.46
C LYS A 51 -5.29 -6.28 -0.30
N LEU A 52 -5.57 -5.01 -0.60
CA LEU A 52 -5.61 -3.97 0.42
C LEU A 52 -7.01 -3.37 0.54
N ASN A 53 -7.16 -2.42 1.46
CA ASN A 53 -8.45 -1.77 1.68
C ASN A 53 -8.26 -0.36 2.21
N ILE A 54 -9.15 0.55 1.83
CA ILE A 54 -9.08 1.93 2.28
C ILE A 54 -8.87 2.01 3.79
N GLY A 55 -7.65 2.37 4.19
CA GLY A 55 -7.33 2.47 5.60
C GLY A 55 -6.13 1.65 6.00
N ASP A 56 -5.89 0.57 5.24
CA ASP A 56 -4.76 -0.31 5.52
C ASP A 56 -3.44 0.43 5.33
N GLN A 57 -2.45 0.09 6.15
CA GLN A 57 -1.13 0.72 6.07
C GLN A 57 -0.10 -0.26 5.55
N ILE A 58 0.91 0.26 4.85
CA ILE A 58 1.97 -0.57 4.30
C ILE A 58 3.21 -0.53 5.19
N MET A 59 3.58 -1.70 5.73
CA MET A 59 4.75 -1.80 6.60
C MET A 59 6.03 -1.59 5.80
N SER A 60 6.08 -2.18 4.60
CA SER A 60 7.25 -2.06 3.75
C SER A 60 6.89 -2.31 2.29
N ILE A 61 7.85 -2.07 1.40
CA ILE A 61 7.62 -2.27 -0.03
C ILE A 61 8.75 -3.09 -0.66
N ASN A 62 8.45 -4.33 -1.01
CA ASN A 62 9.43 -5.22 -1.61
C ASN A 62 10.66 -5.37 -0.70
N GLY A 63 10.45 -5.19 0.59
CA GLY A 63 11.55 -5.30 1.53
C GLY A 63 12.12 -3.96 1.93
N THR A 64 11.39 -2.89 1.60
CA THR A 64 11.84 -1.54 1.92
C THR A 64 10.99 -0.94 3.04
N SER A 65 11.62 -0.74 4.19
CA SER A 65 10.93 -0.17 5.35
C SER A 65 10.58 1.31 5.11
N LEU A 66 9.31 1.64 5.30
CA LEU A 66 8.84 3.01 5.11
C LEU A 66 8.77 3.75 6.43
N VAL A 67 8.74 3.00 7.52
CA VAL A 67 8.67 3.59 8.86
C VAL A 67 9.62 4.76 9.00
N GLY A 68 9.08 5.93 9.30
CA GLY A 68 9.90 7.12 9.46
C GLY A 68 9.93 7.98 8.21
N LEU A 69 9.87 7.32 7.05
CA LEU A 69 9.89 8.03 5.78
C LEU A 69 8.65 8.89 5.62
N PRO A 70 8.83 10.09 5.03
CA PRO A 70 7.74 11.03 4.80
C PRO A 70 6.77 10.56 3.72
N LEU A 71 5.53 11.02 3.81
CA LEU A 71 4.51 10.64 2.84
C LEU A 71 4.97 10.91 1.41
N SER A 72 5.69 12.02 1.23
CA SER A 72 6.20 12.39 -0.08
C SER A 72 7.20 11.36 -0.59
N THR A 73 8.10 10.92 0.30
CA THR A 73 9.11 9.94 -0.06
C THR A 73 8.48 8.58 -0.33
N CYS A 74 7.75 8.07 0.65
CA CYS A 74 7.10 6.77 0.51
C CYS A 74 6.40 6.64 -0.84
N GLN A 75 5.78 7.73 -1.29
CA GLN A 75 5.08 7.74 -2.56
C GLN A 75 6.04 7.42 -3.71
N SER A 76 7.15 8.14 -3.75
CA SER A 76 8.15 7.94 -4.80
C SER A 76 8.51 6.46 -4.93
N ILE A 77 8.75 5.81 -3.81
CA ILE A 77 9.09 4.40 -3.80
C ILE A 77 8.02 3.56 -4.49
N ILE A 78 6.78 4.06 -4.45
CA ILE A 78 5.67 3.36 -5.07
C ILE A 78 5.56 3.68 -6.55
N LYS A 79 6.15 4.81 -6.94
CA LYS A 79 6.13 5.24 -8.34
C LYS A 79 7.06 4.37 -9.19
N GLY A 80 8.10 3.83 -8.55
CA GLY A 80 9.05 2.99 -9.26
C GLY A 80 8.57 1.55 -9.38
N LEU A 81 7.26 1.36 -9.34
CA LEU A 81 6.68 0.03 -9.44
C LEU A 81 5.88 -0.12 -10.73
N LYS A 82 5.86 0.95 -11.53
CA LYS A 82 5.14 0.94 -12.80
C LYS A 82 5.79 -0.04 -13.78
N ASN A 83 7.09 -0.24 -13.64
CA ASN A 83 7.82 -1.16 -14.51
C ASN A 83 7.90 -2.55 -13.89
N GLN A 84 7.25 -2.73 -12.76
CA GLN A 84 7.25 -4.02 -12.06
C GLN A 84 5.84 -4.60 -12.02
N SER A 85 5.56 -5.53 -12.93
CA SER A 85 4.26 -6.17 -13.00
C SER A 85 3.85 -6.74 -11.64
N ARG A 86 4.75 -7.54 -11.06
CA ARG A 86 4.49 -8.15 -9.76
C ARG A 86 5.33 -7.48 -8.67
N VAL A 87 4.65 -6.92 -7.67
CA VAL A 87 5.33 -6.25 -6.58
C VAL A 87 4.84 -6.77 -5.23
N LYS A 88 5.78 -7.02 -4.32
CA LYS A 88 5.43 -7.52 -2.99
C LYS A 88 5.43 -6.40 -1.97
N LEU A 89 4.34 -6.28 -1.21
CA LEU A 89 4.21 -5.24 -0.20
C LEU A 89 3.55 -5.79 1.06
N ASN A 90 4.03 -5.34 2.22
CA ASN A 90 3.48 -5.79 3.49
C ASN A 90 2.40 -4.83 3.98
N ILE A 91 1.19 -5.36 4.12
CA ILE A 91 0.06 -4.55 4.58
C ILE A 91 -0.33 -4.91 6.01
N VAL A 92 -0.80 -3.92 6.76
CA VAL A 92 -1.20 -4.12 8.14
C VAL A 92 -2.39 -3.24 8.50
N SER A 93 -3.55 -3.87 8.70
CA SER A 93 -4.77 -3.15 9.05
C SER A 93 -4.45 -1.94 9.92
N GLY A 94 -4.70 -0.75 9.40
CA GLY A 94 -4.44 0.46 10.15
C GLY A 94 -5.17 0.50 11.47
N PRO A 95 -5.31 1.71 12.04
CA PRO A 95 -5.99 1.91 13.32
C PRO A 95 -7.49 1.66 13.23
N SER A 96 -7.96 1.36 12.02
CA SER A 96 -9.38 1.11 11.79
C SER A 96 -9.94 0.15 12.82
N SER A 97 -11.22 0.31 13.15
CA SER A 97 -11.88 -0.54 14.13
C SER A 97 -12.65 -1.66 13.45
N GLY A 98 -12.63 -2.84 14.06
CA GLY A 98 -13.33 -3.99 13.50
C GLY A 98 -14.76 -4.08 13.99
N GLY A 1 0.10 -15.15 10.84
CA GLY A 1 -1.18 -14.91 10.21
C GLY A 1 -1.57 -16.02 9.26
N SER A 2 -2.77 -16.56 9.45
CA SER A 2 -3.26 -17.65 8.60
C SER A 2 -4.22 -17.12 7.55
N SER A 3 -3.72 -16.91 6.34
CA SER A 3 -4.53 -16.41 5.24
C SER A 3 -5.37 -15.21 5.69
N GLY A 4 -4.75 -14.31 6.43
CA GLY A 4 -5.45 -13.13 6.91
C GLY A 4 -5.29 -11.94 5.99
N SER A 5 -5.57 -10.76 6.51
CA SER A 5 -5.46 -9.53 5.73
C SER A 5 -4.12 -8.84 5.96
N SER A 6 -3.80 -8.61 7.24
CA SER A 6 -2.55 -7.97 7.61
C SER A 6 -1.36 -8.90 7.39
N GLY A 7 -0.70 -8.77 6.25
CA GLY A 7 0.43 -9.62 5.94
C GLY A 7 1.07 -9.27 4.61
N ASP A 8 1.62 -10.28 3.94
CA ASP A 8 2.27 -10.08 2.65
C ASP A 8 1.22 -9.93 1.54
N VAL A 9 1.44 -8.95 0.66
CA VAL A 9 0.52 -8.69 -0.45
C VAL A 9 1.26 -8.67 -1.77
N PHE A 10 0.59 -9.13 -2.83
CA PHE A 10 1.19 -9.16 -4.15
C PHE A 10 0.26 -8.50 -5.18
N ILE A 11 0.66 -7.33 -5.66
CA ILE A 11 -0.14 -6.61 -6.65
C ILE A 11 0.31 -6.94 -8.07
N GLU A 12 -0.47 -7.77 -8.76
CA GLU A 12 -0.15 -8.16 -10.12
C GLU A 12 -0.70 -7.15 -11.12
N LYS A 13 0.19 -6.39 -11.75
CA LYS A 13 -0.20 -5.38 -12.73
C LYS A 13 0.69 -5.45 -13.96
N GLN A 14 0.47 -4.53 -14.89
CA GLN A 14 1.26 -4.49 -16.13
C GLN A 14 2.29 -3.37 -16.07
N LYS A 15 3.41 -3.57 -16.77
CA LYS A 15 4.48 -2.57 -16.80
C LYS A 15 4.03 -1.31 -17.55
N GLY A 16 4.53 -0.16 -17.11
CA GLY A 16 4.17 1.09 -17.74
C GLY A 16 2.99 1.76 -17.09
N GLU A 17 2.20 0.98 -16.34
CA GLU A 17 1.03 1.50 -15.66
C GLU A 17 1.33 1.75 -14.17
N ILE A 18 0.54 2.62 -13.56
CA ILE A 18 0.72 2.95 -12.15
C ILE A 18 -0.05 1.98 -11.27
N LEU A 19 0.23 2.02 -9.97
CA LEU A 19 -0.43 1.14 -9.01
C LEU A 19 -1.89 1.58 -8.79
N GLY A 20 -2.30 2.62 -9.51
CA GLY A 20 -3.66 3.12 -9.38
C GLY A 20 -4.14 3.12 -7.94
N VAL A 21 -3.30 3.61 -7.03
CA VAL A 21 -3.64 3.66 -5.62
C VAL A 21 -3.04 4.90 -4.95
N VAL A 22 -3.82 5.55 -4.11
CA VAL A 22 -3.35 6.74 -3.40
C VAL A 22 -3.00 6.43 -1.95
N ILE A 23 -1.95 7.06 -1.45
CA ILE A 23 -1.51 6.84 -0.07
C ILE A 23 -1.37 8.16 0.67
N VAL A 24 -1.37 8.09 2.00
CA VAL A 24 -1.23 9.28 2.83
C VAL A 24 -0.49 8.97 4.12
N GLU A 25 -0.40 9.96 5.00
CA GLU A 25 0.29 9.79 6.27
C GLU A 25 -0.57 9.01 7.26
N SER A 26 -0.01 7.95 7.81
CA SER A 26 -0.73 7.11 8.77
C SER A 26 -0.66 7.70 10.17
N GLY A 27 -0.72 9.03 10.25
CA GLY A 27 -0.65 9.70 11.53
C GLY A 27 -2.00 9.77 12.22
N TRP A 28 -2.79 8.71 12.08
CA TRP A 28 -4.12 8.67 12.69
C TRP A 28 -4.16 7.66 13.83
N GLY A 29 -3.43 7.95 14.90
CA GLY A 29 -3.39 7.06 16.04
C GLY A 29 -2.92 5.67 15.68
N SER A 30 -1.65 5.55 15.30
CA SER A 30 -1.08 4.27 14.91
C SER A 30 0.30 4.08 15.54
N ILE A 31 0.79 2.84 15.53
CA ILE A 31 2.10 2.53 16.09
C ILE A 31 3.22 2.90 15.12
N LEU A 32 3.16 2.32 13.92
CA LEU A 32 4.17 2.58 12.90
C LEU A 32 3.60 3.47 11.80
N PRO A 33 3.82 4.79 11.93
CA PRO A 33 3.35 5.78 10.95
C PRO A 33 4.09 5.68 9.63
N THR A 34 3.63 4.81 8.74
CA THR A 34 4.25 4.63 7.44
C THR A 34 3.41 5.25 6.33
N VAL A 35 2.32 4.58 5.96
CA VAL A 35 1.43 5.07 4.92
C VAL A 35 0.22 4.16 4.76
N ILE A 36 -0.94 4.77 4.50
CA ILE A 36 -2.18 4.02 4.32
C ILE A 36 -2.90 4.45 3.06
N ILE A 37 -3.67 3.52 2.49
CA ILE A 37 -4.42 3.81 1.27
C ILE A 37 -5.49 4.87 1.52
N ALA A 38 -5.43 5.95 0.76
CA ALA A 38 -6.40 7.04 0.90
C ALA A 38 -7.54 6.89 -0.11
N ASN A 39 -7.26 6.19 -1.21
CA ASN A 39 -8.27 5.97 -2.24
C ASN A 39 -7.77 4.98 -3.28
N MET A 40 -8.70 4.35 -3.99
CA MET A 40 -8.35 3.38 -5.02
C MET A 40 -8.99 3.75 -6.36
N MET A 41 -8.22 3.63 -7.43
CA MET A 41 -8.72 3.95 -8.77
C MET A 41 -9.91 3.07 -9.13
N HIS A 42 -10.72 3.54 -10.07
CA HIS A 42 -11.90 2.78 -10.51
C HIS A 42 -11.54 1.85 -11.67
N GLY A 43 -10.34 1.28 -11.61
CA GLY A 43 -9.90 0.37 -12.66
C GLY A 43 -8.40 0.17 -12.66
N GLY A 44 -7.80 0.20 -11.47
CA GLY A 44 -6.37 0.02 -11.36
C GLY A 44 -5.99 -1.36 -10.83
N PRO A 45 -4.68 -1.61 -10.69
CA PRO A 45 -4.18 -2.89 -10.20
C PRO A 45 -4.47 -3.10 -8.72
N ALA A 46 -4.50 -2.00 -7.96
CA ALA A 46 -4.78 -2.07 -6.53
C ALA A 46 -6.26 -2.34 -6.27
N GLU A 47 -7.12 -1.60 -6.97
CA GLU A 47 -8.56 -1.74 -6.81
C GLU A 47 -9.01 -3.15 -7.21
N LYS A 48 -8.35 -3.70 -8.22
CA LYS A 48 -8.69 -5.04 -8.70
C LYS A 48 -8.01 -6.11 -7.84
N SER A 49 -6.77 -5.85 -7.44
CA SER A 49 -6.01 -6.79 -6.63
C SER A 49 -6.83 -7.22 -5.41
N GLY A 50 -7.46 -6.25 -4.75
CA GLY A 50 -8.27 -6.54 -3.59
C GLY A 50 -7.43 -7.04 -2.42
N LYS A 51 -6.12 -6.89 -2.53
CA LYS A 51 -5.21 -7.32 -1.48
C LYS A 51 -5.19 -6.32 -0.32
N LEU A 52 -5.60 -5.09 -0.60
CA LEU A 52 -5.63 -4.05 0.41
C LEU A 52 -7.01 -3.41 0.49
N ASN A 53 -7.16 -2.42 1.37
CA ASN A 53 -8.43 -1.74 1.56
C ASN A 53 -8.22 -0.33 2.11
N ILE A 54 -9.20 0.54 1.91
CA ILE A 54 -9.12 1.91 2.38
C ILE A 54 -8.90 1.96 3.90
N GLY A 55 -7.69 2.32 4.29
CA GLY A 55 -7.37 2.39 5.72
C GLY A 55 -6.16 1.55 6.08
N ASP A 56 -5.91 0.51 5.30
CA ASP A 56 -4.77 -0.37 5.55
C ASP A 56 -3.46 0.37 5.35
N GLN A 57 -2.45 0.01 6.14
CA GLN A 57 -1.14 0.64 6.06
C GLN A 57 -0.09 -0.34 5.52
N ILE A 58 0.93 0.20 4.86
CA ILE A 58 2.00 -0.62 4.30
C ILE A 58 3.22 -0.63 5.22
N MET A 59 3.58 -1.83 5.70
CA MET A 59 4.73 -1.98 6.57
C MET A 59 6.04 -1.77 5.81
N SER A 60 6.11 -2.37 4.62
CA SER A 60 7.30 -2.25 3.79
C SER A 60 6.96 -2.45 2.32
N ILE A 61 7.96 -2.27 1.46
CA ILE A 61 7.76 -2.42 0.01
C ILE A 61 8.87 -3.28 -0.60
N ASN A 62 8.53 -4.51 -0.95
CA ASN A 62 9.49 -5.43 -1.55
C ASN A 62 10.68 -5.65 -0.62
N GLY A 63 10.44 -5.51 0.68
CA GLY A 63 11.50 -5.70 1.65
C GLY A 63 12.12 -4.39 2.11
N THR A 64 11.46 -3.29 1.77
CA THR A 64 11.95 -1.97 2.15
C THR A 64 10.99 -1.27 3.12
N SER A 65 11.39 -1.20 4.39
CA SER A 65 10.57 -0.57 5.41
C SER A 65 10.33 0.90 5.08
N LEU A 66 9.10 1.36 5.31
CA LEU A 66 8.75 2.75 5.05
C LEU A 66 8.69 3.55 6.34
N VAL A 67 8.41 2.88 7.45
CA VAL A 67 8.33 3.53 8.75
C VAL A 67 9.39 4.62 8.88
N GLY A 68 8.93 5.84 9.15
CA GLY A 68 9.85 6.96 9.29
C GLY A 68 9.93 7.80 8.04
N LEU A 69 9.93 7.16 6.88
CA LEU A 69 10.01 7.86 5.61
C LEU A 69 8.80 8.76 5.42
N PRO A 70 9.04 9.94 4.82
CA PRO A 70 7.98 10.93 4.56
C PRO A 70 7.01 10.46 3.47
N LEU A 71 5.82 11.06 3.45
CA LEU A 71 4.82 10.71 2.46
C LEU A 71 5.34 10.89 1.04
N SER A 72 6.12 11.96 0.84
CA SER A 72 6.68 12.25 -0.47
C SER A 72 7.66 11.15 -0.89
N THR A 73 8.45 10.68 0.07
CA THR A 73 9.43 9.63 -0.21
C THR A 73 8.73 8.30 -0.49
N CYS A 74 7.96 7.82 0.47
CA CYS A 74 7.25 6.55 0.32
C CYS A 74 6.46 6.53 -0.98
N GLN A 75 5.81 7.65 -1.29
CA GLN A 75 5.01 7.75 -2.51
C GLN A 75 5.84 7.38 -3.75
N SER A 76 7.11 7.78 -3.74
CA SER A 76 8.01 7.49 -4.86
C SER A 76 8.32 6.00 -4.93
N ILE A 77 8.60 5.41 -3.78
CA ILE A 77 8.92 3.98 -3.71
C ILE A 77 7.74 3.14 -4.18
N ILE A 78 6.57 3.76 -4.26
CA ILE A 78 5.37 3.05 -4.71
C ILE A 78 5.07 3.36 -6.17
N LYS A 79 5.51 4.53 -6.62
CA LYS A 79 5.30 4.94 -8.01
C LYS A 79 6.30 4.26 -8.94
N GLY A 80 7.51 4.02 -8.43
CA GLY A 80 8.55 3.39 -9.23
C GLY A 80 8.21 1.95 -9.57
N LEU A 81 7.07 1.48 -9.07
CA LEU A 81 6.64 0.11 -9.33
C LEU A 81 5.95 0.00 -10.69
N LYS A 82 5.84 1.12 -11.39
CA LYS A 82 5.21 1.15 -12.70
C LYS A 82 5.90 0.20 -13.67
N ASN A 83 7.23 0.16 -13.60
CA ASN A 83 8.02 -0.71 -14.46
C ASN A 83 8.07 -2.12 -13.91
N GLN A 84 7.38 -2.35 -12.80
CA GLN A 84 7.36 -3.66 -12.16
C GLN A 84 5.95 -4.26 -12.20
N SER A 85 5.81 -5.36 -12.93
CA SER A 85 4.53 -6.04 -13.05
C SER A 85 4.08 -6.62 -11.70
N ARG A 86 4.92 -7.48 -11.14
CA ARG A 86 4.61 -8.10 -9.86
C ARG A 86 5.43 -7.47 -8.73
N VAL A 87 4.74 -6.81 -7.81
CA VAL A 87 5.40 -6.17 -6.68
C VAL A 87 4.88 -6.70 -5.36
N LYS A 88 5.79 -7.00 -4.44
CA LYS A 88 5.42 -7.52 -3.13
C LYS A 88 5.43 -6.41 -2.08
N LEU A 89 4.33 -6.29 -1.35
CA LEU A 89 4.20 -5.27 -0.31
C LEU A 89 3.52 -5.83 0.93
N ASN A 90 3.99 -5.41 2.10
CA ASN A 90 3.42 -5.87 3.36
C ASN A 90 2.34 -4.91 3.86
N ILE A 91 1.13 -5.41 4.00
CA ILE A 91 0.01 -4.60 4.46
C ILE A 91 -0.38 -4.97 5.89
N VAL A 92 -0.87 -3.98 6.64
CA VAL A 92 -1.29 -4.21 8.01
C VAL A 92 -2.48 -3.34 8.37
N SER A 93 -3.64 -3.96 8.49
CA SER A 93 -4.87 -3.24 8.82
C SER A 93 -4.60 -2.17 9.87
N GLY A 94 -4.68 -0.91 9.45
CA GLY A 94 -4.43 0.20 10.36
C GLY A 94 -4.94 -0.09 11.76
N PRO A 95 -4.22 0.41 12.77
CA PRO A 95 -4.59 0.22 14.17
C PRO A 95 -5.84 1.01 14.56
N SER A 96 -6.80 0.32 15.17
CA SER A 96 -8.04 0.95 15.58
C SER A 96 -8.32 0.69 17.06
N SER A 97 -8.28 -0.58 17.44
CA SER A 97 -8.53 -0.98 18.82
C SER A 97 -7.23 -1.10 19.59
N GLY A 98 -6.94 -0.10 20.43
CA GLY A 98 -5.73 -0.12 21.22
C GLY A 98 -5.70 -1.26 22.21
N GLY A 1 -2.58 -21.01 8.97
CA GLY A 1 -2.82 -21.82 7.80
C GLY A 1 -2.95 -21.01 6.54
N SER A 2 -4.04 -20.25 6.45
CA SER A 2 -4.29 -19.42 5.27
C SER A 2 -3.53 -18.10 5.37
N SER A 3 -3.45 -17.38 4.25
CA SER A 3 -2.74 -16.11 4.20
C SER A 3 -3.47 -15.12 3.30
N GLY A 4 -3.72 -13.93 3.83
CA GLY A 4 -4.41 -12.91 3.06
C GLY A 4 -4.10 -11.51 3.55
N SER A 5 -5.09 -10.86 4.16
CA SER A 5 -4.92 -9.51 4.68
C SER A 5 -4.00 -9.50 5.90
N SER A 6 -3.48 -8.32 6.23
CA SER A 6 -2.58 -8.18 7.37
C SER A 6 -1.32 -9.02 7.17
N GLY A 7 -0.85 -9.09 5.93
CA GLY A 7 0.34 -9.87 5.64
C GLY A 7 0.93 -9.54 4.28
N ASP A 8 1.86 -10.38 3.82
CA ASP A 8 2.50 -10.17 2.53
C ASP A 8 1.46 -10.07 1.42
N VAL A 9 1.58 -9.04 0.60
CA VAL A 9 0.65 -8.82 -0.51
C VAL A 9 1.38 -8.75 -1.84
N PHE A 10 0.74 -9.24 -2.89
CA PHE A 10 1.33 -9.23 -4.23
C PHE A 10 0.37 -8.62 -5.24
N ILE A 11 0.72 -7.44 -5.73
CA ILE A 11 -0.12 -6.74 -6.71
C ILE A 11 0.30 -7.10 -8.13
N GLU A 12 -0.55 -7.85 -8.83
CA GLU A 12 -0.26 -8.25 -10.20
C GLU A 12 -0.79 -7.21 -11.19
N LYS A 13 0.13 -6.50 -11.83
CA LYS A 13 -0.24 -5.48 -12.80
C LYS A 13 0.66 -5.57 -14.04
N GLN A 14 0.48 -4.62 -14.96
CA GLN A 14 1.26 -4.60 -16.19
C GLN A 14 2.29 -3.47 -16.15
N LYS A 15 3.44 -3.71 -16.76
CA LYS A 15 4.52 -2.72 -16.79
C LYS A 15 4.11 -1.51 -17.62
N GLY A 16 4.61 -0.34 -17.22
CA GLY A 16 4.28 0.88 -17.94
C GLY A 16 3.19 1.69 -17.25
N GLU A 17 2.32 0.99 -16.53
CA GLU A 17 1.23 1.65 -15.82
C GLU A 17 1.54 1.79 -14.34
N ILE A 18 0.79 2.64 -13.65
CA ILE A 18 0.99 2.86 -12.23
C ILE A 18 0.17 1.89 -11.39
N LEU A 19 0.41 1.87 -10.09
CA LEU A 19 -0.31 0.99 -9.18
C LEU A 19 -1.75 1.45 -9.00
N GLY A 20 -2.11 2.53 -9.69
CA GLY A 20 -3.46 3.05 -9.59
C GLY A 20 -4.00 3.01 -8.17
N VAL A 21 -3.27 3.62 -7.24
CA VAL A 21 -3.68 3.65 -5.85
C VAL A 21 -3.17 4.90 -5.14
N VAL A 22 -3.95 5.39 -4.19
CA VAL A 22 -3.57 6.59 -3.44
C VAL A 22 -3.24 6.24 -1.99
N ILE A 23 -2.24 6.93 -1.44
CA ILE A 23 -1.83 6.70 -0.06
C ILE A 23 -1.71 8.01 0.71
N VAL A 24 -1.83 7.94 2.03
CA VAL A 24 -1.73 9.11 2.88
C VAL A 24 -1.06 8.78 4.21
N GLU A 25 -0.95 9.78 5.07
CA GLU A 25 -0.33 9.59 6.38
C GLU A 25 -1.02 8.47 7.14
N SER A 26 -0.22 7.60 7.76
CA SER A 26 -0.74 6.48 8.53
C SER A 26 -1.01 6.88 9.97
N GLY A 27 -1.34 8.16 10.18
CA GLY A 27 -1.61 8.64 11.51
C GLY A 27 -0.39 8.59 12.41
N TRP A 28 0.18 9.75 12.70
CA TRP A 28 1.37 9.84 13.54
C TRP A 28 1.06 9.34 14.96
N GLY A 29 -0.22 9.08 15.22
CA GLY A 29 -0.61 8.61 16.53
C GLY A 29 -0.59 7.09 16.64
N SER A 30 -0.80 6.42 15.51
CA SER A 30 -0.80 4.96 15.48
C SER A 30 0.55 4.40 15.93
N ILE A 31 0.69 3.09 15.85
CA ILE A 31 1.93 2.43 16.25
C ILE A 31 3.04 2.71 15.24
N LEU A 32 2.82 2.31 13.99
CA LEU A 32 3.80 2.52 12.94
C LEU A 32 3.25 3.44 11.84
N PRO A 33 3.47 4.75 12.01
CA PRO A 33 3.00 5.75 11.05
C PRO A 33 3.76 5.69 9.73
N THR A 34 3.33 4.81 8.84
CA THR A 34 3.97 4.65 7.54
C THR A 34 3.13 5.29 6.44
N VAL A 35 2.06 4.62 6.05
CA VAL A 35 1.17 5.11 5.00
C VAL A 35 -0.03 4.20 4.81
N ILE A 36 -1.18 4.80 4.54
CA ILE A 36 -2.41 4.03 4.34
C ILE A 36 -3.10 4.44 3.04
N ILE A 37 -3.81 3.49 2.44
CA ILE A 37 -4.52 3.76 1.19
C ILE A 37 -5.64 4.77 1.40
N ALA A 38 -5.55 5.90 0.68
CA ALA A 38 -6.55 6.95 0.79
C ALA A 38 -7.66 6.76 -0.23
N ASN A 39 -7.34 6.05 -1.32
CA ASN A 39 -8.31 5.79 -2.37
C ASN A 39 -7.75 4.82 -3.41
N MET A 40 -8.64 4.16 -4.14
CA MET A 40 -8.23 3.21 -5.16
C MET A 40 -8.80 3.58 -6.53
N MET A 41 -7.94 3.68 -7.52
CA MET A 41 -8.34 4.05 -8.87
C MET A 41 -9.55 3.21 -9.30
N HIS A 42 -10.37 3.77 -10.19
CA HIS A 42 -11.55 3.08 -10.70
C HIS A 42 -11.20 2.17 -11.86
N GLY A 43 -10.38 1.16 -11.59
CA GLY A 43 -9.97 0.22 -12.63
C GLY A 43 -8.47 0.02 -12.66
N GLY A 44 -7.82 0.14 -11.51
CA GLY A 44 -6.38 -0.04 -11.43
C GLY A 44 -6.00 -1.40 -10.90
N PRO A 45 -4.69 -1.64 -10.76
CA PRO A 45 -4.16 -2.91 -10.26
C PRO A 45 -4.45 -3.12 -8.78
N ALA A 46 -4.47 -2.03 -8.03
CA ALA A 46 -4.74 -2.08 -6.59
C ALA A 46 -6.21 -2.34 -6.32
N GLU A 47 -7.07 -1.73 -7.14
CA GLU A 47 -8.51 -1.89 -6.98
C GLU A 47 -8.95 -3.30 -7.39
N LYS A 48 -8.28 -3.85 -8.39
CA LYS A 48 -8.59 -5.20 -8.88
C LYS A 48 -7.95 -6.26 -7.99
N SER A 49 -6.71 -5.99 -7.56
CA SER A 49 -5.99 -6.93 -6.72
C SER A 49 -6.83 -7.34 -5.51
N GLY A 50 -7.48 -6.35 -4.90
CA GLY A 50 -8.31 -6.62 -3.73
C GLY A 50 -7.50 -7.12 -2.55
N LYS A 51 -6.19 -6.90 -2.60
CA LYS A 51 -5.30 -7.32 -1.51
C LYS A 51 -5.34 -6.32 -0.36
N LEU A 52 -5.60 -5.05 -0.68
CA LEU A 52 -5.66 -4.00 0.33
C LEU A 52 -7.08 -3.45 0.44
N ASN A 53 -7.25 -2.46 1.32
CA ASN A 53 -8.54 -1.83 1.52
C ASN A 53 -8.40 -0.42 2.08
N ILE A 54 -9.34 0.45 1.74
CA ILE A 54 -9.31 1.83 2.20
C ILE A 54 -9.09 1.90 3.70
N GLY A 55 -7.87 2.28 4.10
CA GLY A 55 -7.55 2.38 5.52
C GLY A 55 -6.33 1.55 5.88
N ASP A 56 -6.11 0.46 5.16
CA ASP A 56 -4.96 -0.41 5.42
C ASP A 56 -3.66 0.35 5.26
N GLN A 57 -2.65 -0.05 6.03
CA GLN A 57 -1.34 0.59 5.98
C GLN A 57 -0.29 -0.37 5.44
N ILE A 58 0.77 0.18 4.86
CA ILE A 58 1.85 -0.63 4.31
C ILE A 58 3.07 -0.61 5.22
N MET A 59 3.45 -1.78 5.72
CA MET A 59 4.61 -1.88 6.60
C MET A 59 5.91 -1.69 5.81
N SER A 60 5.99 -2.31 4.64
CA SER A 60 7.18 -2.20 3.80
C SER A 60 6.82 -2.39 2.33
N ILE A 61 7.78 -2.12 1.45
CA ILE A 61 7.56 -2.28 0.02
C ILE A 61 8.70 -3.05 -0.63
N ASN A 62 8.41 -4.29 -1.04
CA ASN A 62 9.41 -5.14 -1.67
C ASN A 62 10.62 -5.32 -0.77
N GLY A 63 10.40 -5.23 0.55
CA GLY A 63 11.48 -5.39 1.49
C GLY A 63 12.04 -4.06 1.97
N THR A 64 11.33 -2.98 1.68
CA THR A 64 11.76 -1.64 2.07
C THR A 64 10.82 -1.05 3.12
N SER A 65 11.30 -0.95 4.35
CA SER A 65 10.50 -0.40 5.44
C SER A 65 10.14 1.06 5.16
N LEU A 66 8.91 1.43 5.47
CA LEU A 66 8.44 2.79 5.25
C LEU A 66 8.34 3.55 6.58
N VAL A 67 8.23 2.80 7.67
CA VAL A 67 8.13 3.39 8.99
C VAL A 67 9.12 4.55 9.16
N GLY A 68 8.60 5.74 9.39
CA GLY A 68 9.44 6.90 9.57
C GLY A 68 9.49 7.77 8.33
N LEU A 69 9.51 7.14 7.16
CA LEU A 69 9.56 7.87 5.90
C LEU A 69 8.34 8.75 5.73
N PRO A 70 8.54 9.94 5.14
CA PRO A 70 7.44 10.90 4.90
C PRO A 70 6.47 10.41 3.83
N LEU A 71 5.23 10.86 3.93
CA LEU A 71 4.20 10.48 2.97
C LEU A 71 4.66 10.76 1.53
N SER A 72 5.48 11.80 1.38
CA SER A 72 6.00 12.18 0.07
C SER A 72 7.01 11.15 -0.44
N THR A 73 7.92 10.74 0.44
CA THR A 73 8.94 9.76 0.09
C THR A 73 8.32 8.39 -0.21
N CYS A 74 7.54 7.89 0.74
CA CYS A 74 6.88 6.60 0.58
C CYS A 74 6.16 6.52 -0.77
N GLN A 75 5.51 7.60 -1.15
CA GLN A 75 4.78 7.64 -2.41
C GLN A 75 5.72 7.36 -3.59
N SER A 76 6.86 8.04 -3.61
CA SER A 76 7.83 7.86 -4.68
C SER A 76 8.21 6.39 -4.83
N ILE A 77 8.51 5.75 -3.70
CA ILE A 77 8.90 4.34 -3.71
C ILE A 77 7.83 3.49 -4.39
N ILE A 78 6.58 3.92 -4.29
CA ILE A 78 5.47 3.21 -4.90
C ILE A 78 5.35 3.53 -6.39
N LYS A 79 5.93 4.65 -6.79
CA LYS A 79 5.89 5.08 -8.19
C LYS A 79 6.89 4.29 -9.02
N GLY A 80 7.90 3.73 -8.36
CA GLY A 80 8.91 2.96 -9.06
C GLY A 80 8.50 1.52 -9.29
N LEU A 81 7.18 1.28 -9.24
CA LEU A 81 6.65 -0.06 -9.44
C LEU A 81 6.00 -0.19 -10.81
N LYS A 82 6.00 0.90 -11.56
CA LYS A 82 5.42 0.93 -12.90
C LYS A 82 6.22 0.05 -13.86
N ASN A 83 7.54 0.19 -13.81
CA ASN A 83 8.43 -0.59 -14.67
C ASN A 83 8.34 -2.07 -14.34
N GLN A 84 7.61 -2.39 -13.28
CA GLN A 84 7.45 -3.78 -12.86
C GLN A 84 5.98 -4.17 -12.81
N SER A 85 5.70 -5.45 -13.03
CA SER A 85 4.33 -5.95 -13.03
C SER A 85 3.97 -6.51 -11.65
N ARG A 86 4.72 -7.51 -11.21
CA ARG A 86 4.48 -8.13 -9.92
C ARG A 86 5.27 -7.42 -8.81
N VAL A 87 4.56 -6.90 -7.82
CA VAL A 87 5.20 -6.20 -6.71
C VAL A 87 4.74 -6.76 -5.37
N LYS A 88 5.68 -6.89 -4.44
CA LYS A 88 5.38 -7.42 -3.11
C LYS A 88 5.37 -6.30 -2.08
N LEU A 89 4.30 -6.26 -1.27
CA LEU A 89 4.18 -5.24 -0.23
C LEU A 89 3.48 -5.81 1.00
N ASN A 90 3.91 -5.36 2.17
CA ASN A 90 3.32 -5.81 3.43
C ASN A 90 2.23 -4.86 3.90
N ILE A 91 1.02 -5.38 4.03
CA ILE A 91 -0.11 -4.56 4.48
C ILE A 91 -0.56 -4.98 5.88
N VAL A 92 -1.05 -4.01 6.65
CA VAL A 92 -1.51 -4.27 8.00
C VAL A 92 -2.69 -3.37 8.36
N SER A 93 -3.87 -3.98 8.49
CA SER A 93 -5.08 -3.23 8.82
C SER A 93 -4.79 -2.16 9.86
N GLY A 94 -4.78 -0.91 9.44
CA GLY A 94 -4.51 0.19 10.35
C GLY A 94 -5.14 -0.03 11.71
N PRO A 95 -4.45 0.43 12.77
CA PRO A 95 -4.91 0.29 14.15
C PRO A 95 -6.12 1.17 14.44
N SER A 96 -6.49 2.00 13.47
CA SER A 96 -7.64 2.89 13.63
C SER A 96 -7.44 3.82 14.83
N SER A 97 -6.24 4.35 14.98
CA SER A 97 -5.92 5.24 16.08
C SER A 97 -6.99 6.32 16.22
N GLY A 98 -7.69 6.29 17.35
CA GLY A 98 -8.75 7.27 17.59
C GLY A 98 -8.61 7.92 18.95
N GLY A 1 -13.64 -12.79 9.05
CA GLY A 1 -14.29 -11.68 9.72
C GLY A 1 -13.97 -10.35 9.08
N SER A 2 -12.68 -10.03 8.98
CA SER A 2 -12.23 -8.77 8.39
C SER A 2 -12.21 -8.88 6.87
N SER A 3 -12.65 -7.82 6.20
CA SER A 3 -12.67 -7.79 4.74
C SER A 3 -11.32 -8.18 4.17
N GLY A 4 -10.28 -7.49 4.60
CA GLY A 4 -8.94 -7.77 4.11
C GLY A 4 -8.08 -8.46 5.16
N SER A 5 -6.93 -8.98 4.73
CA SER A 5 -6.02 -9.67 5.63
C SER A 5 -4.77 -8.83 5.88
N SER A 6 -4.13 -9.06 7.02
CA SER A 6 -2.92 -8.32 7.39
C SER A 6 -1.69 -9.20 7.21
N GLY A 7 -0.93 -8.95 6.15
CA GLY A 7 0.28 -9.72 5.90
C GLY A 7 0.90 -9.40 4.56
N ASP A 8 1.70 -10.32 4.04
CA ASP A 8 2.35 -10.13 2.75
C ASP A 8 1.33 -10.04 1.63
N VAL A 9 1.48 -9.02 0.79
CA VAL A 9 0.57 -8.82 -0.33
C VAL A 9 1.33 -8.76 -1.66
N PHE A 10 0.70 -9.27 -2.71
CA PHE A 10 1.31 -9.27 -4.03
C PHE A 10 0.38 -8.64 -5.08
N ILE A 11 0.76 -7.47 -5.55
CA ILE A 11 -0.04 -6.76 -6.55
C ILE A 11 0.41 -7.10 -7.96
N GLU A 12 -0.47 -7.76 -8.71
CA GLU A 12 -0.17 -8.14 -10.08
C GLU A 12 -0.74 -7.14 -11.08
N LYS A 13 0.14 -6.38 -11.72
CA LYS A 13 -0.29 -5.38 -12.70
C LYS A 13 0.57 -5.46 -13.96
N GLN A 14 0.33 -4.53 -14.88
CA GLN A 14 1.08 -4.50 -16.14
C GLN A 14 2.09 -3.36 -16.14
N LYS A 15 3.30 -3.65 -16.60
CA LYS A 15 4.36 -2.65 -16.66
C LYS A 15 3.87 -1.39 -17.40
N GLY A 16 4.54 -0.27 -17.13
CA GLY A 16 4.16 0.98 -17.78
C GLY A 16 2.98 1.64 -17.12
N GLU A 17 2.23 0.86 -16.33
CA GLU A 17 1.05 1.38 -15.64
C GLU A 17 1.37 1.67 -14.18
N ILE A 18 0.55 2.51 -13.57
CA ILE A 18 0.74 2.88 -12.16
C ILE A 18 0.01 1.91 -11.23
N LEU A 19 0.31 1.99 -9.95
CA LEU A 19 -0.31 1.12 -8.96
C LEU A 19 -1.76 1.52 -8.72
N GLY A 20 -2.22 2.54 -9.45
CA GLY A 20 -3.58 3.00 -9.31
C GLY A 20 -4.06 2.95 -7.87
N VAL A 21 -3.30 3.59 -6.98
CA VAL A 21 -3.64 3.62 -5.56
C VAL A 21 -3.07 4.86 -4.88
N VAL A 22 -3.87 5.48 -4.01
CA VAL A 22 -3.43 6.67 -3.29
C VAL A 22 -3.01 6.33 -1.87
N ILE A 23 -1.97 7.02 -1.39
CA ILE A 23 -1.47 6.79 -0.04
C ILE A 23 -1.33 8.10 0.72
N VAL A 24 -1.41 8.02 2.04
CA VAL A 24 -1.29 9.20 2.89
C VAL A 24 -0.53 8.88 4.17
N GLU A 25 -0.38 9.89 5.02
CA GLU A 25 0.33 9.71 6.29
C GLU A 25 -0.45 8.80 7.23
N SER A 26 0.23 7.79 7.77
CA SER A 26 -0.40 6.85 8.68
C SER A 26 -0.33 7.35 10.12
N GLY A 27 -0.29 8.67 10.29
CA GLY A 27 -0.22 9.25 11.61
C GLY A 27 -1.59 9.60 12.16
N TRP A 28 -2.49 8.63 12.17
CA TRP A 28 -3.84 8.85 12.67
C TRP A 28 -4.04 8.16 14.01
N GLY A 29 -3.64 6.89 14.09
CA GLY A 29 -3.78 6.15 15.32
C GLY A 29 -3.08 4.80 15.28
N SER A 30 -2.00 4.72 14.51
CA SER A 30 -1.24 3.49 14.37
C SER A 30 0.10 3.59 15.09
N ILE A 31 0.77 2.46 15.24
CA ILE A 31 2.07 2.42 15.90
C ILE A 31 3.18 2.88 14.98
N LEU A 32 3.25 2.27 13.81
CA LEU A 32 4.27 2.61 12.83
C LEU A 32 3.70 3.50 11.72
N PRO A 33 3.90 4.82 11.85
CA PRO A 33 3.40 5.80 10.88
C PRO A 33 4.15 5.71 9.56
N THR A 34 3.67 4.85 8.66
CA THR A 34 4.29 4.68 7.35
C THR A 34 3.42 5.29 6.26
N VAL A 35 2.34 4.60 5.90
CA VAL A 35 1.44 5.08 4.87
C VAL A 35 0.23 4.17 4.73
N ILE A 36 -0.94 4.77 4.51
CA ILE A 36 -2.17 4.00 4.35
C ILE A 36 -2.93 4.42 3.09
N ILE A 37 -3.63 3.47 2.49
CA ILE A 37 -4.40 3.74 1.28
C ILE A 37 -5.50 4.76 1.55
N ALA A 38 -5.39 5.93 0.94
CA ALA A 38 -6.39 6.98 1.11
C ALA A 38 -7.50 6.85 0.08
N ASN A 39 -7.22 6.14 -1.01
CA ASN A 39 -8.21 5.95 -2.07
C ASN A 39 -7.67 5.01 -3.14
N MET A 40 -8.57 4.38 -3.87
CA MET A 40 -8.19 3.44 -4.93
C MET A 40 -8.83 3.84 -6.26
N MET A 41 -8.05 3.77 -7.33
CA MET A 41 -8.54 4.12 -8.66
C MET A 41 -9.77 3.29 -9.01
N HIS A 42 -10.60 3.83 -9.90
CA HIS A 42 -11.81 3.14 -10.33
C HIS A 42 -11.51 2.17 -11.46
N GLY A 43 -10.44 1.40 -11.30
CA GLY A 43 -10.06 0.43 -12.31
C GLY A 43 -8.56 0.22 -12.37
N GLY A 44 -7.90 0.27 -11.23
CA GLY A 44 -6.46 0.09 -11.17
C GLY A 44 -6.07 -1.29 -10.68
N PRO A 45 -4.76 -1.53 -10.56
CA PRO A 45 -4.23 -2.82 -10.11
C PRO A 45 -4.51 -3.07 -8.63
N ALA A 46 -4.47 -2.00 -7.84
CA ALA A 46 -4.72 -2.10 -6.40
C ALA A 46 -6.19 -2.35 -6.12
N GLU A 47 -7.05 -1.67 -6.88
CA GLU A 47 -8.50 -1.82 -6.72
C GLU A 47 -8.96 -3.21 -7.13
N LYS A 48 -8.31 -3.76 -8.15
CA LYS A 48 -8.65 -5.09 -8.65
C LYS A 48 -7.98 -6.18 -7.81
N SER A 49 -6.74 -5.93 -7.41
CA SER A 49 -5.99 -6.89 -6.60
C SER A 49 -6.79 -7.29 -5.36
N GLY A 50 -7.51 -6.33 -4.80
CA GLY A 50 -8.30 -6.60 -3.61
C GLY A 50 -7.47 -7.11 -2.46
N LYS A 51 -6.16 -6.91 -2.54
CA LYS A 51 -5.25 -7.36 -1.49
C LYS A 51 -5.22 -6.37 -0.34
N LEU A 52 -5.59 -5.13 -0.62
CA LEU A 52 -5.61 -4.09 0.40
C LEU A 52 -6.99 -3.44 0.50
N ASN A 53 -7.12 -2.47 1.39
CA ASN A 53 -8.39 -1.77 1.59
C ASN A 53 -8.16 -0.36 2.11
N ILE A 54 -9.18 0.49 1.97
CA ILE A 54 -9.08 1.87 2.43
C ILE A 54 -8.86 1.93 3.94
N GLY A 55 -7.65 2.30 4.33
CA GLY A 55 -7.32 2.39 5.74
C GLY A 55 -6.11 1.56 6.12
N ASP A 56 -5.87 0.49 5.36
CA ASP A 56 -4.73 -0.39 5.61
C ASP A 56 -3.41 0.36 5.39
N GLN A 57 -2.41 0.02 6.20
CA GLN A 57 -1.10 0.66 6.10
C GLN A 57 -0.06 -0.32 5.57
N ILE A 58 0.95 0.21 4.89
CA ILE A 58 2.01 -0.62 4.34
C ILE A 58 3.23 -0.63 5.25
N MET A 59 3.59 -1.81 5.73
CA MET A 59 4.75 -1.95 6.62
C MET A 59 6.05 -1.76 5.84
N SER A 60 6.08 -2.29 4.62
CA SER A 60 7.27 -2.18 3.77
C SER A 60 6.91 -2.38 2.31
N ILE A 61 7.88 -2.15 1.43
CA ILE A 61 7.66 -2.30 -0.01
C ILE A 61 8.77 -3.15 -0.64
N ASN A 62 8.46 -4.41 -0.90
CA ASN A 62 9.41 -5.32 -1.50
C ASN A 62 10.64 -5.49 -0.62
N GLY A 63 10.46 -5.26 0.68
CA GLY A 63 11.57 -5.39 1.62
C GLY A 63 12.14 -4.04 2.02
N THR A 64 11.39 -2.97 1.76
CA THR A 64 11.84 -1.63 2.10
C THR A 64 10.98 -1.04 3.21
N SER A 65 11.59 -0.86 4.39
CA SER A 65 10.88 -0.31 5.53
C SER A 65 10.54 1.17 5.29
N LEU A 66 9.25 1.48 5.34
CA LEU A 66 8.79 2.85 5.14
C LEU A 66 8.74 3.61 6.46
N VAL A 67 8.73 2.87 7.56
CA VAL A 67 8.68 3.48 8.89
C VAL A 67 9.66 4.63 9.00
N GLY A 68 9.14 5.83 9.23
CA GLY A 68 9.99 6.99 9.36
C GLY A 68 10.00 7.84 8.10
N LEU A 69 10.03 7.18 6.95
CA LEU A 69 10.05 7.88 5.67
C LEU A 69 8.81 8.76 5.51
N PRO A 70 8.98 9.95 4.91
CA PRO A 70 7.90 10.90 4.68
C PRO A 70 6.91 10.41 3.63
N LEU A 71 5.71 10.97 3.65
CA LEU A 71 4.67 10.59 2.69
C LEU A 71 5.15 10.82 1.26
N SER A 72 5.87 11.91 1.05
CA SER A 72 6.37 12.25 -0.28
C SER A 72 7.36 11.19 -0.76
N THR A 73 8.25 10.76 0.13
CA THR A 73 9.24 9.75 -0.20
C THR A 73 8.59 8.41 -0.52
N CYS A 74 7.91 7.84 0.47
CA CYS A 74 7.24 6.55 0.30
C CYS A 74 6.52 6.50 -1.04
N GLN A 75 5.89 7.60 -1.42
CA GLN A 75 5.17 7.68 -2.68
C GLN A 75 6.07 7.28 -3.85
N SER A 76 7.20 7.95 -3.96
CA SER A 76 8.15 7.67 -5.04
C SER A 76 8.47 6.19 -5.12
N ILE A 77 8.75 5.58 -3.96
CA ILE A 77 9.07 4.17 -3.90
C ILE A 77 7.89 3.32 -4.38
N ILE A 78 6.71 3.92 -4.42
CA ILE A 78 5.51 3.22 -4.86
C ILE A 78 5.22 3.50 -6.33
N LYS A 79 5.61 4.69 -6.79
CA LYS A 79 5.41 5.08 -8.18
C LYS A 79 6.45 4.44 -9.09
N GLY A 80 7.61 4.11 -8.52
CA GLY A 80 8.68 3.49 -9.28
C GLY A 80 8.40 2.04 -9.61
N LEU A 81 7.23 1.56 -9.19
CA LEU A 81 6.85 0.17 -9.44
C LEU A 81 6.07 0.05 -10.75
N LYS A 82 5.93 1.15 -11.46
CA LYS A 82 5.22 1.17 -12.73
C LYS A 82 5.95 0.32 -13.77
N ASN A 83 7.26 0.16 -13.59
CA ASN A 83 8.06 -0.63 -14.52
C ASN A 83 8.10 -2.09 -14.08
N GLN A 84 7.27 -2.44 -13.10
CA GLN A 84 7.21 -3.80 -12.60
C GLN A 84 5.77 -4.28 -12.50
N SER A 85 5.49 -5.47 -13.02
CA SER A 85 4.15 -6.04 -12.99
C SER A 85 3.85 -6.61 -11.61
N ARG A 86 4.67 -7.55 -11.17
CA ARG A 86 4.48 -8.19 -9.87
C ARG A 86 5.30 -7.47 -8.79
N VAL A 87 4.61 -6.97 -7.78
CA VAL A 87 5.27 -6.27 -6.68
C VAL A 87 4.81 -6.81 -5.32
N LYS A 88 5.77 -6.99 -4.42
CA LYS A 88 5.48 -7.50 -3.09
C LYS A 88 5.46 -6.37 -2.06
N LEU A 89 4.41 -6.32 -1.26
CA LEU A 89 4.27 -5.30 -0.23
C LEU A 89 3.59 -5.85 1.01
N ASN A 90 4.04 -5.41 2.18
CA ASN A 90 3.47 -5.86 3.45
C ASN A 90 2.40 -4.89 3.93
N ILE A 91 1.19 -5.40 4.11
CA ILE A 91 0.08 -4.58 4.58
C ILE A 91 -0.33 -4.95 6.00
N VAL A 92 -0.81 -3.97 6.75
CA VAL A 92 -1.24 -4.19 8.13
C VAL A 92 -2.44 -3.31 8.48
N SER A 93 -3.59 -3.95 8.64
CA SER A 93 -4.82 -3.24 8.98
C SER A 93 -4.53 -2.10 9.96
N GLY A 94 -4.74 -0.87 9.50
CA GLY A 94 -4.50 0.29 10.33
C GLY A 94 -5.48 0.39 11.49
N PRO A 95 -5.59 1.59 12.08
CA PRO A 95 -6.49 1.83 13.21
C PRO A 95 -7.96 1.79 12.80
N SER A 96 -8.77 1.06 13.56
CA SER A 96 -10.20 0.93 13.27
C SER A 96 -11.03 1.68 14.32
N SER A 97 -11.38 2.92 14.00
CA SER A 97 -12.17 3.75 14.91
C SER A 97 -11.54 3.77 16.30
N GLY A 98 -10.22 3.89 16.35
CA GLY A 98 -9.51 3.93 17.62
C GLY A 98 -8.15 4.59 17.52
N GLY A 1 -3.54 -21.53 -1.42
CA GLY A 1 -4.36 -20.42 -0.98
C GLY A 1 -4.15 -20.07 0.48
N SER A 2 -3.75 -18.84 0.74
CA SER A 2 -3.52 -18.39 2.11
C SER A 2 -4.61 -17.44 2.57
N SER A 3 -4.74 -17.27 3.88
CA SER A 3 -5.76 -16.40 4.45
C SER A 3 -5.13 -15.27 5.24
N GLY A 4 -5.93 -14.29 5.63
CA GLY A 4 -5.43 -13.17 6.38
C GLY A 4 -5.13 -11.96 5.51
N SER A 5 -5.71 -10.82 5.86
CA SER A 5 -5.51 -9.60 5.09
C SER A 5 -4.18 -8.94 5.46
N SER A 6 -3.93 -8.81 6.76
CA SER A 6 -2.71 -8.19 7.25
C SER A 6 -1.52 -9.15 7.09
N GLY A 7 -0.77 -8.97 6.00
CA GLY A 7 0.37 -9.81 5.74
C GLY A 7 0.97 -9.59 4.37
N ASP A 8 1.83 -10.50 3.94
CA ASP A 8 2.47 -10.40 2.63
C ASP A 8 1.43 -10.23 1.53
N VAL A 9 1.55 -9.15 0.77
CA VAL A 9 0.62 -8.88 -0.32
C VAL A 9 1.34 -8.84 -1.66
N PHE A 10 0.66 -9.29 -2.71
CA PHE A 10 1.23 -9.30 -4.06
C PHE A 10 0.29 -8.65 -5.06
N ILE A 11 0.66 -7.48 -5.56
CA ILE A 11 -0.15 -6.77 -6.53
C ILE A 11 0.25 -7.12 -7.96
N GLU A 12 -0.62 -7.87 -8.63
CA GLU A 12 -0.36 -8.29 -10.00
C GLU A 12 -0.92 -7.27 -11.00
N LYS A 13 -0.03 -6.56 -11.69
CA LYS A 13 -0.44 -5.57 -12.66
C LYS A 13 0.42 -5.65 -13.92
N GLN A 14 0.20 -4.73 -14.85
CA GLN A 14 0.96 -4.70 -16.10
C GLN A 14 2.01 -3.61 -16.07
N LYS A 15 3.13 -3.85 -16.74
CA LYS A 15 4.23 -2.89 -16.80
C LYS A 15 3.80 -1.63 -17.55
N GLY A 16 4.47 -0.52 -17.27
CA GLY A 16 4.16 0.73 -17.93
C GLY A 16 3.00 1.46 -17.28
N GLU A 17 2.13 0.71 -16.61
CA GLU A 17 0.98 1.28 -15.94
C GLU A 17 1.31 1.63 -14.49
N ILE A 18 0.49 2.49 -13.90
CA ILE A 18 0.70 2.90 -12.51
C ILE A 18 -0.02 1.95 -11.55
N LEU A 19 0.31 2.05 -10.27
CA LEU A 19 -0.29 1.21 -9.25
C LEU A 19 -1.73 1.63 -8.97
N GLY A 20 -2.20 2.64 -9.71
CA GLY A 20 -3.55 3.13 -9.54
C GLY A 20 -4.01 3.06 -8.09
N VAL A 21 -3.22 3.65 -7.21
CA VAL A 21 -3.55 3.67 -5.78
C VAL A 21 -2.92 4.87 -5.08
N VAL A 22 -3.68 5.49 -4.18
CA VAL A 22 -3.20 6.65 -3.44
C VAL A 22 -2.89 6.28 -1.99
N ILE A 23 -1.85 6.89 -1.44
CA ILE A 23 -1.46 6.64 -0.06
C ILE A 23 -1.34 7.94 0.72
N VAL A 24 -1.50 7.84 2.04
CA VAL A 24 -1.41 9.01 2.91
C VAL A 24 -0.70 8.67 4.22
N GLU A 25 -0.53 9.67 5.07
CA GLU A 25 0.12 9.48 6.36
C GLU A 25 -0.64 8.48 7.22
N SER A 26 0.07 7.50 7.75
CA SER A 26 -0.55 6.47 8.59
C SER A 26 -0.62 6.93 10.05
N GLY A 27 -0.73 8.25 10.23
CA GLY A 27 -0.81 8.79 11.58
C GLY A 27 -2.10 8.40 12.29
N TRP A 28 -2.98 9.37 12.48
CA TRP A 28 -4.25 9.12 13.14
C TRP A 28 -4.06 8.22 14.36
N GLY A 29 -3.11 8.58 15.22
CA GLY A 29 -2.85 7.79 16.41
C GLY A 29 -2.55 6.33 16.08
N SER A 30 -1.48 6.10 15.33
CA SER A 30 -1.09 4.76 14.94
C SER A 30 0.27 4.39 15.54
N ILE A 31 0.61 3.10 15.47
CA ILE A 31 1.87 2.62 16.00
C ILE A 31 3.03 2.96 15.05
N LEU A 32 3.00 2.37 13.86
CA LEU A 32 4.04 2.61 12.87
C LEU A 32 3.52 3.52 11.76
N PRO A 33 3.80 4.83 11.88
CA PRO A 33 3.38 5.81 10.89
C PRO A 33 4.13 5.69 9.57
N THR A 34 3.63 4.83 8.69
CA THR A 34 4.26 4.61 7.39
C THR A 34 3.43 5.22 6.27
N VAL A 35 2.34 4.54 5.91
CA VAL A 35 1.46 5.01 4.85
C VAL A 35 0.24 4.11 4.70
N ILE A 36 -0.91 4.71 4.49
CA ILE A 36 -2.15 3.96 4.33
C ILE A 36 -2.88 4.38 3.06
N ILE A 37 -3.56 3.43 2.43
CA ILE A 37 -4.30 3.69 1.21
C ILE A 37 -5.40 4.73 1.45
N ALA A 38 -5.30 5.86 0.75
CA ALA A 38 -6.27 6.93 0.89
C ALA A 38 -7.39 6.78 -0.13
N ASN A 39 -7.07 6.21 -1.28
CA ASN A 39 -8.05 6.01 -2.34
C ASN A 39 -7.56 4.97 -3.36
N MET A 40 -8.49 4.31 -4.04
CA MET A 40 -8.14 3.31 -5.04
C MET A 40 -8.73 3.69 -6.40
N MET A 41 -7.86 3.72 -7.41
CA MET A 41 -8.28 4.05 -8.77
C MET A 41 -9.41 3.14 -9.22
N HIS A 42 -10.45 3.74 -9.81
CA HIS A 42 -11.59 2.98 -10.30
C HIS A 42 -11.23 2.19 -11.56
N GLY A 43 -10.61 1.02 -11.36
CA GLY A 43 -10.20 0.20 -12.49
C GLY A 43 -8.71 -0.02 -12.55
N GLY A 44 -8.02 0.26 -11.45
CA GLY A 44 -6.58 0.10 -11.41
C GLY A 44 -6.17 -1.27 -10.88
N PRO A 45 -4.85 -1.48 -10.76
CA PRO A 45 -4.30 -2.75 -10.27
C PRO A 45 -4.57 -2.97 -8.78
N ALA A 46 -4.53 -1.88 -8.02
CA ALA A 46 -4.78 -1.96 -6.58
C ALA A 46 -6.27 -2.19 -6.29
N GLU A 47 -7.13 -1.54 -7.07
CA GLU A 47 -8.57 -1.68 -6.89
C GLU A 47 -9.04 -3.06 -7.33
N LYS A 48 -8.29 -3.67 -8.25
CA LYS A 48 -8.63 -5.00 -8.75
C LYS A 48 -8.00 -6.08 -7.89
N SER A 49 -6.77 -5.83 -7.43
CA SER A 49 -6.05 -6.79 -6.61
C SER A 49 -6.87 -7.17 -5.38
N GLY A 50 -7.50 -6.17 -4.77
CA GLY A 50 -8.30 -6.41 -3.59
C GLY A 50 -7.49 -6.92 -2.42
N LYS A 51 -6.17 -6.88 -2.57
CA LYS A 51 -5.27 -7.35 -1.52
C LYS A 51 -5.24 -6.37 -0.35
N LEU A 52 -5.60 -5.12 -0.62
CA LEU A 52 -5.61 -4.09 0.40
C LEU A 52 -7.01 -3.51 0.57
N ASN A 53 -7.14 -2.53 1.46
CA ASN A 53 -8.42 -1.88 1.71
C ASN A 53 -8.24 -0.47 2.25
N ILE A 54 -9.11 0.44 1.86
CA ILE A 54 -9.05 1.82 2.31
C ILE A 54 -8.82 1.90 3.82
N GLY A 55 -7.61 2.27 4.21
CA GLY A 55 -7.29 2.38 5.62
C GLY A 55 -6.08 1.54 6.01
N ASP A 56 -5.85 0.47 5.27
CA ASP A 56 -4.72 -0.42 5.54
C ASP A 56 -3.40 0.31 5.33
N GLN A 57 -2.41 -0.01 6.16
CA GLN A 57 -1.10 0.61 6.07
C GLN A 57 -0.07 -0.36 5.49
N ILE A 58 0.92 0.18 4.79
CA ILE A 58 1.96 -0.64 4.19
C ILE A 58 3.21 -0.66 5.06
N MET A 59 3.49 -1.82 5.65
CA MET A 59 4.66 -1.98 6.51
C MET A 59 5.95 -1.76 5.72
N SER A 60 5.99 -2.31 4.51
CA SER A 60 7.17 -2.18 3.66
C SER A 60 6.82 -2.47 2.20
N ILE A 61 7.73 -2.12 1.30
CA ILE A 61 7.52 -2.34 -0.13
C ILE A 61 8.65 -3.17 -0.72
N ASN A 62 8.37 -4.45 -0.98
CA ASN A 62 9.37 -5.35 -1.55
C ASN A 62 10.56 -5.51 -0.61
N GLY A 63 10.32 -5.33 0.67
CA GLY A 63 11.39 -5.45 1.65
C GLY A 63 11.94 -4.10 2.07
N THR A 64 11.28 -3.03 1.67
CA THR A 64 11.70 -1.68 2.00
C THR A 64 10.86 -1.11 3.13
N SER A 65 11.48 -0.92 4.29
CA SER A 65 10.79 -0.37 5.45
C SER A 65 10.45 1.11 5.24
N LEU A 66 9.19 1.45 5.41
CA LEU A 66 8.74 2.84 5.23
C LEU A 66 8.64 3.54 6.58
N VAL A 67 8.88 2.80 7.65
CA VAL A 67 8.82 3.36 9.00
C VAL A 67 9.77 4.54 9.15
N GLY A 68 9.20 5.73 9.35
CA GLY A 68 9.99 6.92 9.51
C GLY A 68 10.00 7.78 8.26
N LEU A 69 10.00 7.13 7.10
CA LEU A 69 10.01 7.85 5.82
C LEU A 69 8.78 8.74 5.70
N PRO A 70 8.97 9.95 5.13
CA PRO A 70 7.90 10.91 4.94
C PRO A 70 6.90 10.47 3.88
N LEU A 71 5.68 10.98 3.95
CA LEU A 71 4.63 10.64 2.99
C LEU A 71 5.11 10.87 1.57
N SER A 72 5.80 12.00 1.35
CA SER A 72 6.30 12.33 0.02
C SER A 72 7.27 11.27 -0.48
N THR A 73 8.19 10.85 0.39
CA THR A 73 9.17 9.84 0.04
C THR A 73 8.50 8.50 -0.27
N CYS A 74 7.81 7.95 0.72
CA CYS A 74 7.12 6.67 0.55
C CYS A 74 6.40 6.62 -0.79
N GLN A 75 5.76 7.71 -1.15
CA GLN A 75 5.02 7.78 -2.42
C GLN A 75 5.95 7.53 -3.60
N SER A 76 7.11 8.18 -3.58
CA SER A 76 8.09 8.02 -4.66
C SER A 76 8.47 6.55 -4.83
N ILE A 77 8.75 5.89 -3.72
CA ILE A 77 9.13 4.47 -3.76
C ILE A 77 8.06 3.63 -4.47
N ILE A 78 6.82 4.12 -4.43
CA ILE A 78 5.72 3.42 -5.08
C ILE A 78 5.62 3.79 -6.55
N LYS A 79 6.17 4.94 -6.91
CA LYS A 79 6.15 5.41 -8.29
C LYS A 79 7.08 4.57 -9.16
N GLY A 80 8.11 4.00 -8.55
CA GLY A 80 9.05 3.18 -9.28
C GLY A 80 8.59 1.75 -9.44
N LEU A 81 7.28 1.54 -9.41
CA LEU A 81 6.71 0.21 -9.55
C LEU A 81 5.95 0.08 -10.86
N LYS A 82 5.83 1.19 -11.59
CA LYS A 82 5.13 1.20 -12.86
C LYS A 82 5.76 0.20 -13.84
N ASN A 83 7.07 0.03 -13.72
CA ASN A 83 7.80 -0.89 -14.59
C ASN A 83 7.89 -2.28 -13.95
N GLN A 84 7.13 -2.49 -12.89
CA GLN A 84 7.13 -3.78 -12.19
C GLN A 84 5.72 -4.37 -12.15
N SER A 85 5.48 -5.36 -13.00
CA SER A 85 4.17 -6.00 -13.07
C SER A 85 3.80 -6.61 -11.71
N ARG A 86 4.65 -7.51 -11.23
CA ARG A 86 4.42 -8.17 -9.95
C ARG A 86 5.26 -7.54 -8.85
N VAL A 87 4.60 -6.90 -7.89
CA VAL A 87 5.30 -6.25 -6.78
C VAL A 87 4.82 -6.80 -5.45
N LYS A 88 5.77 -7.02 -4.54
CA LYS A 88 5.45 -7.54 -3.21
C LYS A 88 5.43 -6.42 -2.18
N LEU A 89 4.34 -6.34 -1.42
CA LEU A 89 4.20 -5.32 -0.39
C LEU A 89 3.56 -5.90 0.87
N ASN A 90 3.98 -5.38 2.03
CA ASN A 90 3.46 -5.86 3.30
C ASN A 90 2.38 -4.91 3.82
N ILE A 91 1.15 -5.41 3.88
CA ILE A 91 0.03 -4.60 4.36
C ILE A 91 -0.38 -5.03 5.77
N VAL A 92 -0.81 -4.05 6.57
CA VAL A 92 -1.23 -4.32 7.94
C VAL A 92 -2.39 -3.41 8.34
N SER A 93 -3.57 -3.99 8.50
CA SER A 93 -4.76 -3.22 8.88
C SER A 93 -4.40 -2.14 9.89
N GLY A 94 -4.63 -0.89 9.50
CA GLY A 94 -4.33 0.23 10.39
C GLY A 94 -4.90 0.04 11.78
N PRO A 95 -4.71 1.05 12.64
CA PRO A 95 -5.21 1.01 14.02
C PRO A 95 -6.73 1.10 14.09
N SER A 96 -7.35 0.10 14.71
CA SER A 96 -8.80 0.07 14.84
C SER A 96 -9.22 0.30 16.29
N SER A 97 -8.63 -0.46 17.21
CA SER A 97 -8.94 -0.34 18.63
C SER A 97 -9.05 1.13 19.03
N GLY A 98 -10.10 1.45 19.78
CA GLY A 98 -10.30 2.82 20.23
C GLY A 98 -11.48 3.48 19.54
N GLY A 1 -10.91 -19.00 -0.29
CA GLY A 1 -10.42 -17.64 -0.46
C GLY A 1 -9.09 -17.42 0.23
N SER A 2 -8.68 -16.16 0.33
CA SER A 2 -7.42 -15.81 0.96
C SER A 2 -7.65 -14.96 2.20
N SER A 3 -7.81 -15.61 3.35
CA SER A 3 -8.04 -14.91 4.61
C SER A 3 -6.75 -14.30 5.13
N GLY A 4 -6.88 -13.36 6.06
CA GLY A 4 -5.72 -12.69 6.63
C GLY A 4 -5.15 -11.64 5.72
N SER A 5 -5.86 -10.53 5.57
CA SER A 5 -5.42 -9.44 4.71
C SER A 5 -4.10 -8.84 5.22
N SER A 6 -4.05 -8.62 6.53
CA SER A 6 -2.85 -8.05 7.15
C SER A 6 -1.66 -8.98 7.00
N GLY A 7 -0.91 -8.82 5.91
CA GLY A 7 0.24 -9.67 5.67
C GLY A 7 0.86 -9.43 4.30
N ASP A 8 1.76 -10.32 3.90
CA ASP A 8 2.42 -10.20 2.61
C ASP A 8 1.39 -10.09 1.48
N VAL A 9 1.54 -9.07 0.65
CA VAL A 9 0.63 -8.85 -0.46
C VAL A 9 1.38 -8.81 -1.79
N PHE A 10 0.71 -9.22 -2.86
CA PHE A 10 1.31 -9.22 -4.19
C PHE A 10 0.36 -8.61 -5.22
N ILE A 11 0.71 -7.42 -5.70
CA ILE A 11 -0.10 -6.72 -6.70
C ILE A 11 0.36 -7.05 -8.11
N GLU A 12 -0.44 -7.87 -8.80
CA GLU A 12 -0.12 -8.27 -10.16
C GLU A 12 -0.68 -7.27 -11.17
N LYS A 13 0.21 -6.51 -11.80
CA LYS A 13 -0.19 -5.52 -12.79
C LYS A 13 0.69 -5.59 -14.03
N GLN A 14 0.48 -4.67 -14.95
CA GLN A 14 1.26 -4.62 -16.19
C GLN A 14 2.34 -3.53 -16.11
N LYS A 15 3.40 -3.71 -16.88
CA LYS A 15 4.49 -2.74 -16.90
C LYS A 15 4.11 -1.51 -17.72
N GLY A 16 4.52 -0.34 -17.23
CA GLY A 16 4.21 0.90 -17.93
C GLY A 16 3.11 1.69 -17.24
N GLU A 17 2.24 0.98 -16.53
CA GLU A 17 1.14 1.63 -15.83
C GLU A 17 1.46 1.79 -14.34
N ILE A 18 0.72 2.68 -13.68
CA ILE A 18 0.93 2.92 -12.26
C ILE A 18 0.14 1.94 -11.40
N LEU A 19 0.35 2.00 -10.09
CA LEU A 19 -0.34 1.10 -9.16
C LEU A 19 -1.80 1.53 -8.98
N GLY A 20 -2.21 2.55 -9.73
CA GLY A 20 -3.57 3.03 -9.63
C GLY A 20 -4.08 3.04 -8.19
N VAL A 21 -3.25 3.52 -7.27
CA VAL A 21 -3.63 3.58 -5.87
C VAL A 21 -3.03 4.81 -5.20
N VAL A 22 -3.82 5.47 -4.36
CA VAL A 22 -3.38 6.66 -3.65
C VAL A 22 -3.13 6.36 -2.18
N ILE A 23 -2.02 6.88 -1.66
CA ILE A 23 -1.68 6.67 -0.26
C ILE A 23 -1.61 7.99 0.51
N VAL A 24 -1.72 7.91 1.82
CA VAL A 24 -1.67 9.10 2.67
C VAL A 24 -1.00 8.81 4.00
N GLU A 25 -0.85 9.85 4.82
CA GLU A 25 -0.22 9.70 6.13
C GLU A 25 -1.02 8.76 7.03
N SER A 26 -0.34 7.84 7.69
CA SER A 26 -0.98 6.89 8.58
C SER A 26 -1.39 7.55 9.89
N GLY A 27 -2.04 8.72 9.78
CA GLY A 27 -2.47 9.44 10.96
C GLY A 27 -1.50 9.28 12.13
N TRP A 28 -0.51 10.16 12.18
CA TRP A 28 0.49 10.11 13.24
C TRP A 28 -0.15 9.75 14.58
N GLY A 29 -0.12 8.47 14.91
CA GLY A 29 -0.70 8.02 16.17
C GLY A 29 -0.62 6.51 16.33
N SER A 30 -0.75 5.78 15.23
CA SER A 30 -0.69 4.33 15.26
C SER A 30 0.69 3.85 15.68
N ILE A 31 0.88 2.53 15.69
CA ILE A 31 2.16 1.95 16.07
C ILE A 31 3.27 2.38 15.13
N LEU A 32 3.13 2.04 13.85
CA LEU A 32 4.12 2.40 12.85
C LEU A 32 3.51 3.30 11.78
N PRO A 33 3.66 4.62 11.95
CA PRO A 33 3.14 5.61 11.00
C PRO A 33 3.88 5.60 9.67
N THR A 34 3.47 4.71 8.78
CA THR A 34 4.10 4.61 7.47
C THR A 34 3.24 5.26 6.39
N VAL A 35 2.17 4.56 6.00
CA VAL A 35 1.27 5.07 4.97
C VAL A 35 0.07 4.14 4.79
N ILE A 36 -1.09 4.73 4.49
CA ILE A 36 -2.30 3.95 4.30
C ILE A 36 -3.02 4.37 3.01
N ILE A 37 -3.74 3.44 2.41
CA ILE A 37 -4.47 3.71 1.18
C ILE A 37 -5.59 4.73 1.42
N ALA A 38 -5.56 5.82 0.66
CA ALA A 38 -6.57 6.86 0.79
C ALA A 38 -7.67 6.69 -0.25
N ASN A 39 -7.31 6.15 -1.41
CA ASN A 39 -8.28 5.93 -2.47
C ASN A 39 -7.71 4.97 -3.52
N MET A 40 -8.60 4.23 -4.18
CA MET A 40 -8.20 3.28 -5.21
C MET A 40 -8.70 3.70 -6.58
N MET A 41 -7.84 3.59 -7.59
CA MET A 41 -8.20 3.97 -8.96
C MET A 41 -9.32 3.08 -9.48
N HIS A 42 -10.35 3.70 -10.05
CA HIS A 42 -11.48 2.95 -10.61
C HIS A 42 -11.06 2.17 -11.84
N GLY A 43 -10.41 1.03 -11.63
CA GLY A 43 -9.96 0.20 -12.73
C GLY A 43 -8.47 -0.04 -12.71
N GLY A 44 -7.84 0.26 -11.58
CA GLY A 44 -6.41 0.05 -11.45
C GLY A 44 -6.06 -1.33 -10.93
N PRO A 45 -4.77 -1.61 -10.79
CA PRO A 45 -4.28 -2.90 -10.31
C PRO A 45 -4.58 -3.12 -8.83
N ALA A 46 -4.49 -2.06 -8.05
CA ALA A 46 -4.76 -2.13 -6.61
C ALA A 46 -6.26 -2.32 -6.35
N GLU A 47 -7.08 -1.71 -7.18
CA GLU A 47 -8.53 -1.81 -7.04
C GLU A 47 -9.02 -3.18 -7.44
N LYS A 48 -8.34 -3.80 -8.41
CA LYS A 48 -8.70 -5.12 -8.88
C LYS A 48 -8.02 -6.21 -8.07
N SER A 49 -6.86 -5.87 -7.49
CA SER A 49 -6.10 -6.81 -6.69
C SER A 49 -6.91 -7.27 -5.48
N GLY A 50 -7.51 -6.32 -4.77
CA GLY A 50 -8.31 -6.65 -3.61
C GLY A 50 -7.46 -7.11 -2.44
N LYS A 51 -6.15 -6.97 -2.57
CA LYS A 51 -5.22 -7.38 -1.52
C LYS A 51 -5.21 -6.37 -0.38
N LEU A 52 -5.59 -5.13 -0.70
CA LEU A 52 -5.63 -4.07 0.31
C LEU A 52 -7.04 -3.51 0.45
N ASN A 53 -7.20 -2.56 1.37
CA ASN A 53 -8.50 -1.93 1.60
C ASN A 53 -8.33 -0.52 2.14
N ILE A 54 -9.26 0.36 1.77
CA ILE A 54 -9.21 1.75 2.23
C ILE A 54 -9.00 1.83 3.74
N GLY A 55 -7.80 2.21 4.15
CA GLY A 55 -7.50 2.32 5.57
C GLY A 55 -6.29 1.51 5.97
N ASP A 56 -6.03 0.43 5.23
CA ASP A 56 -4.89 -0.44 5.51
C ASP A 56 -3.57 0.31 5.32
N GLN A 57 -2.58 -0.05 6.11
CA GLN A 57 -1.26 0.59 6.03
C GLN A 57 -0.21 -0.37 5.50
N ILE A 58 0.80 0.16 4.84
CA ILE A 58 1.87 -0.65 4.28
C ILE A 58 3.09 -0.66 5.18
N MET A 59 3.46 -1.84 5.68
CA MET A 59 4.61 -1.98 6.56
C MET A 59 5.91 -1.77 5.80
N SER A 60 5.97 -2.32 4.59
CA SER A 60 7.17 -2.20 3.76
C SER A 60 6.82 -2.40 2.27
N ILE A 61 7.80 -2.18 1.41
CA ILE A 61 7.61 -2.34 -0.02
C ILE A 61 8.73 -3.16 -0.65
N ASN A 62 8.44 -4.43 -0.91
CA ASN A 62 9.43 -5.32 -1.51
C ASN A 62 10.66 -5.46 -0.61
N GLY A 63 10.47 -5.24 0.68
CA GLY A 63 11.56 -5.35 1.62
C GLY A 63 12.11 -3.98 2.02
N THR A 64 11.37 -2.94 1.69
CA THR A 64 11.80 -1.58 2.01
C THR A 64 10.91 -0.96 3.09
N SER A 65 11.40 -0.97 4.32
CA SER A 65 10.65 -0.43 5.45
C SER A 65 10.36 1.05 5.23
N LEU A 66 9.09 1.42 5.40
CA LEU A 66 8.68 2.81 5.22
C LEU A 66 8.57 3.52 6.56
N VAL A 67 8.67 2.75 7.64
CA VAL A 67 8.58 3.31 8.99
C VAL A 67 9.46 4.54 9.13
N GLY A 68 8.84 5.67 9.45
CA GLY A 68 9.58 6.91 9.62
C GLY A 68 9.59 7.74 8.34
N LEU A 69 9.71 7.08 7.20
CA LEU A 69 9.74 7.76 5.91
C LEU A 69 8.56 8.70 5.76
N PRO A 70 8.80 9.86 5.14
CA PRO A 70 7.75 10.87 4.92
C PRO A 70 6.72 10.42 3.89
N LEU A 71 5.55 11.05 3.92
CA LEU A 71 4.49 10.71 2.98
C LEU A 71 4.94 10.90 1.54
N SER A 72 5.80 11.89 1.33
CA SER A 72 6.32 12.18 -0.01
C SER A 72 7.26 11.07 -0.48
N THR A 73 8.16 10.66 0.40
CA THR A 73 9.12 9.61 0.07
C THR A 73 8.40 8.30 -0.26
N CYS A 74 7.66 7.77 0.70
CA CYS A 74 6.92 6.53 0.51
C CYS A 74 6.25 6.51 -0.86
N GLN A 75 5.56 7.60 -1.18
CA GLN A 75 4.86 7.71 -2.46
C GLN A 75 5.80 7.40 -3.63
N SER A 76 7.04 7.86 -3.52
CA SER A 76 8.03 7.64 -4.57
C SER A 76 8.35 6.16 -4.71
N ILE A 77 8.51 5.48 -3.57
CA ILE A 77 8.82 4.05 -3.57
C ILE A 77 7.65 3.25 -4.12
N ILE A 78 6.48 3.87 -4.18
CA ILE A 78 5.28 3.20 -4.68
C ILE A 78 5.02 3.57 -6.14
N LYS A 79 5.48 4.75 -6.53
CA LYS A 79 5.30 5.22 -7.90
C LYS A 79 6.33 4.60 -8.83
N GLY A 80 7.47 4.21 -8.26
CA GLY A 80 8.53 3.60 -9.05
C GLY A 80 8.25 2.13 -9.34
N LEU A 81 7.05 1.68 -9.04
CA LEU A 81 6.67 0.29 -9.27
C LEU A 81 5.93 0.14 -10.60
N LYS A 82 5.82 1.24 -11.33
CA LYS A 82 5.13 1.23 -12.62
C LYS A 82 5.77 0.22 -13.57
N ASN A 83 7.11 0.17 -13.55
CA ASN A 83 7.84 -0.75 -14.41
C ASN A 83 7.99 -2.12 -13.74
N GLN A 84 7.16 -2.36 -12.73
CA GLN A 84 7.20 -3.63 -12.01
C GLN A 84 5.82 -4.28 -11.98
N SER A 85 5.60 -5.24 -12.87
CA SER A 85 4.32 -5.94 -12.95
C SER A 85 3.94 -6.53 -11.59
N ARG A 86 4.79 -7.41 -11.08
CA ARG A 86 4.55 -8.05 -9.79
C ARG A 86 5.36 -7.38 -8.69
N VAL A 87 4.66 -6.76 -7.75
CA VAL A 87 5.32 -6.08 -6.64
C VAL A 87 4.82 -6.61 -5.29
N LYS A 88 5.77 -6.99 -4.43
CA LYS A 88 5.43 -7.52 -3.12
C LYS A 88 5.40 -6.40 -2.07
N LEU A 89 4.29 -6.30 -1.35
CA LEU A 89 4.15 -5.28 -0.32
C LEU A 89 3.47 -5.85 0.92
N ASN A 90 3.93 -5.42 2.09
CA ASN A 90 3.36 -5.89 3.35
C ASN A 90 2.28 -4.94 3.86
N ILE A 91 1.07 -5.45 4.00
CA ILE A 91 -0.06 -4.65 4.46
C ILE A 91 -0.45 -5.04 5.90
N VAL A 92 -0.91 -4.05 6.66
CA VAL A 92 -1.33 -4.28 8.04
C VAL A 92 -2.49 -3.39 8.42
N SER A 93 -3.66 -4.01 8.59
CA SER A 93 -4.86 -3.27 8.96
C SER A 93 -4.54 -2.16 9.96
N GLY A 94 -4.86 -0.93 9.60
CA GLY A 94 -4.60 0.20 10.48
C GLY A 94 -5.15 -0.02 11.87
N PRO A 95 -5.06 1.02 12.72
CA PRO A 95 -5.55 0.97 14.10
C PRO A 95 -7.07 0.91 14.17
N SER A 96 -7.63 -0.29 14.04
CA SER A 96 -9.07 -0.47 14.08
C SER A 96 -9.59 -0.36 15.51
N SER A 97 -10.75 0.27 15.68
CA SER A 97 -11.35 0.45 16.99
C SER A 97 -12.11 -0.81 17.41
N GLY A 98 -12.38 -0.93 18.70
CA GLY A 98 -13.10 -2.08 19.22
C GLY A 98 -12.20 -3.03 19.99
N GLY A 1 -12.36 -5.64 13.42
CA GLY A 1 -11.79 -6.54 14.41
C GLY A 1 -11.00 -7.67 13.77
N SER A 2 -9.83 -7.34 13.22
CA SER A 2 -8.98 -8.32 12.58
C SER A 2 -9.65 -8.88 11.32
N SER A 3 -10.31 -8.00 10.57
CA SER A 3 -10.99 -8.41 9.35
C SER A 3 -10.31 -7.82 8.12
N GLY A 4 -9.19 -8.41 7.73
CA GLY A 4 -8.46 -7.93 6.57
C GLY A 4 -7.16 -8.68 6.35
N SER A 5 -6.67 -8.67 5.12
CA SER A 5 -5.43 -9.36 4.78
C SER A 5 -4.22 -8.58 5.27
N SER A 6 -3.86 -8.80 6.53
CA SER A 6 -2.72 -8.13 7.13
C SER A 6 -1.46 -8.98 7.04
N GLY A 7 -0.67 -8.75 6.00
CA GLY A 7 0.55 -9.52 5.80
C GLY A 7 1.17 -9.30 4.44
N ASP A 8 1.87 -10.30 3.94
CA ASP A 8 2.52 -10.21 2.64
C ASP A 8 1.48 -10.10 1.52
N VAL A 9 1.59 -9.04 0.71
CA VAL A 9 0.66 -8.82 -0.38
C VAL A 9 1.39 -8.76 -1.72
N PHE A 10 0.74 -9.22 -2.77
CA PHE A 10 1.33 -9.22 -4.11
C PHE A 10 0.38 -8.60 -5.12
N ILE A 11 0.73 -7.42 -5.61
CA ILE A 11 -0.09 -6.72 -6.59
C ILE A 11 0.36 -7.04 -8.02
N GLU A 12 -0.44 -7.84 -8.71
CA GLU A 12 -0.12 -8.22 -10.09
C GLU A 12 -0.77 -7.25 -11.08
N LYS A 13 0.06 -6.46 -11.75
CA LYS A 13 -0.42 -5.49 -12.73
C LYS A 13 0.38 -5.58 -14.02
N GLN A 14 0.09 -4.67 -14.96
CA GLN A 14 0.79 -4.65 -16.24
C GLN A 14 1.82 -3.54 -16.27
N LYS A 15 3.01 -3.86 -16.77
CA LYS A 15 4.10 -2.89 -16.86
C LYS A 15 3.65 -1.65 -17.62
N GLY A 16 4.18 -0.50 -17.25
CA GLY A 16 3.83 0.75 -17.90
C GLY A 16 2.68 1.46 -17.22
N GLU A 17 1.90 0.71 -16.44
CA GLU A 17 0.76 1.28 -15.73
C GLU A 17 1.12 1.59 -14.29
N ILE A 18 0.36 2.49 -13.68
CA ILE A 18 0.61 2.89 -12.30
C ILE A 18 -0.12 1.95 -11.32
N LEU A 19 0.22 2.06 -10.04
CA LEU A 19 -0.39 1.24 -9.02
C LEU A 19 -1.83 1.66 -8.76
N GLY A 20 -2.28 2.68 -9.50
CA GLY A 20 -3.64 3.16 -9.33
C GLY A 20 -4.10 3.11 -7.89
N VAL A 21 -3.33 3.73 -6.99
CA VAL A 21 -3.67 3.75 -5.58
C VAL A 21 -3.05 4.97 -4.89
N VAL A 22 -3.82 5.58 -4.00
CA VAL A 22 -3.35 6.75 -3.26
C VAL A 22 -2.97 6.39 -1.83
N ILE A 23 -1.92 7.02 -1.32
CA ILE A 23 -1.46 6.76 0.04
C ILE A 23 -1.30 8.06 0.82
N VAL A 24 -1.49 7.98 2.13
CA VAL A 24 -1.38 9.15 2.99
C VAL A 24 -0.67 8.81 4.30
N GLU A 25 -0.36 9.83 5.10
CA GLU A 25 0.31 9.62 6.37
C GLU A 25 -0.58 8.84 7.33
N SER A 26 -0.06 7.72 7.84
CA SER A 26 -0.79 6.87 8.76
C SER A 26 -0.66 7.38 10.20
N GLY A 27 -0.51 8.70 10.34
CA GLY A 27 -0.36 9.29 11.66
C GLY A 27 -1.65 9.24 12.46
N TRP A 28 -2.71 8.74 11.85
CA TRP A 28 -4.01 8.64 12.51
C TRP A 28 -4.04 7.48 13.49
N GLY A 29 -3.86 7.79 14.77
CA GLY A 29 -3.87 6.76 15.79
C GLY A 29 -3.25 5.47 15.31
N SER A 30 -1.93 5.46 15.18
CA SER A 30 -1.21 4.28 14.71
C SER A 30 0.16 4.17 15.38
N ILE A 31 0.72 2.97 15.40
CA ILE A 31 2.02 2.74 16.00
C ILE A 31 3.14 3.07 15.03
N LEU A 32 3.06 2.52 13.82
CA LEU A 32 4.07 2.76 12.80
C LEU A 32 3.52 3.66 11.69
N PRO A 33 3.73 4.97 11.83
CA PRO A 33 3.28 5.96 10.85
C PRO A 33 4.04 5.87 9.53
N THR A 34 3.61 4.95 8.67
CA THR A 34 4.26 4.76 7.37
C THR A 34 3.42 5.36 6.25
N VAL A 35 2.35 4.66 5.89
CA VAL A 35 1.46 5.11 4.83
C VAL A 35 0.26 4.19 4.68
N ILE A 36 -0.91 4.78 4.45
CA ILE A 36 -2.14 4.01 4.29
C ILE A 36 -2.89 4.42 3.02
N ILE A 37 -3.66 3.50 2.46
CA ILE A 37 -4.43 3.76 1.25
C ILE A 37 -5.54 4.78 1.53
N ALA A 38 -5.45 5.93 0.88
CA ALA A 38 -6.45 6.98 1.05
C ALA A 38 -7.56 6.85 0.02
N ASN A 39 -7.25 6.22 -1.12
CA ASN A 39 -8.23 6.03 -2.17
C ASN A 39 -7.68 5.10 -3.26
N MET A 40 -8.58 4.41 -3.96
CA MET A 40 -8.18 3.50 -5.02
C MET A 40 -8.78 3.93 -6.36
N MET A 41 -7.98 3.81 -7.42
CA MET A 41 -8.44 4.20 -8.76
C MET A 41 -9.61 3.32 -9.19
N HIS A 42 -10.42 3.85 -10.11
CA HIS A 42 -11.58 3.11 -10.61
C HIS A 42 -11.18 2.22 -11.79
N GLY A 43 -10.44 1.16 -11.49
CA GLY A 43 -10.00 0.24 -12.53
C GLY A 43 -8.51 0.01 -12.51
N GLY A 44 -7.87 0.37 -11.40
CA GLY A 44 -6.43 0.18 -11.27
C GLY A 44 -6.07 -1.20 -10.79
N PRO A 45 -4.76 -1.46 -10.65
CA PRO A 45 -4.25 -2.75 -10.18
C PRO A 45 -4.57 -3.01 -8.71
N ALA A 46 -4.44 -1.97 -7.90
CA ALA A 46 -4.71 -2.09 -6.47
C ALA A 46 -6.20 -2.31 -6.21
N GLU A 47 -7.05 -1.66 -7.01
CA GLU A 47 -8.49 -1.79 -6.87
C GLU A 47 -8.95 -3.18 -7.29
N LYS A 48 -8.28 -3.73 -8.29
CA LYS A 48 -8.63 -5.07 -8.80
C LYS A 48 -7.96 -6.15 -7.97
N SER A 49 -6.75 -5.86 -7.48
CA SER A 49 -6.01 -6.81 -6.67
C SER A 49 -6.80 -7.23 -5.43
N GLY A 50 -7.48 -6.26 -4.81
CA GLY A 50 -8.27 -6.55 -3.64
C GLY A 50 -7.43 -7.07 -2.48
N LYS A 51 -6.13 -6.83 -2.55
CA LYS A 51 -5.21 -7.28 -1.51
C LYS A 51 -5.19 -6.29 -0.35
N LEU A 52 -5.49 -5.03 -0.64
CA LEU A 52 -5.51 -3.99 0.38
C LEU A 52 -6.92 -3.44 0.58
N ASN A 53 -7.05 -2.45 1.46
CA ASN A 53 -8.34 -1.83 1.74
C ASN A 53 -8.16 -0.42 2.27
N ILE A 54 -9.15 0.44 1.99
CA ILE A 54 -9.11 1.82 2.44
C ILE A 54 -8.87 1.90 3.95
N GLY A 55 -7.66 2.27 4.34
CA GLY A 55 -7.33 2.38 5.75
C GLY A 55 -6.13 1.53 6.13
N ASP A 56 -5.82 0.53 5.31
CA ASP A 56 -4.69 -0.35 5.58
C ASP A 56 -3.38 0.37 5.34
N GLN A 57 -2.37 0.05 6.15
CA GLN A 57 -1.06 0.67 6.03
C GLN A 57 -0.04 -0.31 5.46
N ILE A 58 0.97 0.24 4.79
CA ILE A 58 2.01 -0.60 4.18
C ILE A 58 3.26 -0.64 5.06
N MET A 59 3.47 -1.77 5.71
CA MET A 59 4.63 -1.95 6.58
C MET A 59 5.93 -1.75 5.81
N SER A 60 5.96 -2.25 4.58
CA SER A 60 7.14 -2.13 3.73
C SER A 60 6.80 -2.42 2.27
N ILE A 61 7.72 -2.09 1.38
CA ILE A 61 7.52 -2.31 -0.05
C ILE A 61 8.64 -3.16 -0.64
N ASN A 62 8.33 -4.43 -0.90
CA ASN A 62 9.30 -5.35 -1.46
C ASN A 62 10.49 -5.53 -0.53
N GLY A 63 10.25 -5.36 0.77
CA GLY A 63 11.31 -5.50 1.75
C GLY A 63 11.93 -4.18 2.14
N THR A 64 11.26 -3.09 1.78
CA THR A 64 11.75 -1.75 2.08
C THR A 64 10.88 -1.07 3.13
N SER A 65 11.37 -1.01 4.36
CA SER A 65 10.63 -0.40 5.45
C SER A 65 10.38 1.08 5.18
N LEU A 66 9.16 1.52 5.42
CA LEU A 66 8.79 2.92 5.19
C LEU A 66 8.59 3.65 6.51
N VAL A 67 8.78 2.94 7.61
CA VAL A 67 8.63 3.53 8.94
C VAL A 67 9.60 4.69 9.14
N GLY A 68 9.03 5.88 9.38
CA GLY A 68 9.85 7.05 9.58
C GLY A 68 10.02 7.88 8.30
N LEU A 69 9.71 7.26 7.17
CA LEU A 69 9.83 7.93 5.88
C LEU A 69 8.65 8.88 5.65
N PRO A 70 8.94 10.04 5.03
CA PRO A 70 7.92 11.05 4.73
C PRO A 70 6.94 10.59 3.66
N LEU A 71 5.77 11.22 3.63
CA LEU A 71 4.74 10.88 2.65
C LEU A 71 5.28 11.03 1.22
N SER A 72 6.15 12.01 1.03
CA SER A 72 6.73 12.26 -0.29
C SER A 72 7.67 11.13 -0.69
N THR A 73 8.49 10.68 0.26
CA THR A 73 9.44 9.61 0.02
C THR A 73 8.72 8.30 -0.28
N CYS A 74 7.91 7.85 0.67
CA CYS A 74 7.16 6.61 0.51
C CYS A 74 6.47 6.56 -0.84
N GLN A 75 5.81 7.66 -1.21
CA GLN A 75 5.10 7.73 -2.48
C GLN A 75 6.04 7.45 -3.64
N SER A 76 7.23 8.03 -3.60
CA SER A 76 8.22 7.83 -4.66
C SER A 76 8.53 6.35 -4.84
N ILE A 77 8.92 5.70 -3.75
CA ILE A 77 9.24 4.27 -3.79
C ILE A 77 8.13 3.47 -4.45
N ILE A 78 6.94 4.05 -4.49
CA ILE A 78 5.79 3.38 -5.10
C ILE A 78 5.63 3.79 -6.56
N LYS A 79 6.19 4.94 -6.91
CA LYS A 79 6.13 5.45 -8.27
C LYS A 79 7.04 4.65 -9.19
N GLY A 80 8.07 4.04 -8.62
CA GLY A 80 9.01 3.27 -9.41
C GLY A 80 8.61 1.80 -9.49
N LEU A 81 7.31 1.55 -9.44
CA LEU A 81 6.79 0.19 -9.51
C LEU A 81 6.07 -0.06 -10.83
N LYS A 82 5.83 1.02 -11.57
CA LYS A 82 5.15 0.93 -12.87
C LYS A 82 5.90 0.01 -13.82
N ASN A 83 7.21 -0.12 -13.59
CA ASN A 83 8.04 -0.97 -14.43
C ASN A 83 8.10 -2.40 -13.88
N GLN A 84 7.28 -2.67 -12.87
CA GLN A 84 7.22 -3.98 -12.25
C GLN A 84 5.80 -4.51 -12.18
N SER A 85 5.53 -5.59 -12.91
CA SER A 85 4.21 -6.18 -12.95
C SER A 85 3.84 -6.76 -11.58
N ARG A 86 4.66 -7.68 -11.10
CA ARG A 86 4.43 -8.31 -9.81
C ARG A 86 5.26 -7.64 -8.71
N VAL A 87 4.58 -6.92 -7.83
CA VAL A 87 5.27 -6.23 -6.73
C VAL A 87 4.79 -6.76 -5.38
N LYS A 88 5.75 -6.97 -4.48
CA LYS A 88 5.44 -7.47 -3.15
C LYS A 88 5.42 -6.34 -2.12
N LEU A 89 4.35 -6.27 -1.34
CA LEU A 89 4.22 -5.23 -0.32
C LEU A 89 3.58 -5.79 0.95
N ASN A 90 4.03 -5.31 2.10
CA ASN A 90 3.50 -5.76 3.38
C ASN A 90 2.40 -4.82 3.87
N ILE A 91 1.17 -5.31 3.86
CA ILE A 91 0.03 -4.52 4.32
C ILE A 91 -0.42 -4.94 5.71
N VAL A 92 -0.89 -3.98 6.50
CA VAL A 92 -1.35 -4.25 7.85
C VAL A 92 -2.55 -3.38 8.20
N SER A 93 -3.73 -3.99 8.32
CA SER A 93 -4.95 -3.27 8.64
C SER A 93 -4.69 -2.25 9.76
N GLY A 94 -4.81 -0.97 9.42
CA GLY A 94 -4.58 0.07 10.40
C GLY A 94 -5.04 -0.33 11.79
N PRO A 95 -4.31 0.14 12.81
CA PRO A 95 -4.62 -0.16 14.22
C PRO A 95 -5.90 0.52 14.68
N SER A 96 -7.01 -0.21 14.66
CA SER A 96 -8.29 0.34 15.07
C SER A 96 -9.17 -0.75 15.67
N SER A 97 -10.15 -0.35 16.47
CA SER A 97 -11.06 -1.29 17.11
C SER A 97 -12.46 -0.69 17.23
N GLY A 98 -13.47 -1.54 17.05
CA GLY A 98 -14.85 -1.08 17.14
C GLY A 98 -15.77 -2.12 17.75
N GLY A 1 -14.56 -3.21 10.82
CA GLY A 1 -14.73 -4.35 9.94
C GLY A 1 -13.87 -5.53 10.36
N SER A 2 -13.98 -6.62 9.61
CA SER A 2 -13.20 -7.83 9.91
C SER A 2 -12.32 -8.22 8.73
N SER A 3 -12.91 -8.28 7.55
CA SER A 3 -12.18 -8.63 6.34
C SER A 3 -11.01 -7.69 6.11
N GLY A 4 -9.80 -8.24 6.10
CA GLY A 4 -8.61 -7.42 5.89
C GLY A 4 -7.35 -8.08 6.40
N SER A 5 -7.13 -9.33 5.99
CA SER A 5 -5.95 -10.08 6.42
C SER A 5 -4.69 -9.22 6.30
N SER A 6 -3.90 -9.21 7.36
CA SER A 6 -2.66 -8.43 7.39
C SER A 6 -1.45 -9.33 7.17
N GLY A 7 -0.74 -9.10 6.08
CA GLY A 7 0.44 -9.90 5.78
C GLY A 7 1.06 -9.54 4.44
N ASP A 8 1.85 -10.46 3.90
CA ASP A 8 2.51 -10.22 2.61
C ASP A 8 1.48 -10.11 1.48
N VAL A 9 1.53 -9.00 0.76
CA VAL A 9 0.60 -8.77 -0.34
C VAL A 9 1.35 -8.72 -1.68
N PHE A 10 0.69 -9.20 -2.73
CA PHE A 10 1.29 -9.21 -4.06
C PHE A 10 0.34 -8.59 -5.08
N ILE A 11 0.70 -7.42 -5.58
CA ILE A 11 -0.11 -6.71 -6.57
C ILE A 11 0.32 -7.06 -7.98
N GLU A 12 -0.51 -7.82 -8.68
CA GLU A 12 -0.21 -8.23 -10.05
C GLU A 12 -0.76 -7.21 -11.05
N LYS A 13 0.14 -6.46 -11.69
CA LYS A 13 -0.26 -5.47 -12.66
C LYS A 13 0.60 -5.56 -13.92
N GLN A 14 0.41 -4.63 -14.83
CA GLN A 14 1.16 -4.60 -16.09
C GLN A 14 2.17 -3.46 -16.10
N LYS A 15 3.35 -3.72 -16.64
CA LYS A 15 4.40 -2.71 -16.71
C LYS A 15 3.96 -1.52 -17.56
N GLY A 16 4.39 -0.32 -17.18
CA GLY A 16 4.03 0.86 -17.93
C GLY A 16 2.92 1.66 -17.25
N GLU A 17 2.04 0.95 -16.55
CA GLU A 17 0.93 1.59 -15.85
C GLU A 17 1.25 1.80 -14.38
N ILE A 18 0.52 2.70 -13.74
CA ILE A 18 0.73 2.99 -12.32
C ILE A 18 0.00 1.98 -11.44
N LEU A 19 0.27 2.04 -10.14
CA LEU A 19 -0.36 1.13 -9.20
C LEU A 19 -1.80 1.55 -8.90
N GLY A 20 -2.29 2.54 -9.66
CA GLY A 20 -3.63 3.02 -9.47
C GLY A 20 -4.07 2.98 -8.02
N VAL A 21 -3.29 3.62 -7.15
CA VAL A 21 -3.60 3.65 -5.73
C VAL A 21 -3.04 4.91 -5.07
N VAL A 22 -3.74 5.41 -4.06
CA VAL A 22 -3.32 6.61 -3.35
C VAL A 22 -2.95 6.29 -1.91
N ILE A 23 -1.92 6.96 -1.40
CA ILE A 23 -1.48 6.76 -0.03
C ILE A 23 -1.37 8.08 0.73
N VAL A 24 -1.48 8.01 2.05
CA VAL A 24 -1.40 9.21 2.88
C VAL A 24 -0.70 8.91 4.20
N GLU A 25 -0.42 9.95 4.97
CA GLU A 25 0.26 9.80 6.25
C GLU A 25 -0.53 8.88 7.18
N SER A 26 0.15 7.90 7.75
CA SER A 26 -0.49 6.94 8.64
C SER A 26 -0.63 7.53 10.04
N GLY A 27 -0.39 8.83 10.17
CA GLY A 27 -0.49 9.50 11.45
C GLY A 27 -1.92 9.65 11.91
N TRP A 28 -2.54 8.53 12.28
CA TRP A 28 -3.93 8.54 12.74
C TRP A 28 -4.08 7.73 14.02
N GLY A 29 -3.12 7.88 14.93
CA GLY A 29 -3.17 7.15 16.18
C GLY A 29 -2.70 5.72 16.04
N SER A 30 -1.84 5.48 15.05
CA SER A 30 -1.32 4.13 14.80
C SER A 30 0.03 3.94 15.48
N ILE A 31 0.56 2.73 15.40
CA ILE A 31 1.86 2.43 16.01
C ILE A 31 3.01 2.85 15.10
N LEU A 32 3.08 2.23 13.93
CA LEU A 32 4.14 2.55 12.97
C LEU A 32 3.61 3.45 11.86
N PRO A 33 3.86 4.76 11.99
CA PRO A 33 3.43 5.76 11.02
C PRO A 33 4.19 5.66 9.70
N THR A 34 3.66 4.85 8.78
CA THR A 34 4.29 4.67 7.48
C THR A 34 3.45 5.28 6.37
N VAL A 35 2.37 4.60 6.00
CA VAL A 35 1.47 5.08 4.95
C VAL A 35 0.26 4.16 4.79
N ILE A 36 -0.89 4.76 4.51
CA ILE A 36 -2.12 4.00 4.33
C ILE A 36 -2.83 4.40 3.05
N ILE A 37 -3.65 3.49 2.52
CA ILE A 37 -4.39 3.75 1.30
C ILE A 37 -5.50 4.76 1.52
N ALA A 38 -5.46 5.86 0.78
CA ALA A 38 -6.46 6.91 0.89
C ALA A 38 -7.58 6.72 -0.12
N ASN A 39 -7.24 6.12 -1.26
CA ASN A 39 -8.22 5.87 -2.32
C ASN A 39 -7.67 4.88 -3.34
N MET A 40 -8.58 4.21 -4.03
CA MET A 40 -8.19 3.23 -5.06
C MET A 40 -8.76 3.61 -6.42
N MET A 41 -7.90 3.62 -7.42
CA MET A 41 -8.31 3.96 -8.79
C MET A 41 -9.45 3.06 -9.25
N HIS A 42 -10.46 3.65 -9.88
CA HIS A 42 -11.60 2.90 -10.37
C HIS A 42 -11.23 2.09 -11.61
N GLY A 43 -10.50 1.00 -11.40
CA GLY A 43 -10.09 0.15 -12.50
C GLY A 43 -8.59 -0.04 -12.56
N GLY A 44 -7.92 0.15 -11.42
CA GLY A 44 -6.48 -0.01 -11.36
C GLY A 44 -6.07 -1.37 -10.85
N PRO A 45 -4.75 -1.57 -10.68
CA PRO A 45 -4.19 -2.83 -10.19
C PRO A 45 -4.52 -3.07 -8.72
N ALA A 46 -4.48 -2.01 -7.92
CA ALA A 46 -4.76 -2.10 -6.50
C ALA A 46 -6.26 -2.28 -6.25
N GLU A 47 -7.07 -1.62 -7.07
CA GLU A 47 -8.52 -1.70 -6.94
C GLU A 47 -9.02 -3.09 -7.30
N LYS A 48 -8.33 -3.73 -8.24
CA LYS A 48 -8.70 -5.07 -8.68
C LYS A 48 -8.04 -6.14 -7.82
N SER A 49 -6.81 -5.87 -7.40
CA SER A 49 -6.06 -6.81 -6.56
C SER A 49 -6.90 -7.25 -5.37
N GLY A 50 -7.57 -6.30 -4.73
CA GLY A 50 -8.40 -6.61 -3.58
C GLY A 50 -7.59 -7.13 -2.41
N LYS A 51 -6.29 -6.85 -2.41
CA LYS A 51 -5.41 -7.29 -1.34
C LYS A 51 -5.43 -6.30 -0.18
N LEU A 52 -5.56 -5.02 -0.50
CA LEU A 52 -5.59 -3.98 0.52
C LEU A 52 -6.99 -3.40 0.66
N ASN A 53 -7.13 -2.40 1.53
CA ASN A 53 -8.41 -1.76 1.76
C ASN A 53 -8.22 -0.35 2.32
N ILE A 54 -9.15 0.54 1.98
CA ILE A 54 -9.09 1.93 2.46
C ILE A 54 -8.86 1.97 3.96
N GLY A 55 -7.64 2.33 4.35
CA GLY A 55 -7.31 2.41 5.77
C GLY A 55 -6.11 1.56 6.14
N ASP A 56 -5.85 0.54 5.34
CA ASP A 56 -4.72 -0.35 5.59
C ASP A 56 -3.40 0.38 5.39
N GLN A 57 -2.40 0.03 6.21
CA GLN A 57 -1.09 0.65 6.12
C GLN A 57 -0.06 -0.33 5.59
N ILE A 58 1.00 0.21 4.98
CA ILE A 58 2.06 -0.63 4.42
C ILE A 58 3.27 -0.66 5.34
N MET A 59 3.64 -1.85 5.80
CA MET A 59 4.78 -2.03 6.68
C MET A 59 6.08 -1.83 5.93
N SER A 60 6.12 -2.31 4.68
CA SER A 60 7.31 -2.20 3.86
C SER A 60 6.99 -2.43 2.38
N ILE A 61 7.93 -2.14 1.51
CA ILE A 61 7.74 -2.33 0.08
C ILE A 61 8.86 -3.18 -0.52
N ASN A 62 8.52 -4.41 -0.89
CA ASN A 62 9.49 -5.33 -1.48
C ASN A 62 10.70 -5.50 -0.57
N GLY A 63 10.47 -5.36 0.74
CA GLY A 63 11.56 -5.50 1.70
C GLY A 63 12.18 -4.18 2.06
N THR A 64 11.44 -3.09 1.82
CA THR A 64 11.94 -1.76 2.14
C THR A 64 11.03 -1.06 3.14
N SER A 65 11.38 -1.16 4.43
CA SER A 65 10.60 -0.54 5.48
C SER A 65 10.33 0.93 5.17
N LEU A 66 9.14 1.39 5.53
CA LEU A 66 8.75 2.78 5.29
C LEU A 66 8.64 3.55 6.60
N VAL A 67 8.71 2.82 7.71
CA VAL A 67 8.62 3.43 9.03
C VAL A 67 9.61 4.58 9.18
N GLY A 68 9.09 5.79 9.35
CA GLY A 68 9.94 6.96 9.50
C GLY A 68 10.00 7.79 8.24
N LEU A 69 9.95 7.13 7.09
CA LEU A 69 10.01 7.82 5.81
C LEU A 69 8.78 8.71 5.61
N PRO A 70 8.99 9.89 4.99
CA PRO A 70 7.91 10.84 4.73
C PRO A 70 6.94 10.35 3.67
N LEU A 71 5.75 10.95 3.63
CA LEU A 71 4.73 10.57 2.67
C LEU A 71 5.23 10.76 1.24
N SER A 72 5.95 11.85 1.02
CA SER A 72 6.49 12.15 -0.30
C SER A 72 7.46 11.08 -0.75
N THR A 73 8.31 10.63 0.17
CA THR A 73 9.29 9.59 -0.13
C THR A 73 8.62 8.25 -0.39
N CYS A 74 7.90 7.75 0.60
CA CYS A 74 7.21 6.47 0.48
C CYS A 74 6.48 6.38 -0.86
N GLN A 75 5.88 7.48 -1.29
CA GLN A 75 5.16 7.52 -2.54
C GLN A 75 6.08 7.17 -3.72
N SER A 76 7.19 7.89 -3.81
CA SER A 76 8.15 7.66 -4.89
C SER A 76 8.46 6.17 -5.04
N ILE A 77 8.67 5.51 -3.90
CA ILE A 77 8.97 4.08 -3.89
C ILE A 77 7.82 3.27 -4.50
N ILE A 78 6.61 3.78 -4.34
CA ILE A 78 5.42 3.11 -4.87
C ILE A 78 5.18 3.48 -6.32
N LYS A 79 5.71 4.64 -6.73
CA LYS A 79 5.56 5.11 -8.10
C LYS A 79 6.53 4.41 -9.03
N GLY A 80 7.64 3.92 -8.47
CA GLY A 80 8.63 3.23 -9.27
C GLY A 80 8.27 1.78 -9.52
N LEU A 81 7.00 1.46 -9.37
CA LEU A 81 6.52 0.09 -9.57
C LEU A 81 5.85 -0.05 -10.93
N LYS A 82 5.65 1.08 -11.61
CA LYS A 82 5.02 1.09 -12.93
C LYS A 82 5.82 0.26 -13.92
N ASN A 83 7.14 0.48 -13.94
CA ASN A 83 8.02 -0.25 -14.84
C ASN A 83 7.97 -1.76 -14.56
N GLN A 84 7.42 -2.11 -13.40
CA GLN A 84 7.31 -3.51 -13.01
C GLN A 84 5.85 -3.94 -12.92
N SER A 85 5.60 -5.24 -13.13
CA SER A 85 4.25 -5.77 -13.08
C SER A 85 3.94 -6.32 -11.69
N ARG A 86 4.70 -7.32 -11.27
CA ARG A 86 4.51 -7.94 -9.96
C ARG A 86 5.30 -7.20 -8.90
N VAL A 87 4.64 -6.89 -7.78
CA VAL A 87 5.28 -6.18 -6.69
C VAL A 87 4.82 -6.72 -5.34
N LYS A 88 5.77 -6.94 -4.43
CA LYS A 88 5.45 -7.45 -3.10
C LYS A 88 5.46 -6.33 -2.07
N LEU A 89 4.39 -6.26 -1.28
CA LEU A 89 4.27 -5.24 -0.24
C LEU A 89 3.59 -5.80 0.99
N ASN A 90 4.07 -5.38 2.16
CA ASN A 90 3.50 -5.83 3.43
C ASN A 90 2.42 -4.87 3.91
N ILE A 91 1.20 -5.40 4.07
CA ILE A 91 0.07 -4.59 4.53
C ILE A 91 -0.34 -4.99 5.94
N VAL A 92 -0.80 -4.01 6.71
CA VAL A 92 -1.22 -4.25 8.08
C VAL A 92 -2.40 -3.34 8.46
N SER A 93 -3.58 -3.93 8.58
CA SER A 93 -4.79 -3.18 8.92
C SER A 93 -4.45 -2.05 9.90
N GLY A 94 -4.66 -0.82 9.46
CA GLY A 94 -4.38 0.32 10.30
C GLY A 94 -5.12 0.27 11.63
N PRO A 95 -5.20 1.42 12.31
CA PRO A 95 -5.89 1.51 13.61
C PRO A 95 -7.40 1.36 13.48
N SER A 96 -8.10 1.63 14.57
CA SER A 96 -9.56 1.52 14.58
C SER A 96 -10.18 2.58 15.48
N SER A 97 -10.90 3.51 14.87
CA SER A 97 -11.54 4.59 15.61
C SER A 97 -10.58 5.23 16.60
N GLY A 98 -9.34 5.43 16.17
CA GLY A 98 -8.33 6.02 17.03
C GLY A 98 -7.53 4.98 17.79
N GLY A 1 -8.93 -16.52 -6.01
CA GLY A 1 -9.48 -16.43 -4.67
C GLY A 1 -9.00 -15.19 -3.94
N SER A 2 -9.94 -14.33 -3.58
CA SER A 2 -9.61 -13.10 -2.87
C SER A 2 -9.70 -13.29 -1.36
N SER A 3 -8.59 -13.72 -0.77
CA SER A 3 -8.54 -13.95 0.68
C SER A 3 -7.12 -13.73 1.20
N GLY A 4 -7.00 -12.83 2.18
CA GLY A 4 -5.70 -12.54 2.76
C GLY A 4 -5.53 -11.08 3.11
N SER A 5 -5.22 -10.81 4.38
CA SER A 5 -5.04 -9.45 4.85
C SER A 5 -4.04 -9.40 6.00
N SER A 6 -3.63 -8.19 6.37
CA SER A 6 -2.68 -7.99 7.45
C SER A 6 -1.48 -8.91 7.28
N GLY A 7 -0.94 -8.96 6.07
CA GLY A 7 0.21 -9.80 5.79
C GLY A 7 0.83 -9.51 4.43
N ASP A 8 1.71 -10.40 3.98
CA ASP A 8 2.37 -10.23 2.69
C ASP A 8 1.35 -10.10 1.57
N VAL A 9 1.47 -9.04 0.78
CA VAL A 9 0.56 -8.80 -0.33
C VAL A 9 1.31 -8.77 -1.66
N PHE A 10 0.65 -9.23 -2.71
CA PHE A 10 1.25 -9.25 -4.04
C PHE A 10 0.32 -8.62 -5.08
N ILE A 11 0.71 -7.44 -5.56
CA ILE A 11 -0.08 -6.73 -6.55
C ILE A 11 0.37 -7.06 -7.97
N GLU A 12 -0.47 -7.81 -8.69
CA GLU A 12 -0.15 -8.21 -10.05
C GLU A 12 -0.70 -7.19 -11.05
N LYS A 13 0.20 -6.44 -11.68
CA LYS A 13 -0.18 -5.43 -12.66
C LYS A 13 0.68 -5.53 -13.91
N GLN A 14 0.49 -4.59 -14.84
CA GLN A 14 1.25 -4.59 -16.08
C GLN A 14 2.25 -3.43 -16.09
N LYS A 15 3.38 -3.66 -16.73
CA LYS A 15 4.43 -2.64 -16.82
C LYS A 15 3.89 -1.37 -17.47
N GLY A 16 4.52 -0.23 -17.15
CA GLY A 16 4.09 1.03 -17.70
C GLY A 16 2.92 1.62 -16.96
N GLU A 17 2.07 0.77 -16.41
CA GLU A 17 0.89 1.21 -15.67
C GLU A 17 1.26 1.53 -14.22
N ILE A 18 0.45 2.38 -13.60
CA ILE A 18 0.68 2.76 -12.20
C ILE A 18 -0.05 1.83 -11.24
N LEU A 19 0.23 1.98 -9.96
CA LEU A 19 -0.40 1.15 -8.93
C LEU A 19 -1.85 1.58 -8.71
N GLY A 20 -2.30 2.55 -9.50
CA GLY A 20 -3.67 3.03 -9.38
C GLY A 20 -4.15 3.03 -7.94
N VAL A 21 -3.35 3.61 -7.05
CA VAL A 21 -3.70 3.68 -5.64
C VAL A 21 -3.09 4.92 -4.98
N VAL A 22 -3.85 5.53 -4.07
CA VAL A 22 -3.39 6.72 -3.36
C VAL A 22 -3.03 6.39 -1.92
N ILE A 23 -1.97 7.03 -1.42
CA ILE A 23 -1.53 6.80 -0.04
C ILE A 23 -1.42 8.12 0.71
N VAL A 24 -1.34 8.03 2.03
CA VAL A 24 -1.23 9.22 2.88
C VAL A 24 -0.53 8.89 4.19
N GLU A 25 -0.31 9.92 5.00
CA GLU A 25 0.35 9.74 6.29
C GLU A 25 -0.47 8.82 7.20
N SER A 26 0.19 7.83 7.77
CA SER A 26 -0.48 6.88 8.66
C SER A 26 -0.48 7.39 10.10
N GLY A 27 -0.43 8.71 10.26
CA GLY A 27 -0.41 9.30 11.58
C GLY A 27 -1.81 9.57 12.11
N TRP A 28 -2.67 8.58 12.02
CA TRP A 28 -4.05 8.72 12.49
C TRP A 28 -4.28 7.92 13.77
N GLY A 29 -3.25 7.87 14.61
CA GLY A 29 -3.36 7.13 15.87
C GLY A 29 -2.93 5.68 15.73
N SER A 30 -1.91 5.45 14.91
CA SER A 30 -1.40 4.10 14.69
C SER A 30 -0.05 3.91 15.37
N ILE A 31 0.42 2.66 15.38
CA ILE A 31 1.70 2.34 16.00
C ILE A 31 2.86 2.74 15.10
N LEU A 32 2.93 2.15 13.92
CA LEU A 32 3.99 2.46 12.97
C LEU A 32 3.48 3.38 11.87
N PRO A 33 3.74 4.68 12.02
CA PRO A 33 3.32 5.69 11.04
C PRO A 33 4.09 5.60 9.74
N THR A 34 3.60 4.77 8.83
CA THR A 34 4.25 4.59 7.54
C THR A 34 3.43 5.21 6.41
N VAL A 35 2.35 4.54 6.03
CA VAL A 35 1.47 5.02 4.97
C VAL A 35 0.26 4.12 4.80
N ILE A 36 -0.89 4.72 4.51
CA ILE A 36 -2.12 3.98 4.31
C ILE A 36 -2.82 4.39 3.03
N ILE A 37 -3.70 3.53 2.53
CA ILE A 37 -4.43 3.81 1.30
C ILE A 37 -5.53 4.84 1.55
N ALA A 38 -5.45 5.95 0.82
CA ALA A 38 -6.44 7.02 0.96
C ALA A 38 -7.58 6.84 -0.04
N ASN A 39 -7.28 6.23 -1.18
CA ASN A 39 -8.27 6.01 -2.22
C ASN A 39 -7.75 5.02 -3.26
N MET A 40 -8.66 4.25 -3.85
CA MET A 40 -8.29 3.28 -4.87
C MET A 40 -8.93 3.62 -6.21
N MET A 41 -8.12 3.67 -7.26
CA MET A 41 -8.61 3.99 -8.60
C MET A 41 -9.78 3.08 -8.98
N HIS A 42 -10.65 3.58 -9.86
CA HIS A 42 -11.80 2.83 -10.30
C HIS A 42 -11.44 1.93 -11.48
N GLY A 43 -10.23 1.37 -11.45
CA GLY A 43 -9.79 0.50 -12.51
C GLY A 43 -8.28 0.28 -12.51
N GLY A 44 -7.69 0.28 -11.31
CA GLY A 44 -6.26 0.10 -11.19
C GLY A 44 -5.90 -1.29 -10.71
N PRO A 45 -4.59 -1.54 -10.57
CA PRO A 45 -4.08 -2.84 -10.10
C PRO A 45 -4.40 -3.10 -8.64
N ALA A 46 -4.38 -2.04 -7.84
CA ALA A 46 -4.67 -2.15 -6.41
C ALA A 46 -6.17 -2.37 -6.16
N GLU A 47 -6.99 -1.60 -6.88
CA GLU A 47 -8.44 -1.70 -6.73
C GLU A 47 -8.93 -3.08 -7.16
N LYS A 48 -8.24 -3.68 -8.13
CA LYS A 48 -8.61 -4.99 -8.63
C LYS A 48 -7.97 -6.09 -7.80
N SER A 49 -6.76 -5.82 -7.30
CA SER A 49 -6.04 -6.79 -6.48
C SER A 49 -6.88 -7.23 -5.29
N GLY A 50 -7.59 -6.28 -4.69
CA GLY A 50 -8.42 -6.58 -3.54
C GLY A 50 -7.62 -7.09 -2.36
N LYS A 51 -6.31 -6.89 -2.42
CA LYS A 51 -5.42 -7.34 -1.35
C LYS A 51 -5.42 -6.35 -0.19
N LEU A 52 -5.63 -5.08 -0.52
CA LEU A 52 -5.66 -4.02 0.50
C LEU A 52 -7.06 -3.43 0.64
N ASN A 53 -7.20 -2.45 1.53
CA ASN A 53 -8.49 -1.80 1.75
C ASN A 53 -8.29 -0.39 2.29
N ILE A 54 -9.23 0.50 1.97
CA ILE A 54 -9.16 1.88 2.42
C ILE A 54 -8.91 1.95 3.91
N GLY A 55 -7.69 2.34 4.28
CA GLY A 55 -7.34 2.44 5.69
C GLY A 55 -6.12 1.62 6.05
N ASP A 56 -5.92 0.52 5.34
CA ASP A 56 -4.77 -0.35 5.59
C ASP A 56 -3.46 0.41 5.44
N GLN A 57 -2.45 -0.02 6.17
CA GLN A 57 -1.14 0.64 6.12
C GLN A 57 -0.09 -0.32 5.59
N ILE A 58 0.92 0.23 4.91
CA ILE A 58 2.00 -0.58 4.35
C ILE A 58 3.22 -0.57 5.26
N MET A 59 3.64 -1.76 5.69
CA MET A 59 4.81 -1.89 6.56
C MET A 59 6.10 -1.69 5.78
N SER A 60 6.17 -2.30 4.59
CA SER A 60 7.35 -2.19 3.75
C SER A 60 6.99 -2.35 2.28
N ILE A 61 7.97 -2.18 1.41
CA ILE A 61 7.75 -2.32 -0.03
C ILE A 61 8.86 -3.13 -0.68
N ASN A 62 8.56 -4.39 -0.98
CA ASN A 62 9.54 -5.28 -1.61
C ASN A 62 10.80 -5.40 -0.75
N GLY A 63 10.65 -5.16 0.54
CA GLY A 63 11.79 -5.23 1.45
C GLY A 63 12.34 -3.87 1.81
N THR A 64 11.56 -2.82 1.53
CA THR A 64 11.97 -1.46 1.83
C THR A 64 11.11 -0.85 2.92
N SER A 65 11.59 -0.90 4.16
CA SER A 65 10.85 -0.36 5.29
C SER A 65 10.45 1.10 5.02
N LEU A 66 9.21 1.44 5.37
CA LEU A 66 8.70 2.78 5.17
C LEU A 66 8.65 3.54 6.49
N VAL A 67 8.43 2.81 7.58
CA VAL A 67 8.35 3.42 8.90
C VAL A 67 9.37 4.54 9.06
N GLY A 68 8.89 5.75 9.30
CA GLY A 68 9.78 6.88 9.46
C GLY A 68 9.87 7.74 8.21
N LEU A 69 9.90 7.10 7.06
CA LEU A 69 9.98 7.80 5.78
C LEU A 69 8.76 8.70 5.57
N PRO A 70 8.99 9.86 4.96
CA PRO A 70 7.91 10.83 4.68
C PRO A 70 6.95 10.32 3.61
N LEU A 71 5.74 10.89 3.60
CA LEU A 71 4.73 10.50 2.63
C LEU A 71 5.23 10.72 1.21
N SER A 72 5.95 11.80 1.00
CA SER A 72 6.50 12.12 -0.32
C SER A 72 7.47 11.05 -0.78
N THR A 73 8.35 10.64 0.12
CA THR A 73 9.34 9.61 -0.19
C THR A 73 8.69 8.26 -0.44
N CYS A 74 7.94 7.78 0.54
CA CYS A 74 7.25 6.50 0.43
C CYS A 74 6.56 6.38 -0.93
N GLN A 75 5.93 7.46 -1.37
CA GLN A 75 5.23 7.47 -2.64
C GLN A 75 6.16 7.10 -3.78
N SER A 76 7.32 7.75 -3.82
CA SER A 76 8.31 7.49 -4.87
C SER A 76 8.63 6.00 -4.96
N ILE A 77 8.80 5.36 -3.81
CA ILE A 77 9.10 3.94 -3.75
C ILE A 77 7.94 3.11 -4.30
N ILE A 78 6.76 3.71 -4.33
CA ILE A 78 5.58 3.03 -4.84
C ILE A 78 5.30 3.39 -6.30
N LYS A 79 5.76 4.57 -6.70
CA LYS A 79 5.57 5.04 -8.07
C LYS A 79 6.57 4.38 -9.01
N GLY A 80 7.68 3.91 -8.45
CA GLY A 80 8.70 3.26 -9.25
C GLY A 80 8.36 1.81 -9.56
N LEU A 81 7.14 1.41 -9.23
CA LEU A 81 6.70 0.05 -9.48
C LEU A 81 5.95 -0.06 -10.81
N LYS A 82 5.82 1.07 -11.49
CA LYS A 82 5.14 1.11 -12.78
C LYS A 82 5.91 0.34 -13.83
N ASN A 83 7.23 0.36 -13.73
CA ASN A 83 8.09 -0.34 -14.68
C ASN A 83 8.06 -1.84 -14.42
N GLN A 84 7.42 -2.24 -13.33
CA GLN A 84 7.32 -3.65 -12.97
C GLN A 84 5.86 -4.10 -12.93
N SER A 85 5.63 -5.36 -13.30
CA SER A 85 4.28 -5.91 -13.31
C SER A 85 3.88 -6.38 -11.91
N ARG A 86 4.63 -7.35 -11.39
CA ARG A 86 4.34 -7.88 -10.06
C ARG A 86 5.16 -7.16 -8.99
N VAL A 87 4.51 -6.85 -7.87
CA VAL A 87 5.16 -6.15 -6.77
C VAL A 87 4.75 -6.73 -5.43
N LYS A 88 5.71 -6.89 -4.53
CA LYS A 88 5.45 -7.43 -3.20
C LYS A 88 5.45 -6.32 -2.15
N LEU A 89 4.41 -6.27 -1.34
CA LEU A 89 4.30 -5.27 -0.29
C LEU A 89 3.62 -5.85 0.95
N ASN A 90 4.04 -5.37 2.12
CA ASN A 90 3.47 -5.84 3.38
C ASN A 90 2.40 -4.88 3.89
N ILE A 91 1.19 -5.40 4.07
CA ILE A 91 0.08 -4.58 4.54
C ILE A 91 -0.31 -4.97 5.96
N VAL A 92 -0.78 -3.99 6.74
CA VAL A 92 -1.20 -4.24 8.11
C VAL A 92 -2.38 -3.34 8.50
N SER A 93 -3.55 -3.96 8.66
CA SER A 93 -4.75 -3.22 9.02
C SER A 93 -4.42 -2.07 9.97
N GLY A 94 -4.63 -0.85 9.50
CA GLY A 94 -4.35 0.32 10.31
C GLY A 94 -5.10 0.30 11.64
N PRO A 95 -5.19 1.47 12.28
CA PRO A 95 -5.89 1.61 13.56
C PRO A 95 -7.39 1.45 13.43
N SER A 96 -7.96 2.07 12.40
CA SER A 96 -9.39 2.00 12.15
C SER A 96 -9.74 2.51 10.76
N SER A 97 -10.85 2.02 10.21
CA SER A 97 -11.30 2.42 8.88
C SER A 97 -11.87 3.82 8.90
N GLY A 98 -11.37 4.68 8.01
CA GLY A 98 -11.85 6.05 7.93
C GLY A 98 -12.39 6.40 6.56
N GLY A 1 -11.73 -14.85 -3.21
CA GLY A 1 -10.41 -15.04 -2.62
C GLY A 1 -10.45 -15.20 -1.11
N SER A 2 -10.86 -16.39 -0.67
CA SER A 2 -10.95 -16.67 0.77
C SER A 2 -9.79 -16.04 1.53
N SER A 3 -8.59 -16.16 0.97
CA SER A 3 -7.40 -15.59 1.59
C SER A 3 -7.41 -14.07 1.50
N GLY A 4 -6.94 -13.42 2.57
CA GLY A 4 -6.91 -11.97 2.59
C GLY A 4 -6.90 -11.42 4.01
N SER A 5 -5.71 -11.02 4.47
CA SER A 5 -5.56 -10.48 5.82
C SER A 5 -4.19 -9.85 5.99
N SER A 6 -4.05 -9.02 7.03
CA SER A 6 -2.80 -8.34 7.31
C SER A 6 -1.61 -9.29 7.09
N GLY A 7 -0.85 -9.04 6.03
CA GLY A 7 0.30 -9.87 5.73
C GLY A 7 0.93 -9.53 4.39
N ASP A 8 1.72 -10.45 3.87
CA ASP A 8 2.39 -10.24 2.58
C ASP A 8 1.37 -10.12 1.46
N VAL A 9 1.50 -9.05 0.67
CA VAL A 9 0.59 -8.81 -0.44
C VAL A 9 1.35 -8.76 -1.77
N PHE A 10 0.69 -9.18 -2.84
CA PHE A 10 1.30 -9.18 -4.17
C PHE A 10 0.35 -8.57 -5.20
N ILE A 11 0.70 -7.38 -5.68
CA ILE A 11 -0.11 -6.70 -6.67
C ILE A 11 0.36 -7.00 -8.09
N GLU A 12 -0.40 -7.84 -8.79
CA GLU A 12 -0.07 -8.22 -10.15
C GLU A 12 -0.66 -7.23 -11.16
N LYS A 13 0.21 -6.46 -11.80
CA LYS A 13 -0.23 -5.47 -12.78
C LYS A 13 0.55 -5.62 -14.09
N GLN A 14 0.32 -4.71 -15.03
CA GLN A 14 1.00 -4.73 -16.31
C GLN A 14 2.02 -3.61 -16.41
N LYS A 15 3.29 -3.95 -16.50
CA LYS A 15 4.36 -2.97 -16.59
C LYS A 15 3.92 -1.79 -17.45
N GLY A 16 4.39 -0.59 -17.08
CA GLY A 16 4.03 0.60 -17.83
C GLY A 16 2.97 1.43 -17.12
N GLU A 17 2.04 0.76 -16.47
CA GLU A 17 0.97 1.43 -15.76
C GLU A 17 1.34 1.66 -14.29
N ILE A 18 0.57 2.49 -13.61
CA ILE A 18 0.82 2.79 -12.21
C ILE A 18 0.09 1.80 -11.29
N LEU A 19 0.30 1.95 -9.99
CA LEU A 19 -0.34 1.07 -9.02
C LEU A 19 -1.80 1.46 -8.81
N GLY A 20 -2.29 2.37 -9.65
CA GLY A 20 -3.67 2.81 -9.53
C GLY A 20 -4.16 2.85 -8.09
N VAL A 21 -3.35 3.43 -7.21
CA VAL A 21 -3.70 3.52 -5.80
C VAL A 21 -3.10 4.77 -5.16
N VAL A 22 -3.81 5.32 -4.19
CA VAL A 22 -3.36 6.52 -3.50
C VAL A 22 -3.09 6.25 -2.02
N ILE A 23 -2.01 6.83 -1.50
CA ILE A 23 -1.65 6.65 -0.10
C ILE A 23 -1.58 7.98 0.63
N VAL A 24 -1.66 7.94 1.95
CA VAL A 24 -1.61 9.14 2.76
C VAL A 24 -1.00 8.85 4.13
N GLU A 25 -0.57 9.91 4.82
CA GLU A 25 0.04 9.77 6.14
C GLU A 25 -0.83 8.92 7.05
N SER A 26 -0.20 8.01 7.79
CA SER A 26 -0.91 7.12 8.69
C SER A 26 -1.34 7.86 9.95
N GLY A 27 -1.94 9.04 9.78
CA GLY A 27 -2.38 9.83 10.91
C GLY A 27 -1.41 9.77 12.07
N TRP A 28 -0.14 9.53 11.77
CA TRP A 28 0.89 9.44 12.80
C TRP A 28 0.33 8.84 14.08
N GLY A 29 -0.59 7.89 13.92
CA GLY A 29 -1.19 7.25 15.08
C GLY A 29 -0.73 5.81 15.24
N SER A 30 -1.21 4.94 14.36
CA SER A 30 -0.85 3.52 14.42
C SER A 30 0.59 3.34 14.91
N ILE A 31 0.82 2.28 15.67
CA ILE A 31 2.15 2.01 16.20
C ILE A 31 3.24 2.44 15.23
N LEU A 32 3.22 1.86 14.03
CA LEU A 32 4.21 2.20 13.01
C LEU A 32 3.60 3.09 11.94
N PRO A 33 3.74 4.42 12.12
CA PRO A 33 3.22 5.40 11.18
C PRO A 33 3.97 5.40 9.85
N THR A 34 3.44 4.68 8.87
CA THR A 34 4.07 4.60 7.56
C THR A 34 3.20 5.27 6.49
N VAL A 35 2.14 4.58 6.10
CA VAL A 35 1.22 5.10 5.09
C VAL A 35 0.03 4.17 4.88
N ILE A 36 -1.13 4.76 4.62
CA ILE A 36 -2.34 3.98 4.41
C ILE A 36 -3.04 4.40 3.12
N ILE A 37 -3.77 3.45 2.51
CA ILE A 37 -4.48 3.72 1.27
C ILE A 37 -5.58 4.76 1.48
N ALA A 38 -5.43 5.91 0.82
CA ALA A 38 -6.41 6.98 0.94
C ALA A 38 -7.53 6.81 -0.08
N ASN A 39 -7.22 6.18 -1.21
CA ASN A 39 -8.20 5.95 -2.26
C ASN A 39 -7.67 4.95 -3.28
N MET A 40 -8.59 4.39 -4.07
CA MET A 40 -8.22 3.42 -5.09
C MET A 40 -8.77 3.82 -6.46
N MET A 41 -7.91 3.78 -7.48
CA MET A 41 -8.32 4.14 -8.82
C MET A 41 -9.47 3.26 -9.30
N HIS A 42 -10.28 3.80 -10.21
CA HIS A 42 -11.42 3.06 -10.75
C HIS A 42 -10.99 2.20 -11.94
N GLY A 43 -10.38 1.06 -11.65
CA GLY A 43 -9.93 0.17 -12.69
C GLY A 43 -8.43 -0.06 -12.66
N GLY A 44 -7.82 0.19 -11.51
CA GLY A 44 -6.38 0.01 -11.38
C GLY A 44 -6.02 -1.38 -10.88
N PRO A 45 -4.72 -1.63 -10.75
CA PRO A 45 -4.21 -2.93 -10.27
C PRO A 45 -4.52 -3.17 -8.80
N ALA A 46 -4.45 -2.10 -8.01
CA ALA A 46 -4.73 -2.20 -6.57
C ALA A 46 -6.20 -2.45 -6.31
N GLU A 47 -7.06 -1.70 -7.00
CA GLU A 47 -8.50 -1.85 -6.85
C GLU A 47 -8.96 -3.24 -7.27
N LYS A 48 -8.30 -3.78 -8.29
CA LYS A 48 -8.64 -5.11 -8.79
C LYS A 48 -8.00 -6.20 -7.94
N SER A 49 -6.78 -5.94 -7.47
CA SER A 49 -6.07 -6.90 -6.64
C SER A 49 -6.88 -7.26 -5.40
N GLY A 50 -7.54 -6.27 -4.81
CA GLY A 50 -8.34 -6.51 -3.63
C GLY A 50 -7.52 -7.01 -2.46
N LYS A 51 -6.20 -6.84 -2.55
CA LYS A 51 -5.31 -7.28 -1.50
C LYS A 51 -5.30 -6.29 -0.34
N LEU A 52 -5.66 -5.04 -0.63
CA LEU A 52 -5.71 -4.00 0.39
C LEU A 52 -7.11 -3.42 0.52
N ASN A 53 -7.28 -2.48 1.44
CA ASN A 53 -8.57 -1.84 1.66
C ASN A 53 -8.39 -0.45 2.25
N ILE A 54 -9.25 0.48 1.83
CA ILE A 54 -9.18 1.85 2.30
C ILE A 54 -9.01 1.90 3.81
N GLY A 55 -7.81 2.27 4.25
CA GLY A 55 -7.53 2.35 5.67
C GLY A 55 -6.32 1.53 6.07
N ASP A 56 -6.06 0.47 5.32
CA ASP A 56 -4.92 -0.40 5.60
C ASP A 56 -3.60 0.36 5.42
N GLN A 57 -2.58 -0.05 6.17
CA GLN A 57 -1.27 0.59 6.10
C GLN A 57 -0.23 -0.37 5.51
N ILE A 58 0.81 0.19 4.92
CA ILE A 58 1.87 -0.61 4.33
C ILE A 58 3.10 -0.63 5.21
N MET A 59 3.43 -1.81 5.74
CA MET A 59 4.58 -1.98 6.61
C MET A 59 5.88 -1.74 5.83
N SER A 60 5.94 -2.25 4.62
CA SER A 60 7.12 -2.11 3.77
C SER A 60 6.77 -2.30 2.30
N ILE A 61 7.74 -2.07 1.43
CA ILE A 61 7.54 -2.23 0.00
C ILE A 61 8.68 -3.01 -0.65
N ASN A 62 8.42 -4.27 -0.94
CA ASN A 62 9.42 -5.14 -1.56
C ASN A 62 10.65 -5.27 -0.67
N GLY A 63 10.44 -5.16 0.64
CA GLY A 63 11.54 -5.27 1.58
C GLY A 63 12.07 -3.92 2.02
N THR A 64 11.30 -2.87 1.74
CA THR A 64 11.71 -1.52 2.10
C THR A 64 10.82 -0.95 3.20
N SER A 65 11.36 -0.85 4.41
CA SER A 65 10.62 -0.33 5.54
C SER A 65 10.31 1.16 5.35
N LEU A 66 9.02 1.49 5.44
CA LEU A 66 8.59 2.88 5.28
C LEU A 66 8.43 3.57 6.63
N VAL A 67 8.77 2.84 7.69
CA VAL A 67 8.67 3.38 9.05
C VAL A 67 9.47 4.67 9.18
N GLY A 68 8.78 5.77 9.48
CA GLY A 68 9.45 7.05 9.62
C GLY A 68 9.43 7.86 8.35
N LEU A 69 9.63 7.20 7.22
CA LEU A 69 9.65 7.88 5.93
C LEU A 69 8.41 8.75 5.76
N PRO A 70 8.59 9.95 5.18
CA PRO A 70 7.51 10.90 4.96
C PRO A 70 6.54 10.42 3.87
N LEU A 71 5.33 10.96 3.90
CA LEU A 71 4.31 10.59 2.92
C LEU A 71 4.81 10.86 1.50
N SER A 72 5.63 11.89 1.36
CA SER A 72 6.17 12.26 0.04
C SER A 72 7.19 11.22 -0.43
N THR A 73 8.08 10.83 0.46
CA THR A 73 9.11 9.85 0.14
C THR A 73 8.50 8.49 -0.14
N CYS A 74 7.72 7.98 0.80
CA CYS A 74 7.07 6.68 0.66
C CYS A 74 6.37 6.57 -0.69
N GLN A 75 5.67 7.64 -1.08
CA GLN A 75 4.94 7.66 -2.34
C GLN A 75 5.90 7.42 -3.51
N SER A 76 7.00 8.15 -3.54
CA SER A 76 7.98 8.01 -4.60
C SER A 76 8.38 6.55 -4.79
N ILE A 77 8.67 5.88 -3.68
CA ILE A 77 9.06 4.46 -3.73
C ILE A 77 7.99 3.62 -4.40
N ILE A 78 6.73 4.05 -4.28
CA ILE A 78 5.62 3.34 -4.88
C ILE A 78 5.45 3.71 -6.36
N LYS A 79 5.98 4.87 -6.73
CA LYS A 79 5.89 5.35 -8.10
C LYS A 79 6.85 4.58 -9.01
N GLY A 80 7.94 4.10 -8.43
CA GLY A 80 8.91 3.34 -9.19
C GLY A 80 8.51 1.89 -9.39
N LEU A 81 7.22 1.61 -9.24
CA LEU A 81 6.70 0.26 -9.39
C LEU A 81 5.97 0.10 -10.72
N LYS A 82 5.82 1.21 -11.44
CA LYS A 82 5.14 1.19 -12.73
C LYS A 82 5.80 0.21 -13.68
N ASN A 83 7.13 0.10 -13.60
CA ASN A 83 7.87 -0.81 -14.46
C ASN A 83 7.98 -2.19 -13.81
N GLN A 84 7.23 -2.39 -12.74
CA GLN A 84 7.24 -3.67 -12.02
C GLN A 84 5.86 -4.31 -12.03
N SER A 85 5.68 -5.32 -12.89
CA SER A 85 4.40 -6.01 -12.99
C SER A 85 4.00 -6.62 -11.65
N ARG A 86 4.86 -7.47 -11.11
CA ARG A 86 4.60 -8.12 -9.83
C ARG A 86 5.39 -7.47 -8.71
N VAL A 87 4.70 -6.74 -7.84
CA VAL A 87 5.35 -6.06 -6.72
C VAL A 87 4.84 -6.60 -5.39
N LYS A 88 5.77 -6.88 -4.49
CA LYS A 88 5.43 -7.40 -3.17
C LYS A 88 5.39 -6.28 -2.13
N LEU A 89 4.31 -6.24 -1.36
CA LEU A 89 4.15 -5.22 -0.32
C LEU A 89 3.49 -5.82 0.92
N ASN A 90 3.94 -5.35 2.08
CA ASN A 90 3.40 -5.83 3.35
C ASN A 90 2.31 -4.90 3.86
N ILE A 91 1.08 -5.41 3.95
CA ILE A 91 -0.05 -4.62 4.42
C ILE A 91 -0.45 -5.04 5.83
N VAL A 92 -0.90 -4.07 6.62
CA VAL A 92 -1.33 -4.34 7.99
C VAL A 92 -2.49 -3.44 8.38
N SER A 93 -3.67 -4.05 8.54
CA SER A 93 -4.87 -3.31 8.92
C SER A 93 -4.53 -2.18 9.90
N GLY A 94 -4.85 -0.95 9.51
CA GLY A 94 -4.56 0.19 10.36
C GLY A 94 -5.18 0.06 11.73
N PRO A 95 -5.32 1.19 12.44
CA PRO A 95 -5.90 1.22 13.79
C PRO A 95 -7.41 0.93 13.78
N SER A 96 -7.96 0.71 12.58
CA SER A 96 -9.38 0.43 12.43
C SER A 96 -9.81 -0.70 13.37
N SER A 97 -11.12 -0.86 13.53
CA SER A 97 -11.65 -1.89 14.40
C SER A 97 -12.86 -2.57 13.74
N GLY A 98 -12.75 -3.87 13.50
CA GLY A 98 -13.83 -4.61 12.88
C GLY A 98 -15.18 -4.16 13.37
N GLY A 1 -0.39 -20.59 3.60
CA GLY A 1 -0.88 -19.59 4.54
C GLY A 1 -1.11 -18.25 3.87
N SER A 2 -0.92 -17.17 4.63
CA SER A 2 -1.12 -15.82 4.11
C SER A 2 -2.56 -15.64 3.63
N SER A 3 -3.51 -16.13 4.42
CA SER A 3 -4.92 -16.02 4.08
C SER A 3 -5.50 -14.69 4.54
N GLY A 4 -5.15 -14.30 5.78
CA GLY A 4 -5.63 -13.05 6.32
C GLY A 4 -5.18 -11.84 5.51
N SER A 5 -5.89 -10.74 5.66
CA SER A 5 -5.56 -9.52 4.94
C SER A 5 -4.26 -8.91 5.46
N SER A 6 -4.24 -8.57 6.74
CA SER A 6 -3.06 -7.99 7.37
C SER A 6 -1.86 -8.91 7.23
N GLY A 7 -1.14 -8.76 6.12
CA GLY A 7 0.04 -9.58 5.88
C GLY A 7 0.69 -9.30 4.55
N ASP A 8 1.53 -10.22 4.09
CA ASP A 8 2.22 -10.05 2.82
C ASP A 8 1.22 -9.97 1.66
N VAL A 9 1.39 -8.96 0.81
CA VAL A 9 0.50 -8.77 -0.34
C VAL A 9 1.29 -8.74 -1.64
N PHE A 10 0.67 -9.20 -2.71
CA PHE A 10 1.32 -9.22 -4.02
C PHE A 10 0.41 -8.60 -5.09
N ILE A 11 0.79 -7.42 -5.57
CA ILE A 11 0.02 -6.73 -6.59
C ILE A 11 0.52 -7.07 -7.99
N GLU A 12 -0.34 -7.74 -8.77
CA GLU A 12 0.02 -8.12 -10.12
C GLU A 12 -0.61 -7.18 -11.14
N LYS A 13 0.23 -6.38 -11.80
CA LYS A 13 -0.24 -5.43 -12.80
C LYS A 13 0.55 -5.57 -14.09
N GLN A 14 0.29 -4.66 -15.03
CA GLN A 14 0.98 -4.69 -16.31
C GLN A 14 1.95 -3.51 -16.44
N LYS A 15 3.24 -3.82 -16.53
CA LYS A 15 4.26 -2.79 -16.66
C LYS A 15 3.75 -1.62 -17.48
N GLY A 16 4.29 -0.43 -17.19
CA GLY A 16 3.87 0.76 -17.92
C GLY A 16 2.82 1.56 -17.17
N GLU A 17 1.90 0.85 -16.53
CA GLU A 17 0.83 1.51 -15.77
C GLU A 17 1.24 1.71 -14.32
N ILE A 18 0.50 2.56 -13.61
CA ILE A 18 0.79 2.84 -12.21
C ILE A 18 0.04 1.88 -11.29
N LEU A 19 0.26 2.01 -9.99
CA LEU A 19 -0.39 1.17 -9.00
C LEU A 19 -1.85 1.58 -8.80
N GLY A 20 -2.31 2.50 -9.64
CA GLY A 20 -3.68 2.98 -9.53
C GLY A 20 -4.17 3.02 -8.10
N VAL A 21 -3.39 3.64 -7.23
CA VAL A 21 -3.76 3.74 -5.81
C VAL A 21 -3.19 5.02 -5.20
N VAL A 22 -3.80 5.46 -4.11
CA VAL A 22 -3.36 6.66 -3.42
C VAL A 22 -2.99 6.37 -1.97
N ILE A 23 -1.92 6.99 -1.49
CA ILE A 23 -1.46 6.79 -0.12
C ILE A 23 -1.38 8.12 0.62
N VAL A 24 -1.37 8.04 1.95
CA VAL A 24 -1.27 9.25 2.78
C VAL A 24 -0.59 8.94 4.11
N GLU A 25 -0.38 9.98 4.91
CA GLU A 25 0.26 9.83 6.21
C GLU A 25 -0.59 8.99 7.15
N SER A 26 0.01 7.97 7.75
CA SER A 26 -0.70 7.08 8.67
C SER A 26 -0.61 7.61 10.09
N GLY A 27 -0.57 8.93 10.23
CA GLY A 27 -0.49 9.53 11.55
C GLY A 27 -1.84 9.67 12.21
N TRP A 28 -2.59 8.57 12.26
CA TRP A 28 -3.91 8.58 12.87
C TRP A 28 -3.98 7.59 14.03
N GLY A 29 -2.88 7.50 14.79
CA GLY A 29 -2.85 6.59 15.92
C GLY A 29 -1.99 5.37 15.65
N SER A 30 -2.02 4.89 14.40
CA SER A 30 -1.25 3.72 14.02
C SER A 30 0.12 3.72 14.69
N ILE A 31 0.43 2.63 15.38
CA ILE A 31 1.71 2.50 16.07
C ILE A 31 2.87 2.90 15.17
N LEU A 32 2.94 2.27 13.99
CA LEU A 32 4.00 2.57 13.03
C LEU A 32 3.48 3.47 11.91
N PRO A 33 3.72 4.77 12.05
CA PRO A 33 3.30 5.77 11.06
C PRO A 33 4.09 5.66 9.76
N THR A 34 3.55 4.88 8.81
CA THR A 34 4.21 4.69 7.52
C THR A 34 3.38 5.30 6.39
N VAL A 35 2.31 4.61 6.02
CA VAL A 35 1.43 5.08 4.95
C VAL A 35 0.23 4.16 4.79
N ILE A 36 -0.93 4.75 4.50
CA ILE A 36 -2.15 3.98 4.32
C ILE A 36 -2.86 4.39 3.03
N ILE A 37 -3.69 3.48 2.51
CA ILE A 37 -4.43 3.75 1.28
C ILE A 37 -5.52 4.80 1.51
N ALA A 38 -5.42 5.90 0.78
CA ALA A 38 -6.40 6.98 0.89
C ALA A 38 -7.54 6.80 -0.10
N ASN A 39 -7.26 6.10 -1.19
CA ASN A 39 -8.26 5.86 -2.22
C ASN A 39 -7.72 4.92 -3.31
N MET A 40 -8.61 4.16 -3.93
CA MET A 40 -8.22 3.22 -4.98
C MET A 40 -8.83 3.63 -6.31
N MET A 41 -8.00 3.64 -7.36
CA MET A 41 -8.46 4.02 -8.68
C MET A 41 -9.70 3.20 -9.09
N HIS A 42 -10.54 3.80 -9.92
CA HIS A 42 -11.76 3.13 -10.38
C HIS A 42 -11.45 2.20 -11.55
N GLY A 43 -10.36 1.46 -11.44
CA GLY A 43 -9.99 0.54 -12.50
C GLY A 43 -8.49 0.31 -12.56
N GLY A 44 -7.83 0.34 -11.40
CA GLY A 44 -6.40 0.13 -11.36
C GLY A 44 -6.03 -1.25 -10.84
N PRO A 45 -4.71 -1.49 -10.72
CA PRO A 45 -4.19 -2.79 -10.25
C PRO A 45 -4.48 -3.01 -8.77
N ALA A 46 -4.40 -1.95 -7.98
CA ALA A 46 -4.64 -2.03 -6.54
C ALA A 46 -6.13 -2.21 -6.26
N GLU A 47 -6.97 -1.55 -7.06
CA GLU A 47 -8.41 -1.64 -6.88
C GLU A 47 -8.92 -3.03 -7.26
N LYS A 48 -8.27 -3.64 -8.24
CA LYS A 48 -8.66 -4.97 -8.70
C LYS A 48 -7.98 -6.05 -7.87
N SER A 49 -6.75 -5.78 -7.44
CA SER A 49 -5.99 -6.73 -6.65
C SER A 49 -6.80 -7.20 -5.44
N GLY A 50 -7.50 -6.26 -4.80
CA GLY A 50 -8.31 -6.60 -3.65
C GLY A 50 -7.48 -7.11 -2.49
N LYS A 51 -6.17 -6.87 -2.54
CA LYS A 51 -5.26 -7.32 -1.49
C LYS A 51 -5.26 -6.34 -0.33
N LEU A 52 -5.55 -5.08 -0.62
CA LEU A 52 -5.58 -4.03 0.41
C LEU A 52 -6.99 -3.46 0.56
N ASN A 53 -7.12 -2.48 1.45
CA ASN A 53 -8.42 -1.84 1.68
C ASN A 53 -8.23 -0.43 2.23
N ILE A 54 -9.18 0.44 1.93
CA ILE A 54 -9.12 1.82 2.39
C ILE A 54 -8.88 1.90 3.90
N GLY A 55 -7.67 2.28 4.28
CA GLY A 55 -7.33 2.38 5.68
C GLY A 55 -6.10 1.56 6.04
N ASP A 56 -5.88 0.48 5.32
CA ASP A 56 -4.74 -0.39 5.56
C ASP A 56 -3.43 0.37 5.39
N GLN A 57 -2.42 -0.01 6.17
CA GLN A 57 -1.12 0.64 6.10
C GLN A 57 -0.05 -0.32 5.57
N ILE A 58 0.96 0.23 4.92
CA ILE A 58 2.05 -0.57 4.37
C ILE A 58 3.27 -0.56 5.28
N MET A 59 3.67 -1.74 5.75
CA MET A 59 4.82 -1.86 6.63
C MET A 59 6.12 -1.69 5.86
N SER A 60 6.18 -2.31 4.68
CA SER A 60 7.37 -2.23 3.83
C SER A 60 7.01 -2.47 2.37
N ILE A 61 7.96 -2.17 1.49
CA ILE A 61 7.74 -2.36 0.05
C ILE A 61 8.84 -3.23 -0.56
N ASN A 62 8.52 -4.49 -0.82
CA ASN A 62 9.47 -5.42 -1.41
C ASN A 62 10.67 -5.61 -0.49
N GLY A 63 10.46 -5.44 0.81
CA GLY A 63 11.53 -5.60 1.78
C GLY A 63 12.11 -4.27 2.21
N THR A 64 11.47 -3.17 1.81
CA THR A 64 11.93 -1.84 2.17
C THR A 64 11.00 -1.20 3.20
N SER A 65 11.50 -1.04 4.42
CA SER A 65 10.72 -0.44 5.49
C SER A 65 10.39 1.01 5.18
N LEU A 66 9.14 1.40 5.44
CA LEU A 66 8.70 2.77 5.19
C LEU A 66 8.63 3.57 6.49
N VAL A 67 8.38 2.87 7.59
CA VAL A 67 8.29 3.52 8.90
C VAL A 67 9.31 4.65 9.02
N GLY A 68 8.81 5.85 9.26
CA GLY A 68 9.68 7.01 9.39
C GLY A 68 9.76 7.83 8.13
N LEU A 69 9.84 7.15 6.98
CA LEU A 69 9.92 7.83 5.70
C LEU A 69 8.72 8.73 5.48
N PRO A 70 8.96 9.91 4.88
CA PRO A 70 7.90 10.89 4.59
C PRO A 70 6.95 10.41 3.52
N LEU A 71 5.75 10.99 3.49
CA LEU A 71 4.75 10.63 2.50
C LEU A 71 5.27 10.83 1.09
N SER A 72 6.00 11.92 0.88
CA SER A 72 6.56 12.23 -0.42
C SER A 72 7.53 11.14 -0.88
N THR A 73 8.39 10.71 0.04
CA THR A 73 9.37 9.67 -0.26
C THR A 73 8.68 8.34 -0.54
N CYS A 74 7.94 7.83 0.44
CA CYS A 74 7.23 6.57 0.29
C CYS A 74 6.52 6.49 -1.04
N GLN A 75 5.91 7.59 -1.45
CA GLN A 75 5.19 7.65 -2.72
C GLN A 75 6.11 7.28 -3.88
N SER A 76 7.28 7.90 -3.91
CA SER A 76 8.26 7.64 -4.96
C SER A 76 8.56 6.14 -5.08
N ILE A 77 8.78 5.51 -3.92
CA ILE A 77 9.09 4.09 -3.89
C ILE A 77 7.90 3.26 -4.39
N ILE A 78 6.71 3.87 -4.37
CA ILE A 78 5.51 3.19 -4.82
C ILE A 78 5.20 3.52 -6.28
N LYS A 79 5.65 4.69 -6.72
CA LYS A 79 5.43 5.12 -8.09
C LYS A 79 6.43 4.47 -9.04
N GLY A 80 7.57 4.06 -8.50
CA GLY A 80 8.60 3.43 -9.32
C GLY A 80 8.28 1.97 -9.60
N LEU A 81 7.06 1.55 -9.28
CA LEU A 81 6.64 0.17 -9.51
C LEU A 81 5.97 0.03 -10.87
N LYS A 82 5.78 1.15 -11.55
CA LYS A 82 5.15 1.14 -12.87
C LYS A 82 5.98 0.33 -13.86
N ASN A 83 7.29 0.35 -13.68
CA ASN A 83 8.20 -0.39 -14.56
C ASN A 83 8.22 -1.87 -14.18
N GLN A 84 7.38 -2.26 -13.23
CA GLN A 84 7.31 -3.64 -12.78
C GLN A 84 5.86 -4.10 -12.65
N SER A 85 5.60 -5.33 -13.07
CA SER A 85 4.26 -5.89 -13.01
C SER A 85 3.96 -6.46 -11.62
N ARG A 86 4.77 -7.44 -11.20
CA ARG A 86 4.61 -8.06 -9.89
C ARG A 86 5.38 -7.30 -8.83
N VAL A 87 4.73 -7.05 -7.70
CA VAL A 87 5.35 -6.33 -6.59
C VAL A 87 4.88 -6.86 -5.25
N LYS A 88 5.81 -7.04 -4.32
CA LYS A 88 5.48 -7.54 -2.99
C LYS A 88 5.49 -6.41 -1.97
N LEU A 89 4.42 -6.31 -1.19
CA LEU A 89 4.30 -5.27 -0.17
C LEU A 89 3.62 -5.82 1.08
N ASN A 90 4.08 -5.38 2.25
CA ASN A 90 3.51 -5.81 3.51
C ASN A 90 2.43 -4.85 3.99
N ILE A 91 1.22 -5.37 4.19
CA ILE A 91 0.10 -4.55 4.64
C ILE A 91 -0.32 -4.93 6.05
N VAL A 92 -0.77 -3.95 6.82
CA VAL A 92 -1.20 -4.18 8.18
C VAL A 92 -2.38 -3.27 8.56
N SER A 93 -3.56 -3.85 8.69
CA SER A 93 -4.74 -3.10 9.04
C SER A 93 -4.43 -2.04 10.09
N GLY A 94 -4.82 -0.79 9.80
CA GLY A 94 -4.56 0.29 10.74
C GLY A 94 -5.09 0.00 12.13
N PRO A 95 -5.08 1.02 12.99
CA PRO A 95 -5.56 0.89 14.37
C PRO A 95 -7.07 0.71 14.45
N SER A 96 -7.50 -0.51 14.78
CA SER A 96 -8.92 -0.82 14.89
C SER A 96 -9.18 -1.81 16.02
N SER A 97 -10.39 -1.78 16.55
CA SER A 97 -10.78 -2.68 17.64
C SER A 97 -11.84 -3.67 17.18
N GLY A 98 -12.02 -4.73 17.96
CA GLY A 98 -13.02 -5.73 17.63
C GLY A 98 -12.77 -7.06 18.32
N GLY A 1 -11.56 -15.94 -3.18
CA GLY A 1 -12.54 -15.22 -2.40
C GLY A 1 -11.99 -14.71 -1.09
N SER A 2 -11.26 -13.59 -1.15
CA SER A 2 -10.67 -13.00 0.05
C SER A 2 -10.72 -11.48 -0.01
N SER A 3 -11.16 -10.86 1.07
CA SER A 3 -11.27 -9.41 1.14
C SER A 3 -9.92 -8.79 1.46
N GLY A 4 -9.25 -9.32 2.48
CA GLY A 4 -7.94 -8.80 2.86
C GLY A 4 -7.49 -9.32 4.21
N SER A 5 -6.23 -9.07 4.55
CA SER A 5 -5.67 -9.53 5.82
C SER A 5 -4.29 -8.93 6.05
N SER A 6 -4.04 -8.47 7.28
CA SER A 6 -2.76 -7.88 7.63
C SER A 6 -1.62 -8.87 7.41
N GLY A 7 -0.95 -8.75 6.26
CA GLY A 7 0.15 -9.64 5.95
C GLY A 7 0.78 -9.33 4.61
N ASP A 8 1.61 -10.25 4.12
CA ASP A 8 2.29 -10.07 2.85
C ASP A 8 1.27 -9.97 1.71
N VAL A 9 1.45 -8.96 0.86
CA VAL A 9 0.55 -8.75 -0.26
C VAL A 9 1.31 -8.72 -1.59
N PHE A 10 0.69 -9.24 -2.64
CA PHE A 10 1.31 -9.27 -3.96
C PHE A 10 0.39 -8.67 -5.02
N ILE A 11 0.76 -7.50 -5.51
CA ILE A 11 -0.04 -6.82 -6.53
C ILE A 11 0.40 -7.22 -7.94
N GLU A 12 -0.48 -7.88 -8.66
CA GLU A 12 -0.19 -8.33 -10.02
C GLU A 12 -0.77 -7.36 -11.05
N LYS A 13 0.10 -6.62 -11.71
CA LYS A 13 -0.32 -5.65 -12.72
C LYS A 13 0.55 -5.75 -13.97
N GLN A 14 0.33 -4.85 -14.92
CA GLN A 14 1.10 -4.83 -16.16
C GLN A 14 2.14 -3.73 -16.14
N LYS A 15 3.27 -3.96 -16.80
CA LYS A 15 4.35 -2.98 -16.86
C LYS A 15 3.91 -1.74 -17.62
N GLY A 16 4.41 -0.58 -17.20
CA GLY A 16 4.07 0.67 -17.86
C GLY A 16 2.90 1.37 -17.18
N GLU A 17 2.03 0.60 -16.54
CA GLU A 17 0.88 1.16 -15.85
C GLU A 17 1.22 1.51 -14.41
N ILE A 18 0.44 2.42 -13.82
CA ILE A 18 0.66 2.84 -12.44
C ILE A 18 -0.07 1.92 -11.47
N LEU A 19 0.26 2.05 -10.19
CA LEU A 19 -0.36 1.23 -9.15
C LEU A 19 -1.80 1.67 -8.92
N GLY A 20 -2.26 2.65 -9.68
CA GLY A 20 -3.61 3.14 -9.54
C GLY A 20 -4.10 3.10 -8.11
N VAL A 21 -3.33 3.70 -7.21
CA VAL A 21 -3.68 3.74 -5.79
C VAL A 21 -3.07 4.96 -5.10
N VAL A 22 -3.86 5.58 -4.23
CA VAL A 22 -3.40 6.76 -3.50
C VAL A 22 -3.04 6.40 -2.05
N ILE A 23 -2.04 7.08 -1.51
CA ILE A 23 -1.61 6.85 -0.14
C ILE A 23 -1.49 8.16 0.63
N VAL A 24 -1.70 8.08 1.94
CA VAL A 24 -1.61 9.26 2.80
C VAL A 24 -0.98 8.91 4.15
N GLU A 25 -0.76 9.94 4.97
CA GLU A 25 -0.16 9.74 6.29
C GLU A 25 -1.00 8.79 7.12
N SER A 26 -0.33 7.83 7.77
CA SER A 26 -1.01 6.85 8.60
C SER A 26 -1.40 7.45 9.95
N GLY A 27 -2.00 8.63 9.90
CA GLY A 27 -2.41 9.30 11.12
C GLY A 27 -1.43 9.09 12.26
N TRP A 28 -0.41 9.94 12.30
CA TRP A 28 0.62 9.84 13.34
C TRP A 28 0.01 9.39 14.67
N GLY A 29 0.03 8.09 14.91
CA GLY A 29 -0.52 7.55 16.14
C GLY A 29 -0.43 6.04 16.21
N SER A 30 -0.67 5.38 15.08
CA SER A 30 -0.62 3.93 15.02
C SER A 30 0.78 3.42 15.35
N ILE A 31 0.88 2.15 15.73
CA ILE A 31 2.16 1.55 16.07
C ILE A 31 3.26 2.03 15.14
N LEU A 32 3.12 1.73 13.85
CA LEU A 32 4.11 2.14 12.86
C LEU A 32 3.47 3.04 11.79
N PRO A 33 3.57 4.36 11.99
CA PRO A 33 3.02 5.34 11.07
C PRO A 33 3.77 5.38 9.74
N THR A 34 3.38 4.51 8.82
CA THR A 34 4.03 4.44 7.51
C THR A 34 3.18 5.14 6.45
N VAL A 35 2.11 4.48 6.02
CA VAL A 35 1.23 5.04 5.01
C VAL A 35 0.03 4.13 4.77
N ILE A 36 -1.12 4.74 4.50
CA ILE A 36 -2.35 3.98 4.25
C ILE A 36 -3.03 4.45 2.97
N ILE A 37 -3.81 3.57 2.36
CA ILE A 37 -4.52 3.88 1.13
C ILE A 37 -5.62 4.91 1.39
N ALA A 38 -5.52 6.05 0.71
CA ALA A 38 -6.51 7.10 0.85
C ALA A 38 -7.61 6.99 -0.20
N ASN A 39 -7.29 6.31 -1.30
CA ASN A 39 -8.25 6.12 -2.39
C ASN A 39 -7.69 5.18 -3.44
N MET A 40 -8.59 4.57 -4.21
CA MET A 40 -8.18 3.64 -5.27
C MET A 40 -8.74 4.08 -6.62
N MET A 41 -7.97 3.85 -7.68
CA MET A 41 -8.38 4.22 -9.02
C MET A 41 -9.51 3.31 -9.51
N HIS A 42 -10.36 3.85 -10.38
CA HIS A 42 -11.48 3.09 -10.92
C HIS A 42 -11.03 2.19 -12.08
N GLY A 43 -10.35 1.10 -11.73
CA GLY A 43 -9.87 0.18 -12.75
C GLY A 43 -8.36 -0.03 -12.67
N GLY A 44 -7.79 0.23 -11.50
CA GLY A 44 -6.36 0.05 -11.33
C GLY A 44 -6.00 -1.32 -10.80
N PRO A 45 -4.69 -1.57 -10.68
CA PRO A 45 -4.18 -2.86 -10.18
C PRO A 45 -4.45 -3.05 -8.69
N ALA A 46 -4.40 -1.95 -7.95
CA ALA A 46 -4.65 -2.00 -6.51
C ALA A 46 -6.11 -2.27 -6.21
N GLU A 47 -7.00 -1.67 -7.01
CA GLU A 47 -8.43 -1.85 -6.83
C GLU A 47 -8.87 -3.24 -7.27
N LYS A 48 -8.21 -3.77 -8.29
CA LYS A 48 -8.52 -5.09 -8.82
C LYS A 48 -7.84 -6.18 -7.99
N SER A 49 -6.64 -5.87 -7.49
CA SER A 49 -5.89 -6.83 -6.69
C SER A 49 -6.71 -7.31 -5.49
N GLY A 50 -7.53 -6.42 -4.95
CA GLY A 50 -8.36 -6.77 -3.81
C GLY A 50 -7.54 -7.21 -2.62
N LYS A 51 -6.24 -6.94 -2.66
CA LYS A 51 -5.35 -7.32 -1.58
C LYS A 51 -5.39 -6.29 -0.46
N LEU A 52 -5.55 -5.02 -0.83
CA LEU A 52 -5.61 -3.94 0.14
C LEU A 52 -7.02 -3.39 0.26
N ASN A 53 -7.21 -2.42 1.17
CA ASN A 53 -8.52 -1.82 1.38
C ASN A 53 -8.37 -0.41 1.95
N ILE A 54 -9.27 0.48 1.56
CA ILE A 54 -9.24 1.85 2.04
C ILE A 54 -9.06 1.91 3.56
N GLY A 55 -7.87 2.28 3.99
CA GLY A 55 -7.59 2.36 5.42
C GLY A 55 -6.38 1.55 5.82
N ASP A 56 -6.11 0.48 5.07
CA ASP A 56 -4.98 -0.39 5.36
C ASP A 56 -3.67 0.38 5.22
N GLN A 57 -2.66 -0.04 5.99
CA GLN A 57 -1.35 0.60 5.95
C GLN A 57 -0.29 -0.33 5.37
N ILE A 58 0.77 0.26 4.83
CA ILE A 58 1.85 -0.52 4.24
C ILE A 58 3.09 -0.49 5.12
N MET A 59 3.43 -1.65 5.69
CA MET A 59 4.60 -1.76 6.55
C MET A 59 5.88 -1.55 5.76
N SER A 60 5.96 -2.17 4.59
CA SER A 60 7.14 -2.06 3.74
C SER A 60 6.77 -2.30 2.28
N ILE A 61 7.69 -1.95 1.38
CA ILE A 61 7.48 -2.14 -0.05
C ILE A 61 8.61 -2.94 -0.69
N ASN A 62 8.34 -4.21 -0.96
CA ASN A 62 9.34 -5.08 -1.57
C ASN A 62 10.54 -5.25 -0.65
N GLY A 63 10.30 -5.20 0.66
CA GLY A 63 11.37 -5.35 1.62
C GLY A 63 11.96 -4.02 2.05
N THR A 64 11.28 -2.93 1.69
CA THR A 64 11.74 -1.59 2.04
C THR A 64 10.85 -0.97 3.10
N SER A 65 11.38 -0.83 4.32
CA SER A 65 10.63 -0.25 5.42
C SER A 65 10.34 1.22 5.16
N LEU A 66 9.08 1.60 5.36
CA LEU A 66 8.66 2.99 5.14
C LEU A 66 8.58 3.74 6.47
N VAL A 67 8.31 3.01 7.55
CA VAL A 67 8.21 3.61 8.87
C VAL A 67 9.21 4.75 9.03
N GLY A 68 8.70 5.93 9.39
CA GLY A 68 9.57 7.08 9.57
C GLY A 68 9.59 7.98 8.34
N LEU A 69 9.66 7.38 7.17
CA LEU A 69 9.70 8.13 5.92
C LEU A 69 8.45 8.98 5.76
N PRO A 70 8.61 10.18 5.18
CA PRO A 70 7.51 11.12 4.95
C PRO A 70 6.55 10.62 3.88
N LEU A 71 5.30 11.06 3.98
CA LEU A 71 4.27 10.67 3.01
C LEU A 71 4.73 10.96 1.58
N SER A 72 5.48 12.04 1.42
CA SER A 72 5.97 12.44 0.10
C SER A 72 6.99 11.42 -0.42
N THR A 73 7.94 11.06 0.44
CA THR A 73 8.98 10.10 0.07
C THR A 73 8.37 8.74 -0.24
N CYS A 74 7.64 8.18 0.72
CA CYS A 74 7.01 6.89 0.54
C CYS A 74 6.35 6.78 -0.83
N GLN A 75 5.67 7.85 -1.24
CA GLN A 75 4.98 7.87 -2.53
C GLN A 75 5.95 7.58 -3.66
N SER A 76 7.13 8.19 -3.60
CA SER A 76 8.15 7.98 -4.63
C SER A 76 8.52 6.51 -4.75
N ILE A 77 8.74 5.86 -3.61
CA ILE A 77 9.09 4.45 -3.59
C ILE A 77 8.03 3.60 -4.28
N ILE A 78 6.82 4.14 -4.36
CA ILE A 78 5.72 3.44 -5.01
C ILE A 78 5.66 3.75 -6.49
N LYS A 79 6.28 4.86 -6.88
CA LYS A 79 6.29 5.27 -8.28
C LYS A 79 7.19 4.37 -9.11
N GLY A 80 8.19 3.77 -8.45
CA GLY A 80 9.11 2.88 -9.14
C GLY A 80 8.58 1.46 -9.24
N LEU A 81 7.27 1.32 -9.27
CA LEU A 81 6.64 0.01 -9.36
C LEU A 81 5.86 -0.14 -10.67
N LYS A 82 5.87 0.92 -11.47
CA LYS A 82 5.17 0.90 -12.75
C LYS A 82 5.83 -0.06 -13.73
N ASN A 83 7.14 -0.24 -13.57
CA ASN A 83 7.90 -1.13 -14.43
C ASN A 83 8.10 -2.50 -13.78
N GLN A 84 7.23 -2.82 -12.82
CA GLN A 84 7.30 -4.08 -12.11
C GLN A 84 5.94 -4.77 -12.07
N SER A 85 5.63 -5.52 -13.12
CA SER A 85 4.36 -6.22 -13.21
C SER A 85 3.93 -6.74 -11.84
N ARG A 86 4.81 -7.51 -11.20
CA ARG A 86 4.51 -8.08 -9.89
C ARG A 86 5.33 -7.37 -8.81
N VAL A 87 4.65 -6.86 -7.79
CA VAL A 87 5.31 -6.17 -6.69
C VAL A 87 4.82 -6.69 -5.35
N LYS A 88 5.77 -6.91 -4.43
CA LYS A 88 5.44 -7.41 -3.10
C LYS A 88 5.39 -6.27 -2.09
N LEU A 89 4.32 -6.23 -1.30
CA LEU A 89 4.15 -5.19 -0.30
C LEU A 89 3.49 -5.75 0.96
N ASN A 90 3.92 -5.27 2.12
CA ASN A 90 3.37 -5.71 3.39
C ASN A 90 2.28 -4.77 3.88
N ILE A 91 1.07 -5.30 4.04
CA ILE A 91 -0.05 -4.50 4.50
C ILE A 91 -0.42 -4.84 5.94
N VAL A 92 -0.96 -3.86 6.66
CA VAL A 92 -1.36 -4.07 8.05
C VAL A 92 -2.60 -3.26 8.38
N SER A 93 -3.74 -3.93 8.48
CA SER A 93 -5.01 -3.28 8.80
C SER A 93 -4.84 -2.36 10.01
N GLY A 94 -5.09 -1.07 9.80
CA GLY A 94 -4.98 -0.10 10.87
C GLY A 94 -5.37 -0.68 12.21
N PRO A 95 -4.72 -0.21 13.28
CA PRO A 95 -4.99 -0.67 14.64
C PRO A 95 -6.35 -0.20 15.15
N SER A 96 -6.99 0.68 14.39
CA SER A 96 -8.31 1.20 14.76
C SER A 96 -9.40 0.58 13.90
N SER A 97 -10.45 0.09 14.56
CA SER A 97 -11.57 -0.54 13.86
C SER A 97 -12.04 0.33 12.70
N GLY A 98 -12.45 -0.31 11.61
CA GLY A 98 -12.91 0.43 10.45
C GLY A 98 -12.73 -0.35 9.16
N GLY A 1 -15.33 -14.68 16.01
CA GLY A 1 -15.19 -13.25 16.22
C GLY A 1 -15.12 -12.48 14.92
N SER A 2 -14.14 -11.58 14.81
CA SER A 2 -13.98 -10.77 13.61
C SER A 2 -12.76 -11.23 12.81
N SER A 3 -12.98 -11.54 11.54
CA SER A 3 -11.92 -12.00 10.66
C SER A 3 -11.34 -10.84 9.85
N GLY A 4 -10.13 -11.02 9.35
CA GLY A 4 -9.48 -9.99 8.55
C GLY A 4 -8.40 -10.53 7.65
N SER A 5 -7.61 -9.64 7.06
CA SER A 5 -6.54 -10.03 6.16
C SER A 5 -5.36 -9.07 6.26
N SER A 6 -4.26 -9.53 6.83
CA SER A 6 -3.07 -8.70 6.98
C SER A 6 -1.81 -9.55 6.84
N GLY A 7 -1.02 -9.25 5.81
CA GLY A 7 0.20 -9.99 5.57
C GLY A 7 0.82 -9.68 4.21
N ASP A 8 1.75 -10.52 3.78
CA ASP A 8 2.41 -10.34 2.49
C ASP A 8 1.38 -10.20 1.37
N VAL A 9 1.51 -9.13 0.59
CA VAL A 9 0.60 -8.89 -0.52
C VAL A 9 1.36 -8.79 -1.84
N PHE A 10 0.73 -9.28 -2.91
CA PHE A 10 1.35 -9.24 -4.23
C PHE A 10 0.40 -8.64 -5.25
N ILE A 11 0.73 -7.44 -5.71
CA ILE A 11 -0.09 -6.74 -6.70
C ILE A 11 0.35 -7.07 -8.12
N GLU A 12 -0.49 -7.80 -8.84
CA GLU A 12 -0.19 -8.19 -10.21
C GLU A 12 -0.70 -7.15 -11.20
N LYS A 13 0.23 -6.42 -11.81
CA LYS A 13 -0.14 -5.38 -12.78
C LYS A 13 0.75 -5.47 -14.02
N GLN A 14 0.59 -4.51 -14.92
CA GLN A 14 1.38 -4.48 -16.15
C GLN A 14 2.36 -3.31 -16.14
N LYS A 15 3.53 -3.52 -16.73
CA LYS A 15 4.55 -2.48 -16.79
C LYS A 15 4.03 -1.23 -17.48
N GLY A 16 4.65 -0.09 -17.18
CA GLY A 16 4.22 1.16 -17.79
C GLY A 16 2.95 1.71 -17.16
N GLU A 17 2.29 0.89 -16.35
CA GLU A 17 1.06 1.29 -15.70
C GLU A 17 1.30 1.62 -14.22
N ILE A 18 0.44 2.46 -13.65
CA ILE A 18 0.56 2.85 -12.25
C ILE A 18 -0.11 1.82 -11.34
N LEU A 19 0.17 1.93 -10.05
CA LEU A 19 -0.42 1.01 -9.06
C LEU A 19 -1.90 1.32 -8.85
N GLY A 20 -2.41 2.29 -9.60
CA GLY A 20 -3.81 2.66 -9.46
C GLY A 20 -4.27 2.70 -8.02
N VAL A 21 -3.44 3.28 -7.16
CA VAL A 21 -3.76 3.38 -5.75
C VAL A 21 -3.11 4.61 -5.11
N VAL A 22 -3.84 5.28 -4.23
CA VAL A 22 -3.32 6.47 -3.56
C VAL A 22 -3.08 6.20 -2.08
N ILE A 23 -1.98 6.73 -1.57
CA ILE A 23 -1.62 6.56 -0.17
C ILE A 23 -1.53 7.90 0.56
N VAL A 24 -1.71 7.87 1.87
CA VAL A 24 -1.66 9.09 2.68
C VAL A 24 -1.02 8.82 4.04
N GLU A 25 -0.78 9.88 4.80
CA GLU A 25 -0.17 9.75 6.12
C GLU A 25 -1.02 8.87 7.03
N SER A 26 -0.37 8.05 7.83
CA SER A 26 -1.07 7.15 8.75
C SER A 26 -1.63 7.92 9.94
N GLY A 27 -1.50 9.24 9.89
CA GLY A 27 -2.01 10.07 10.97
C GLY A 27 -1.13 10.02 12.20
N TRP A 28 0.15 9.75 12.00
CA TRP A 28 1.10 9.65 13.11
C TRP A 28 0.42 9.12 14.37
N GLY A 29 -0.41 8.10 14.19
CA GLY A 29 -1.12 7.51 15.32
C GLY A 29 -0.71 6.08 15.57
N SER A 30 -1.01 5.21 14.61
CA SER A 30 -0.68 3.79 14.73
C SER A 30 0.77 3.61 15.18
N ILE A 31 1.05 2.46 15.77
CA ILE A 31 2.40 2.16 16.24
C ILE A 31 3.44 2.58 15.21
N LEU A 32 3.36 2.02 14.02
CA LEU A 32 4.30 2.34 12.94
C LEU A 32 3.64 3.23 11.90
N PRO A 33 3.77 4.55 12.09
CA PRO A 33 3.20 5.54 11.18
C PRO A 33 3.92 5.57 9.82
N THR A 34 3.45 4.73 8.90
CA THR A 34 4.05 4.66 7.57
C THR A 34 3.16 5.33 6.53
N VAL A 35 2.09 4.65 6.14
CA VAL A 35 1.16 5.19 5.16
C VAL A 35 -0.05 4.28 4.99
N ILE A 36 -1.18 4.87 4.62
CA ILE A 36 -2.41 4.11 4.43
C ILE A 36 -3.11 4.52 3.14
N ILE A 37 -3.79 3.57 2.51
CA ILE A 37 -4.51 3.85 1.27
C ILE A 37 -5.60 4.89 1.48
N ALA A 38 -5.57 5.94 0.68
CA ALA A 38 -6.56 7.01 0.77
C ALA A 38 -7.66 6.83 -0.27
N ASN A 39 -7.31 6.17 -1.37
CA ASN A 39 -8.28 5.94 -2.45
C ASN A 39 -7.76 4.88 -3.41
N MET A 40 -8.69 4.24 -4.12
CA MET A 40 -8.32 3.20 -5.08
C MET A 40 -8.87 3.52 -6.47
N MET A 41 -8.00 3.49 -7.47
CA MET A 41 -8.41 3.78 -8.85
C MET A 41 -9.62 2.95 -9.25
N HIS A 42 -10.47 3.52 -10.09
CA HIS A 42 -11.66 2.82 -10.56
C HIS A 42 -11.35 1.93 -11.75
N GLY A 43 -10.41 1.00 -11.56
CA GLY A 43 -10.04 0.10 -12.64
C GLY A 43 -8.54 -0.12 -12.72
N GLY A 44 -7.87 -0.04 -11.57
CA GLY A 44 -6.43 -0.23 -11.53
C GLY A 44 -6.04 -1.59 -10.99
N PRO A 45 -4.73 -1.81 -10.81
CA PRO A 45 -4.19 -3.07 -10.30
C PRO A 45 -4.52 -3.28 -8.82
N ALA A 46 -4.49 -2.19 -8.06
CA ALA A 46 -4.79 -2.26 -6.63
C ALA A 46 -6.27 -2.50 -6.39
N GLU A 47 -7.11 -1.69 -7.02
CA GLU A 47 -8.56 -1.83 -6.87
C GLU A 47 -9.02 -3.22 -7.28
N LYS A 48 -8.32 -3.82 -8.24
CA LYS A 48 -8.66 -5.16 -8.72
C LYS A 48 -8.00 -6.22 -7.84
N SER A 49 -6.77 -5.97 -7.42
CA SER A 49 -6.04 -6.90 -6.59
C SER A 49 -6.84 -7.28 -5.35
N GLY A 50 -7.61 -6.32 -4.84
CA GLY A 50 -8.43 -6.58 -3.66
C GLY A 50 -7.61 -7.05 -2.48
N LYS A 51 -6.30 -6.87 -2.57
CA LYS A 51 -5.40 -7.29 -1.50
C LYS A 51 -5.41 -6.27 -0.36
N LEU A 52 -5.65 -5.02 -0.69
CA LEU A 52 -5.70 -3.96 0.31
C LEU A 52 -7.10 -3.36 0.41
N ASN A 53 -7.25 -2.37 1.28
CA ASN A 53 -8.54 -1.71 1.48
C ASN A 53 -8.35 -0.31 2.05
N ILE A 54 -9.33 0.56 1.80
CA ILE A 54 -9.27 1.93 2.28
C ILE A 54 -9.08 1.97 3.80
N GLY A 55 -7.87 2.32 4.23
CA GLY A 55 -7.58 2.39 5.64
C GLY A 55 -6.38 1.54 6.04
N ASP A 56 -6.09 0.52 5.22
CA ASP A 56 -4.96 -0.37 5.50
C ASP A 56 -3.63 0.37 5.30
N GLN A 57 -2.64 -0.02 6.08
CA GLN A 57 -1.32 0.60 6.00
C GLN A 57 -0.29 -0.39 5.48
N ILE A 58 0.77 0.14 4.85
CA ILE A 58 1.83 -0.70 4.31
C ILE A 58 3.04 -0.73 5.25
N MET A 59 3.33 -1.91 5.79
CA MET A 59 4.46 -2.07 6.70
C MET A 59 5.79 -1.86 5.96
N SER A 60 5.86 -2.38 4.74
CA SER A 60 7.08 -2.25 3.93
C SER A 60 6.75 -2.43 2.45
N ILE A 61 7.76 -2.21 1.60
CA ILE A 61 7.59 -2.34 0.17
C ILE A 61 8.76 -3.10 -0.46
N ASN A 62 8.50 -4.34 -0.88
CA ASN A 62 9.53 -5.17 -1.49
C ASN A 62 10.78 -5.24 -0.60
N GLY A 63 10.57 -5.07 0.70
CA GLY A 63 11.68 -5.12 1.64
C GLY A 63 12.19 -3.75 2.01
N THR A 64 11.38 -2.73 1.76
CA THR A 64 11.76 -1.35 2.07
C THR A 64 10.92 -0.79 3.21
N SER A 65 11.52 -0.72 4.40
CA SER A 65 10.83 -0.21 5.57
C SER A 65 10.34 1.22 5.35
N LEU A 66 9.07 1.46 5.66
CA LEU A 66 8.49 2.78 5.49
C LEU A 66 8.37 3.51 6.83
N VAL A 67 8.68 2.80 7.91
CA VAL A 67 8.63 3.37 9.25
C VAL A 67 9.51 4.61 9.36
N GLY A 68 8.89 5.77 9.53
CA GLY A 68 9.64 7.00 9.65
C GLY A 68 9.66 7.80 8.36
N LEU A 69 9.76 7.09 7.24
CA LEU A 69 9.80 7.75 5.93
C LEU A 69 8.61 8.68 5.76
N PRO A 70 8.85 9.84 5.13
CA PRO A 70 7.81 10.84 4.88
C PRO A 70 6.79 10.38 3.85
N LEU A 71 5.62 11.02 3.85
CA LEU A 71 4.56 10.67 2.91
C LEU A 71 5.03 10.86 1.47
N SER A 72 5.88 11.86 1.25
CA SER A 72 6.39 12.15 -0.09
C SER A 72 7.33 11.04 -0.55
N THR A 73 8.22 10.59 0.34
CA THR A 73 9.16 9.54 0.02
C THR A 73 8.45 8.21 -0.20
N CYS A 74 7.70 7.77 0.80
CA CYS A 74 6.97 6.51 0.72
C CYS A 74 6.26 6.39 -0.63
N GLN A 75 5.66 7.49 -1.07
CA GLN A 75 4.94 7.49 -2.35
C GLN A 75 5.88 7.18 -3.50
N SER A 76 7.04 7.83 -3.52
CA SER A 76 8.03 7.62 -4.57
C SER A 76 8.36 6.15 -4.71
N ILE A 77 8.54 5.47 -3.59
CA ILE A 77 8.87 4.05 -3.59
C ILE A 77 7.73 3.23 -4.18
N ILE A 78 6.55 3.81 -4.23
CA ILE A 78 5.38 3.14 -4.79
C ILE A 78 5.16 3.52 -6.24
N LYS A 79 5.59 4.72 -6.61
CA LYS A 79 5.45 5.21 -7.98
C LYS A 79 6.49 4.57 -8.89
N GLY A 80 7.59 4.11 -8.30
CA GLY A 80 8.64 3.48 -9.08
C GLY A 80 8.39 2.01 -9.32
N LEU A 81 7.14 1.61 -9.19
CA LEU A 81 6.77 0.20 -9.39
C LEU A 81 6.03 0.02 -10.72
N LYS A 82 5.90 1.11 -11.47
CA LYS A 82 5.22 1.07 -12.76
C LYS A 82 6.02 0.25 -13.77
N ASN A 83 7.34 0.38 -13.73
CA ASN A 83 8.21 -0.35 -14.63
C ASN A 83 8.19 -1.84 -14.33
N GLN A 84 7.64 -2.19 -13.16
CA GLN A 84 7.56 -3.59 -12.75
C GLN A 84 6.11 -4.08 -12.74
N SER A 85 5.91 -5.31 -13.16
CA SER A 85 4.56 -5.90 -13.21
C SER A 85 4.16 -6.41 -11.83
N ARG A 86 4.95 -7.33 -11.28
CA ARG A 86 4.67 -7.91 -9.97
C ARG A 86 5.37 -7.12 -8.88
N VAL A 87 4.64 -6.83 -7.80
CA VAL A 87 5.20 -6.08 -6.68
C VAL A 87 4.74 -6.67 -5.35
N LYS A 88 5.68 -6.86 -4.44
CA LYS A 88 5.37 -7.42 -3.13
C LYS A 88 5.36 -6.33 -2.07
N LEU A 89 4.29 -6.28 -1.28
CA LEU A 89 4.16 -5.28 -0.22
C LEU A 89 3.44 -5.87 0.99
N ASN A 90 3.84 -5.42 2.17
CA ASN A 90 3.23 -5.91 3.41
C ASN A 90 2.15 -4.95 3.89
N ILE A 91 0.91 -5.44 3.98
CA ILE A 91 -0.20 -4.62 4.43
C ILE A 91 -0.63 -5.02 5.84
N VAL A 92 -1.09 -4.03 6.60
CA VAL A 92 -1.54 -4.27 7.97
C VAL A 92 -2.70 -3.36 8.34
N SER A 93 -3.89 -3.94 8.45
CA SER A 93 -5.08 -3.17 8.80
C SER A 93 -4.76 -2.09 9.82
N GLY A 94 -4.97 -0.84 9.44
CA GLY A 94 -4.69 0.28 10.33
C GLY A 94 -5.31 0.09 11.70
N PRO A 95 -5.15 1.09 12.58
CA PRO A 95 -5.69 1.05 13.94
C PRO A 95 -7.21 1.15 13.96
N SER A 96 -7.81 1.20 12.78
CA SER A 96 -9.26 1.30 12.66
C SER A 96 -9.89 -0.08 12.46
N SER A 97 -10.83 -0.43 13.33
CA SER A 97 -11.50 -1.73 13.26
C SER A 97 -12.37 -1.81 12.00
N GLY A 98 -12.57 -3.03 11.51
CA GLY A 98 -13.38 -3.23 10.33
C GLY A 98 -12.55 -3.62 9.12
N GLY A 1 -7.77 -15.35 10.68
CA GLY A 1 -8.64 -14.21 10.79
C GLY A 1 -9.11 -13.71 9.44
N SER A 2 -10.40 -13.38 9.34
CA SER A 2 -10.97 -12.89 8.09
C SER A 2 -11.22 -11.38 8.15
N SER A 3 -11.83 -10.93 9.25
CA SER A 3 -12.12 -9.52 9.42
C SER A 3 -10.83 -8.70 9.53
N GLY A 4 -10.41 -8.13 8.40
CA GLY A 4 -9.19 -7.34 8.39
C GLY A 4 -7.97 -8.15 8.00
N SER A 5 -7.63 -8.12 6.71
CA SER A 5 -6.49 -8.86 6.20
C SER A 5 -5.18 -8.14 6.56
N SER A 6 -4.14 -8.93 6.82
CA SER A 6 -2.84 -8.37 7.17
C SER A 6 -1.73 -9.38 6.87
N GLY A 7 -0.77 -8.96 6.05
CA GLY A 7 0.34 -9.82 5.70
C GLY A 7 0.95 -9.48 4.36
N ASP A 8 1.75 -10.39 3.82
CA ASP A 8 2.40 -10.16 2.53
C ASP A 8 1.37 -10.02 1.42
N VAL A 9 1.57 -9.01 0.57
CA VAL A 9 0.66 -8.75 -0.53
C VAL A 9 1.40 -8.71 -1.86
N PHE A 10 0.75 -9.20 -2.92
CA PHE A 10 1.36 -9.21 -4.24
C PHE A 10 0.42 -8.60 -5.27
N ILE A 11 0.79 -7.42 -5.76
CA ILE A 11 -0.02 -6.71 -6.75
C ILE A 11 0.45 -7.03 -8.17
N GLU A 12 -0.31 -7.88 -8.85
CA GLU A 12 0.03 -8.27 -10.22
C GLU A 12 -0.63 -7.33 -11.23
N LYS A 13 0.19 -6.52 -11.90
CA LYS A 13 -0.31 -5.58 -12.89
C LYS A 13 0.48 -5.71 -14.19
N GLN A 14 0.19 -4.81 -15.14
CA GLN A 14 0.86 -4.82 -16.43
C GLN A 14 1.90 -3.71 -16.50
N LYS A 15 3.18 -4.07 -16.46
CA LYS A 15 4.26 -3.11 -16.53
C LYS A 15 3.88 -1.91 -17.40
N GLY A 16 4.37 -0.74 -17.02
CA GLY A 16 4.07 0.46 -17.78
C GLY A 16 3.00 1.31 -17.13
N GLU A 17 2.03 0.65 -16.49
CA GLU A 17 0.94 1.35 -15.83
C GLU A 17 1.28 1.62 -14.37
N ILE A 18 0.47 2.46 -13.72
CA ILE A 18 0.68 2.79 -12.32
C ILE A 18 -0.03 1.81 -11.40
N LEU A 19 0.22 1.95 -10.10
CA LEU A 19 -0.41 1.07 -9.11
C LEU A 19 -1.86 1.47 -8.86
N GLY A 20 -2.37 2.38 -9.70
CA GLY A 20 -3.74 2.83 -9.55
C GLY A 20 -4.18 2.87 -8.11
N VAL A 21 -3.36 3.44 -7.25
CA VAL A 21 -3.68 3.55 -5.82
C VAL A 21 -3.05 4.78 -5.21
N VAL A 22 -3.68 5.30 -4.15
CA VAL A 22 -3.17 6.48 -3.47
C VAL A 22 -2.93 6.20 -1.99
N ILE A 23 -1.83 6.75 -1.47
CA ILE A 23 -1.48 6.56 -0.07
C ILE A 23 -1.41 7.89 0.67
N VAL A 24 -1.59 7.85 1.99
CA VAL A 24 -1.54 9.05 2.81
C VAL A 24 -0.89 8.77 4.16
N GLU A 25 -0.70 9.82 4.95
CA GLU A 25 -0.09 9.68 6.27
C GLU A 25 -0.95 8.80 7.17
N SER A 26 -0.30 7.91 7.92
CA SER A 26 -1.02 7.01 8.83
C SER A 26 -1.49 7.76 10.07
N GLY A 27 -2.11 8.91 9.87
CA GLY A 27 -2.59 9.70 11.00
C GLY A 27 -1.66 9.63 12.19
N TRP A 28 -0.37 9.44 11.93
CA TRP A 28 0.62 9.37 12.99
C TRP A 28 0.03 8.73 14.24
N GLY A 29 -0.85 7.73 14.04
CA GLY A 29 -1.47 7.06 15.17
C GLY A 29 -0.96 5.65 15.34
N SER A 30 -1.33 4.77 14.42
CA SER A 30 -0.92 3.37 14.47
C SER A 30 0.52 3.25 14.98
N ILE A 31 0.78 2.20 15.75
CA ILE A 31 2.11 1.97 16.30
C ILE A 31 3.19 2.44 15.35
N LEU A 32 3.22 1.88 14.15
CA LEU A 32 4.20 2.25 13.14
C LEU A 32 3.57 3.14 12.07
N PRO A 33 3.71 4.46 12.24
CA PRO A 33 3.16 5.43 11.28
C PRO A 33 3.90 5.43 9.96
N THR A 34 3.48 4.57 9.04
CA THR A 34 4.10 4.47 7.74
C THR A 34 3.26 5.15 6.67
N VAL A 35 2.19 4.49 6.25
CA VAL A 35 1.29 5.03 5.24
C VAL A 35 0.10 4.11 5.00
N ILE A 36 -1.05 4.71 4.69
CA ILE A 36 -2.26 3.93 4.43
C ILE A 36 -2.93 4.37 3.13
N ILE A 37 -3.73 3.48 2.56
CA ILE A 37 -4.43 3.78 1.32
C ILE A 37 -5.51 4.83 1.53
N ALA A 38 -5.41 5.93 0.78
CA ALA A 38 -6.38 7.01 0.89
C ALA A 38 -7.48 6.87 -0.15
N ASN A 39 -7.17 6.18 -1.25
CA ASN A 39 -8.13 5.98 -2.33
C ASN A 39 -7.59 4.98 -3.35
N MET A 40 -8.50 4.37 -4.10
CA MET A 40 -8.13 3.39 -5.12
C MET A 40 -8.63 3.81 -6.50
N MET A 41 -7.77 3.69 -7.49
CA MET A 41 -8.13 4.05 -8.87
C MET A 41 -9.31 3.22 -9.36
N HIS A 42 -10.22 3.87 -10.09
CA HIS A 42 -11.39 3.18 -10.62
C HIS A 42 -11.03 2.33 -11.83
N GLY A 43 -10.46 1.16 -11.58
CA GLY A 43 -10.08 0.27 -12.66
C GLY A 43 -8.58 0.00 -12.68
N GLY A 44 -7.91 0.31 -11.58
CA GLY A 44 -6.47 0.10 -11.50
C GLY A 44 -6.13 -1.29 -10.99
N PRO A 45 -4.82 -1.56 -10.85
CA PRO A 45 -4.32 -2.85 -10.37
C PRO A 45 -4.62 -3.07 -8.89
N ALA A 46 -4.50 -2.00 -8.11
CA ALA A 46 -4.75 -2.08 -6.68
C ALA A 46 -6.23 -2.29 -6.39
N GLU A 47 -7.08 -1.59 -7.13
CA GLU A 47 -8.52 -1.70 -6.95
C GLU A 47 -9.01 -3.10 -7.36
N LYS A 48 -8.33 -3.69 -8.33
CA LYS A 48 -8.69 -5.02 -8.81
C LYS A 48 -8.02 -6.10 -7.96
N SER A 49 -6.81 -5.83 -7.50
CA SER A 49 -6.06 -6.78 -6.68
C SER A 49 -6.89 -7.21 -5.48
N GLY A 50 -7.59 -6.27 -4.87
CA GLY A 50 -8.41 -6.58 -3.71
C GLY A 50 -7.60 -7.08 -2.54
N LYS A 51 -6.28 -6.88 -2.62
CA LYS A 51 -5.38 -7.33 -1.55
C LYS A 51 -5.39 -6.34 -0.40
N LEU A 52 -5.66 -5.07 -0.69
CA LEU A 52 -5.70 -4.03 0.32
C LEU A 52 -7.11 -3.45 0.46
N ASN A 53 -7.26 -2.50 1.38
CA ASN A 53 -8.55 -1.87 1.60
C ASN A 53 -8.37 -0.48 2.21
N ILE A 54 -9.21 0.46 1.77
CA ILE A 54 -9.14 1.83 2.26
C ILE A 54 -8.96 1.86 3.78
N GLY A 55 -7.77 2.24 4.22
CA GLY A 55 -7.49 2.30 5.65
C GLY A 55 -6.27 1.49 6.03
N ASP A 56 -6.02 0.41 5.29
CA ASP A 56 -4.88 -0.45 5.57
C ASP A 56 -3.57 0.32 5.43
N GLN A 57 -2.54 -0.14 6.14
CA GLN A 57 -1.24 0.50 6.09
C GLN A 57 -0.18 -0.42 5.49
N ILE A 58 0.86 0.16 4.92
CA ILE A 58 1.93 -0.62 4.32
C ILE A 58 3.20 -0.58 5.17
N MET A 59 3.56 -1.72 5.76
CA MET A 59 4.74 -1.81 6.60
C MET A 59 6.00 -1.55 5.78
N SER A 60 6.06 -2.13 4.59
CA SER A 60 7.21 -1.97 3.71
C SER A 60 6.83 -2.24 2.25
N ILE A 61 7.77 -2.01 1.35
CA ILE A 61 7.53 -2.22 -0.07
C ILE A 61 8.67 -3.01 -0.71
N ASN A 62 8.44 -4.30 -0.92
CA ASN A 62 9.45 -5.17 -1.53
C ASN A 62 10.67 -5.27 -0.63
N GLY A 63 10.48 -5.07 0.67
CA GLY A 63 11.59 -5.14 1.60
C GLY A 63 12.12 -3.77 1.97
N THR A 64 11.39 -2.73 1.60
CA THR A 64 11.81 -1.36 1.89
C THR A 64 10.88 -0.71 2.91
N SER A 65 11.21 -0.84 4.18
CA SER A 65 10.41 -0.26 5.26
C SER A 65 10.13 1.21 5.00
N LEU A 66 8.91 1.65 5.31
CA LEU A 66 8.52 3.04 5.10
C LEU A 66 8.39 3.76 6.45
N VAL A 67 8.11 3.01 7.50
CA VAL A 67 7.97 3.58 8.83
C VAL A 67 9.03 4.64 9.10
N GLY A 68 8.59 5.86 9.42
CA GLY A 68 9.52 6.94 9.68
C GLY A 68 9.69 7.86 8.50
N LEU A 69 9.72 7.28 7.29
CA LEU A 69 9.88 8.06 6.08
C LEU A 69 8.70 9.00 5.86
N PRO A 70 8.96 10.14 5.21
CA PRO A 70 7.92 11.13 4.92
C PRO A 70 6.91 10.65 3.88
N LEU A 71 5.72 11.23 3.91
CA LEU A 71 4.67 10.85 2.98
C LEU A 71 5.12 11.04 1.53
N SER A 72 5.91 12.08 1.29
CA SER A 72 6.43 12.37 -0.04
C SER A 72 7.34 11.26 -0.52
N THR A 73 8.27 10.86 0.34
CA THR A 73 9.22 9.80 0.01
C THR A 73 8.51 8.47 -0.20
N CYS A 74 7.76 8.04 0.80
CA CYS A 74 7.03 6.78 0.73
C CYS A 74 6.29 6.66 -0.60
N GLN A 75 5.65 7.75 -1.02
CA GLN A 75 4.91 7.76 -2.28
C GLN A 75 5.84 7.49 -3.46
N SER A 76 6.99 8.15 -3.46
CA SER A 76 7.96 7.98 -4.54
C SER A 76 8.32 6.51 -4.73
N ILE A 77 8.56 5.82 -3.62
CA ILE A 77 8.92 4.41 -3.65
C ILE A 77 7.84 3.59 -4.36
N ILE A 78 6.61 4.11 -4.35
CA ILE A 78 5.49 3.42 -4.98
C ILE A 78 5.38 3.81 -6.46
N LYS A 79 5.99 4.93 -6.82
CA LYS A 79 5.98 5.41 -8.20
C LYS A 79 6.91 4.58 -9.07
N GLY A 80 7.91 3.97 -8.45
CA GLY A 80 8.86 3.16 -9.18
C GLY A 80 8.40 1.72 -9.33
N LEU A 81 7.10 1.50 -9.22
CA LEU A 81 6.53 0.16 -9.34
C LEU A 81 5.84 -0.02 -10.69
N LYS A 82 5.68 1.08 -11.41
CA LYS A 82 5.04 1.04 -12.73
C LYS A 82 5.75 0.05 -13.65
N ASN A 83 7.07 0.03 -13.58
CA ASN A 83 7.88 -0.87 -14.41
C ASN A 83 8.04 -2.23 -13.73
N GLN A 84 7.14 -2.54 -12.81
CA GLN A 84 7.18 -3.80 -12.08
C GLN A 84 5.81 -4.46 -12.06
N SER A 85 5.60 -5.43 -12.95
CA SER A 85 4.33 -6.14 -13.02
C SER A 85 3.96 -6.77 -11.68
N ARG A 86 4.91 -7.52 -11.12
CA ARG A 86 4.69 -8.17 -9.83
C ARG A 86 5.49 -7.48 -8.72
N VAL A 87 4.77 -6.93 -7.75
CA VAL A 87 5.41 -6.23 -6.63
C VAL A 87 4.89 -6.76 -5.30
N LYS A 88 5.81 -6.96 -4.36
CA LYS A 88 5.45 -7.46 -3.04
C LYS A 88 5.42 -6.32 -2.02
N LEU A 89 4.33 -6.26 -1.25
CA LEU A 89 4.18 -5.22 -0.24
C LEU A 89 3.56 -5.79 1.03
N ASN A 90 4.01 -5.30 2.18
CA ASN A 90 3.50 -5.76 3.46
C ASN A 90 2.41 -4.81 3.98
N ILE A 91 1.20 -5.34 4.13
CA ILE A 91 0.07 -4.56 4.61
C ILE A 91 -0.31 -4.96 6.03
N VAL A 92 -0.80 -4.00 6.80
CA VAL A 92 -1.20 -4.26 8.18
C VAL A 92 -2.41 -3.40 8.56
N SER A 93 -3.55 -4.05 8.72
CA SER A 93 -4.78 -3.35 9.10
C SER A 93 -4.49 -2.20 10.05
N GLY A 94 -4.77 -0.98 9.61
CA GLY A 94 -4.54 0.18 10.44
C GLY A 94 -5.24 0.10 11.78
N PRO A 95 -5.41 1.25 12.44
CA PRO A 95 -6.08 1.32 13.75
C PRO A 95 -7.57 1.04 13.66
N SER A 96 -7.92 -0.24 13.71
CA SER A 96 -9.32 -0.65 13.63
C SER A 96 -9.65 -1.70 14.70
N SER A 97 -10.92 -1.79 15.07
CA SER A 97 -11.36 -2.74 16.09
C SER A 97 -10.90 -4.16 15.72
N GLY A 98 -10.19 -4.79 16.65
CA GLY A 98 -9.70 -6.14 16.41
C GLY A 98 -8.53 -6.18 15.46
N GLY A 1 -17.51 -10.74 5.87
CA GLY A 1 -17.37 -9.37 6.32
C GLY A 1 -16.25 -8.63 5.60
N SER A 2 -15.16 -8.41 6.32
CA SER A 2 -14.01 -7.70 5.75
C SER A 2 -12.92 -8.68 5.35
N SER A 3 -12.91 -9.07 4.08
CA SER A 3 -11.92 -10.01 3.56
C SER A 3 -10.52 -9.42 3.63
N GLY A 4 -9.51 -10.26 3.44
CA GLY A 4 -8.14 -9.80 3.48
C GLY A 4 -7.42 -10.24 4.74
N SER A 5 -6.09 -10.23 4.68
CA SER A 5 -5.28 -10.64 5.83
C SER A 5 -4.06 -9.73 5.98
N SER A 6 -3.95 -9.08 7.14
CA SER A 6 -2.84 -8.19 7.42
C SER A 6 -1.51 -8.94 7.36
N GLY A 7 -0.88 -8.94 6.18
CA GLY A 7 0.39 -9.62 6.02
C GLY A 7 1.03 -9.33 4.68
N ASP A 8 1.72 -10.31 4.13
CA ASP A 8 2.40 -10.15 2.84
C ASP A 8 1.37 -10.03 1.71
N VAL A 9 1.54 -8.99 0.89
CA VAL A 9 0.63 -8.76 -0.23
C VAL A 9 1.40 -8.70 -1.56
N PHE A 10 0.72 -9.08 -2.63
CA PHE A 10 1.33 -9.07 -3.95
C PHE A 10 0.38 -8.48 -4.99
N ILE A 11 0.71 -7.28 -5.47
CA ILE A 11 -0.11 -6.60 -6.47
C ILE A 11 0.31 -7.00 -7.88
N GLU A 12 -0.49 -7.85 -8.51
CA GLU A 12 -0.21 -8.30 -9.87
C GLU A 12 -0.77 -7.32 -10.90
N LYS A 13 0.12 -6.60 -11.57
CA LYS A 13 -0.29 -5.63 -12.58
C LYS A 13 0.58 -5.75 -13.84
N GLN A 14 0.37 -4.85 -14.78
CA GLN A 14 1.13 -4.85 -16.03
C GLN A 14 2.12 -3.69 -16.07
N LYS A 15 3.32 -3.95 -16.57
CA LYS A 15 4.35 -2.92 -16.66
C LYS A 15 3.89 -1.77 -17.56
N GLY A 16 4.31 -0.56 -17.21
CA GLY A 16 3.95 0.60 -18.00
C GLY A 16 2.86 1.42 -17.33
N GLU A 17 1.99 0.75 -16.58
CA GLU A 17 0.90 1.43 -15.89
C GLU A 17 1.26 1.69 -14.42
N ILE A 18 0.49 2.55 -13.77
CA ILE A 18 0.72 2.89 -12.37
C ILE A 18 -0.04 1.95 -11.45
N LEU A 19 0.27 2.02 -10.16
CA LEU A 19 -0.39 1.17 -9.17
C LEU A 19 -1.85 1.58 -8.99
N GLY A 20 -2.25 2.64 -9.68
CA GLY A 20 -3.62 3.11 -9.58
C GLY A 20 -4.13 3.12 -8.15
N VAL A 21 -3.33 3.70 -7.25
CA VAL A 21 -3.71 3.77 -5.84
C VAL A 21 -3.12 5.01 -5.18
N VAL A 22 -3.81 5.51 -4.16
CA VAL A 22 -3.35 6.70 -3.45
C VAL A 22 -3.07 6.38 -1.98
N ILE A 23 -1.99 6.94 -1.46
CA ILE A 23 -1.61 6.71 -0.07
C ILE A 23 -1.48 8.03 0.69
N VAL A 24 -1.67 7.98 2.00
CA VAL A 24 -1.56 9.16 2.84
C VAL A 24 -0.96 8.84 4.20
N GLU A 25 -0.50 9.86 4.90
CA GLU A 25 0.10 9.68 6.22
C GLU A 25 -0.80 8.81 7.10
N SER A 26 -0.17 7.94 7.88
CA SER A 26 -0.90 7.05 8.77
C SER A 26 -1.38 7.79 10.02
N GLY A 27 -1.95 8.97 9.81
CA GLY A 27 -2.44 9.77 10.92
C GLY A 27 -1.57 9.64 12.15
N TRP A 28 -0.28 9.42 11.95
CA TRP A 28 0.66 9.27 13.05
C TRP A 28 -0.01 8.61 14.25
N GLY A 29 -0.89 7.64 13.98
CA GLY A 29 -1.57 6.94 15.04
C GLY A 29 -1.10 5.51 15.20
N SER A 30 -1.46 4.66 14.24
CA SER A 30 -1.09 3.26 14.28
C SER A 30 0.34 3.10 14.82
N ILE A 31 0.56 2.01 15.54
CA ILE A 31 1.88 1.73 16.12
C ILE A 31 3.00 2.20 15.19
N LEU A 32 3.00 1.68 13.98
CA LEU A 32 4.01 2.05 12.99
C LEU A 32 3.44 3.00 11.96
N PRO A 33 3.62 4.31 12.18
CA PRO A 33 3.13 5.36 11.28
C PRO A 33 3.90 5.39 9.96
N THR A 34 3.44 4.59 9.00
CA THR A 34 4.09 4.53 7.70
C THR A 34 3.24 5.22 6.63
N VAL A 35 2.18 4.55 6.20
CA VAL A 35 1.29 5.10 5.19
C VAL A 35 0.09 4.19 4.94
N ILE A 36 -1.07 4.79 4.69
CA ILE A 36 -2.29 4.03 4.45
C ILE A 36 -2.98 4.50 3.18
N ILE A 37 -3.71 3.59 2.54
CA ILE A 37 -4.43 3.92 1.32
C ILE A 37 -5.53 4.95 1.58
N ALA A 38 -5.53 6.02 0.80
CA ALA A 38 -6.53 7.07 0.95
C ALA A 38 -7.63 6.93 -0.08
N ASN A 39 -7.31 6.28 -1.20
CA ASN A 39 -8.29 6.07 -2.27
C ASN A 39 -7.74 5.12 -3.32
N MET A 40 -8.64 4.46 -4.04
CA MET A 40 -8.24 3.51 -5.08
C MET A 40 -8.79 3.94 -6.44
N MET A 41 -8.01 3.71 -7.48
CA MET A 41 -8.41 4.07 -8.84
C MET A 41 -9.67 3.31 -9.25
N HIS A 42 -10.40 3.87 -10.21
CA HIS A 42 -11.62 3.24 -10.70
C HIS A 42 -11.31 2.22 -11.80
N GLY A 43 -10.28 1.42 -11.57
CA GLY A 43 -9.90 0.41 -12.54
C GLY A 43 -8.40 0.18 -12.58
N GLY A 44 -7.75 0.30 -11.43
CA GLY A 44 -6.32 0.09 -11.35
C GLY A 44 -5.96 -1.28 -10.84
N PRO A 45 -4.64 -1.53 -10.70
CA PRO A 45 -4.13 -2.82 -10.21
C PRO A 45 -4.45 -3.05 -8.74
N ALA A 46 -4.38 -1.98 -7.95
CA ALA A 46 -4.67 -2.06 -6.52
C ALA A 46 -6.14 -2.36 -6.26
N GLU A 47 -7.01 -1.66 -6.98
CA GLU A 47 -8.45 -1.85 -6.83
C GLU A 47 -8.87 -3.24 -7.30
N LYS A 48 -8.17 -3.74 -8.31
CA LYS A 48 -8.47 -5.06 -8.86
C LYS A 48 -7.81 -6.16 -8.03
N SER A 49 -6.61 -5.89 -7.54
CA SER A 49 -5.88 -6.85 -6.73
C SER A 49 -6.72 -7.32 -5.54
N GLY A 50 -7.33 -6.36 -4.85
CA GLY A 50 -8.15 -6.69 -3.69
C GLY A 50 -7.33 -7.16 -2.51
N LYS A 51 -6.02 -6.91 -2.56
CA LYS A 51 -5.13 -7.30 -1.49
C LYS A 51 -5.12 -6.26 -0.37
N LEU A 52 -5.50 -5.03 -0.72
CA LEU A 52 -5.54 -3.94 0.25
C LEU A 52 -6.95 -3.38 0.37
N ASN A 53 -7.12 -2.43 1.29
CA ASN A 53 -8.42 -1.80 1.50
C ASN A 53 -8.27 -0.39 2.07
N ILE A 54 -9.24 0.47 1.77
CA ILE A 54 -9.20 1.84 2.25
C ILE A 54 -9.01 1.90 3.76
N GLY A 55 -7.80 2.27 4.19
CA GLY A 55 -7.51 2.36 5.60
C GLY A 55 -6.29 1.52 5.99
N ASP A 56 -6.01 0.50 5.21
CA ASP A 56 -4.87 -0.38 5.48
C ASP A 56 -3.56 0.37 5.33
N GLN A 57 -2.54 -0.08 6.05
CA GLN A 57 -1.23 0.56 6.00
C GLN A 57 -0.18 -0.39 5.42
N ILE A 58 0.89 0.18 4.88
CA ILE A 58 1.96 -0.61 4.29
C ILE A 58 3.22 -0.58 5.16
N MET A 59 3.61 -1.73 5.68
CA MET A 59 4.80 -1.83 6.51
C MET A 59 6.07 -1.61 5.69
N SER A 60 6.13 -2.24 4.53
CA SER A 60 7.29 -2.11 3.65
C SER A 60 6.90 -2.37 2.19
N ILE A 61 7.83 -2.10 1.28
CA ILE A 61 7.59 -2.31 -0.14
C ILE A 61 8.72 -3.10 -0.78
N ASN A 62 8.49 -4.39 -0.98
CA ASN A 62 9.50 -5.26 -1.58
C ASN A 62 10.76 -5.32 -0.72
N GLY A 63 10.59 -5.10 0.59
CA GLY A 63 11.72 -5.14 1.50
C GLY A 63 12.20 -3.75 1.89
N THR A 64 11.42 -2.74 1.52
CA THR A 64 11.77 -1.36 1.83
C THR A 64 10.93 -0.82 2.98
N SER A 65 11.55 -0.65 4.13
CA SER A 65 10.86 -0.15 5.32
C SER A 65 10.41 1.29 5.10
N LEU A 66 9.14 1.56 5.38
CA LEU A 66 8.59 2.90 5.23
C LEU A 66 8.52 3.62 6.57
N VAL A 67 8.31 2.85 7.64
CA VAL A 67 8.22 3.42 8.98
C VAL A 67 9.18 4.60 9.14
N GLY A 68 8.63 5.76 9.47
CA GLY A 68 9.45 6.95 9.65
C GLY A 68 9.49 7.82 8.40
N LEU A 69 9.62 7.17 7.24
CA LEU A 69 9.67 7.90 5.98
C LEU A 69 8.44 8.78 5.80
N PRO A 70 8.65 9.97 5.20
CA PRO A 70 7.57 10.93 4.96
C PRO A 70 6.60 10.45 3.89
N LEU A 71 5.37 10.96 3.93
CA LEU A 71 4.35 10.59 2.96
C LEU A 71 4.83 10.85 1.54
N SER A 72 5.62 11.91 1.37
CA SER A 72 6.15 12.28 0.06
C SER A 72 7.14 11.24 -0.43
N THR A 73 8.01 10.79 0.46
CA THR A 73 9.02 9.80 0.11
C THR A 73 8.38 8.44 -0.18
N CYS A 74 7.64 7.91 0.79
CA CYS A 74 6.97 6.63 0.63
C CYS A 74 6.27 6.55 -0.71
N GLN A 75 5.65 7.65 -1.12
CA GLN A 75 4.93 7.70 -2.38
C GLN A 75 5.86 7.42 -3.55
N SER A 76 7.00 8.11 -3.57
CA SER A 76 7.98 7.93 -4.65
C SER A 76 8.33 6.46 -4.82
N ILE A 77 8.61 5.79 -3.71
CA ILE A 77 8.97 4.37 -3.74
C ILE A 77 7.88 3.55 -4.43
N ILE A 78 6.64 4.02 -4.33
CA ILE A 78 5.52 3.33 -4.94
C ILE A 78 5.40 3.67 -6.43
N LYS A 79 6.01 4.78 -6.82
CA LYS A 79 5.99 5.22 -8.21
C LYS A 79 6.93 4.37 -9.07
N GLY A 80 7.95 3.80 -8.43
CA GLY A 80 8.91 2.98 -9.14
C GLY A 80 8.42 1.56 -9.32
N LEU A 81 7.11 1.37 -9.29
CA LEU A 81 6.52 0.05 -9.46
C LEU A 81 5.82 -0.07 -10.80
N LYS A 82 5.77 1.03 -11.54
CA LYS A 82 5.12 1.06 -12.85
C LYS A 82 5.75 0.03 -13.79
N ASN A 83 7.08 -0.05 -13.77
CA ASN A 83 7.81 -0.98 -14.61
C ASN A 83 7.89 -2.36 -13.96
N GLN A 84 7.21 -2.51 -12.82
CA GLN A 84 7.21 -3.76 -12.09
C GLN A 84 5.84 -4.43 -12.14
N SER A 85 5.74 -5.51 -12.92
CA SER A 85 4.48 -6.23 -13.06
C SER A 85 4.00 -6.76 -11.70
N ARG A 86 4.81 -7.62 -11.10
CA ARG A 86 4.46 -8.21 -9.81
C ARG A 86 5.29 -7.57 -8.68
N VAL A 87 4.62 -6.82 -7.82
CA VAL A 87 5.28 -6.15 -6.70
C VAL A 87 4.81 -6.72 -5.37
N LYS A 88 5.75 -6.90 -4.44
CA LYS A 88 5.44 -7.42 -3.13
C LYS A 88 5.42 -6.31 -2.08
N LEU A 89 4.32 -6.22 -1.35
CA LEU A 89 4.18 -5.20 -0.31
C LEU A 89 3.53 -5.78 0.94
N ASN A 90 3.99 -5.32 2.10
CA ASN A 90 3.47 -5.79 3.37
C ASN A 90 2.39 -4.84 3.90
N ILE A 91 1.18 -5.36 4.07
CA ILE A 91 0.07 -4.56 4.58
C ILE A 91 -0.25 -4.91 6.02
N VAL A 92 -0.75 -3.93 6.77
CA VAL A 92 -1.10 -4.15 8.17
C VAL A 92 -2.33 -3.32 8.56
N SER A 93 -3.45 -4.00 8.77
CA SER A 93 -4.70 -3.33 9.14
C SER A 93 -4.41 -2.13 10.03
N GLY A 94 -4.80 -0.95 9.57
CA GLY A 94 -4.58 0.27 10.34
C GLY A 94 -5.22 0.19 11.72
N PRO A 95 -5.43 1.36 12.34
CA PRO A 95 -6.03 1.46 13.67
C PRO A 95 -7.51 1.08 13.67
N SER A 96 -8.01 0.67 12.50
CA SER A 96 -9.41 0.28 12.38
C SER A 96 -9.90 -0.41 13.65
N SER A 97 -11.10 -0.02 14.09
CA SER A 97 -11.69 -0.60 15.29
C SER A 97 -13.17 -0.86 15.10
N GLY A 98 -13.67 -1.92 15.72
CA GLY A 98 -15.07 -2.26 15.61
C GLY A 98 -15.39 -3.05 14.35
N GLY A 1 -16.89 -11.75 14.44
CA GLY A 1 -15.75 -11.01 13.91
C GLY A 1 -14.48 -11.83 13.93
N SER A 2 -14.18 -12.47 12.80
CA SER A 2 -12.99 -13.29 12.69
C SER A 2 -12.22 -12.99 11.40
N SER A 3 -12.11 -11.70 11.09
CA SER A 3 -11.41 -11.27 9.88
C SER A 3 -10.17 -10.46 10.22
N GLY A 4 -9.39 -10.12 9.20
CA GLY A 4 -8.18 -9.35 9.42
C GLY A 4 -7.12 -9.63 8.37
N SER A 5 -7.29 -9.07 7.19
CA SER A 5 -6.34 -9.26 6.10
C SER A 5 -5.07 -8.43 6.31
N SER A 6 -4.09 -9.02 6.98
CA SER A 6 -2.84 -8.33 7.25
C SER A 6 -1.65 -9.26 7.07
N GLY A 7 -0.74 -8.89 6.17
CA GLY A 7 0.43 -9.71 5.92
C GLY A 7 1.05 -9.42 4.57
N ASP A 8 1.79 -10.39 4.04
CA ASP A 8 2.46 -10.24 2.74
C ASP A 8 1.42 -10.15 1.62
N VAL A 9 1.55 -9.12 0.79
CA VAL A 9 0.63 -8.92 -0.32
C VAL A 9 1.38 -8.91 -1.66
N PHE A 10 0.67 -9.25 -2.72
CA PHE A 10 1.26 -9.28 -4.06
C PHE A 10 0.32 -8.64 -5.09
N ILE A 11 0.71 -7.48 -5.58
CA ILE A 11 -0.09 -6.77 -6.57
C ILE A 11 0.35 -7.12 -7.99
N GLU A 12 -0.54 -7.79 -8.73
CA GLU A 12 -0.25 -8.19 -10.10
C GLU A 12 -0.79 -7.16 -11.09
N LYS A 13 0.11 -6.44 -11.74
CA LYS A 13 -0.27 -5.42 -12.72
C LYS A 13 0.57 -5.54 -13.99
N GLN A 14 0.39 -4.60 -14.90
CA GLN A 14 1.12 -4.60 -16.15
C GLN A 14 2.15 -3.47 -16.18
N LYS A 15 3.36 -3.79 -16.61
CA LYS A 15 4.43 -2.79 -16.68
C LYS A 15 4.02 -1.61 -17.55
N GLY A 16 4.37 -0.41 -17.12
CA GLY A 16 4.03 0.79 -17.87
C GLY A 16 2.96 1.62 -17.20
N GLU A 17 2.01 0.95 -16.54
CA GLU A 17 0.94 1.63 -15.85
C GLU A 17 1.25 1.79 -14.37
N ILE A 18 0.58 2.74 -13.73
CA ILE A 18 0.80 3.00 -12.30
C ILE A 18 0.03 2.00 -11.45
N LEU A 19 0.29 2.04 -10.14
CA LEU A 19 -0.38 1.14 -9.21
C LEU A 19 -1.80 1.61 -8.91
N GLY A 20 -2.24 2.63 -9.65
CA GLY A 20 -3.58 3.17 -9.46
C GLY A 20 -4.02 3.12 -8.01
N VAL A 21 -3.19 3.68 -7.13
CA VAL A 21 -3.49 3.70 -5.70
C VAL A 21 -2.94 4.95 -5.04
N VAL A 22 -3.68 5.50 -4.08
CA VAL A 22 -3.25 6.69 -3.37
C VAL A 22 -2.93 6.38 -1.92
N ILE A 23 -1.86 6.98 -1.40
CA ILE A 23 -1.44 6.76 -0.02
C ILE A 23 -1.37 8.08 0.74
N VAL A 24 -1.46 8.00 2.06
CA VAL A 24 -1.40 9.19 2.91
C VAL A 24 -0.70 8.89 4.23
N GLU A 25 -0.43 9.93 5.01
CA GLU A 25 0.24 9.77 6.29
C GLU A 25 -0.57 8.88 7.22
N SER A 26 0.09 7.86 7.77
CA SER A 26 -0.57 6.93 8.67
C SER A 26 -0.59 7.47 10.11
N GLY A 27 -0.62 8.79 10.23
CA GLY A 27 -0.64 9.41 11.54
C GLY A 27 -2.04 9.56 12.09
N TRP A 28 -2.83 8.50 11.98
CA TRP A 28 -4.20 8.52 12.47
C TRP A 28 -4.35 7.65 13.72
N GLY A 29 -3.34 7.67 14.57
CA GLY A 29 -3.37 6.89 15.79
C GLY A 29 -2.81 5.49 15.59
N SER A 30 -1.77 5.37 14.77
CA SER A 30 -1.15 4.08 14.49
C SER A 30 0.21 3.99 15.15
N ILE A 31 0.64 2.76 15.44
CA ILE A 31 1.94 2.54 16.07
C ILE A 31 3.08 2.92 15.14
N LEU A 32 3.12 2.29 13.97
CA LEU A 32 4.16 2.56 12.99
C LEU A 32 3.63 3.46 11.88
N PRO A 33 3.89 4.77 12.00
CA PRO A 33 3.45 5.76 11.00
C PRO A 33 4.21 5.64 9.69
N THR A 34 3.65 4.87 8.76
CA THR A 34 4.27 4.68 7.46
C THR A 34 3.43 5.29 6.34
N VAL A 35 2.36 4.62 5.98
CA VAL A 35 1.47 5.09 4.93
C VAL A 35 0.26 4.19 4.77
N ILE A 36 -0.91 4.78 4.53
CA ILE A 36 -2.14 4.03 4.36
C ILE A 36 -2.85 4.41 3.07
N ILE A 37 -3.62 3.48 2.51
CA ILE A 37 -4.34 3.72 1.28
C ILE A 37 -5.46 4.75 1.49
N ALA A 38 -5.33 5.90 0.82
CA ALA A 38 -6.33 6.95 0.94
C ALA A 38 -7.44 6.77 -0.07
N ASN A 39 -7.12 6.14 -1.20
CA ASN A 39 -8.10 5.90 -2.25
C ASN A 39 -7.55 4.94 -3.29
N MET A 40 -8.45 4.25 -3.98
CA MET A 40 -8.05 3.29 -5.01
C MET A 40 -8.59 3.71 -6.38
N MET A 41 -7.74 3.61 -7.39
CA MET A 41 -8.12 3.98 -8.75
C MET A 41 -9.27 3.09 -9.26
N HIS A 42 -10.33 3.73 -9.73
CA HIS A 42 -11.49 3.00 -10.23
C HIS A 42 -11.13 2.22 -11.49
N GLY A 43 -10.44 1.09 -11.30
CA GLY A 43 -10.04 0.27 -12.43
C GLY A 43 -8.54 0.03 -12.47
N GLY A 44 -7.87 0.29 -11.35
CA GLY A 44 -6.43 0.10 -11.29
C GLY A 44 -6.05 -1.27 -10.78
N PRO A 45 -4.74 -1.53 -10.67
CA PRO A 45 -4.21 -2.81 -10.19
C PRO A 45 -4.48 -3.03 -8.71
N ALA A 46 -4.43 -1.96 -7.94
CA ALA A 46 -4.67 -2.03 -6.50
C ALA A 46 -6.16 -2.24 -6.21
N GLU A 47 -7.01 -1.62 -7.02
CA GLU A 47 -8.45 -1.74 -6.84
C GLU A 47 -8.94 -3.12 -7.22
N LYS A 48 -8.28 -3.73 -8.21
CA LYS A 48 -8.64 -5.06 -8.68
C LYS A 48 -7.98 -6.13 -7.81
N SER A 49 -6.76 -5.86 -7.36
CA SER A 49 -6.02 -6.79 -6.53
C SER A 49 -6.84 -7.23 -5.32
N GLY A 50 -7.52 -6.27 -4.70
CA GLY A 50 -8.34 -6.57 -3.54
C GLY A 50 -7.52 -7.08 -2.37
N LYS A 51 -6.21 -6.86 -2.42
CA LYS A 51 -5.31 -7.31 -1.37
C LYS A 51 -5.29 -6.30 -0.22
N LEU A 52 -5.59 -5.04 -0.53
CA LEU A 52 -5.59 -3.98 0.47
C LEU A 52 -7.00 -3.40 0.64
N ASN A 53 -7.13 -2.41 1.52
CA ASN A 53 -8.41 -1.78 1.77
C ASN A 53 -8.22 -0.37 2.32
N ILE A 54 -9.14 0.52 1.98
CA ILE A 54 -9.08 1.90 2.44
C ILE A 54 -8.84 1.97 3.95
N GLY A 55 -7.61 2.33 4.33
CA GLY A 55 -7.28 2.42 5.74
C GLY A 55 -6.07 1.59 6.10
N ASP A 56 -5.84 0.53 5.34
CA ASP A 56 -4.70 -0.37 5.58
C ASP A 56 -3.38 0.37 5.38
N GLN A 57 -2.39 0.03 6.20
CA GLN A 57 -1.09 0.66 6.11
C GLN A 57 -0.04 -0.32 5.59
N ILE A 58 0.95 0.20 4.86
CA ILE A 58 2.01 -0.63 4.30
C ILE A 58 3.23 -0.63 5.20
N MET A 59 3.55 -1.80 5.76
CA MET A 59 4.70 -1.95 6.63
C MET A 59 6.00 -1.75 5.86
N SER A 60 6.06 -2.30 4.66
CA SER A 60 7.25 -2.20 3.82
C SER A 60 6.91 -2.44 2.36
N ILE A 61 7.88 -2.21 1.48
CA ILE A 61 7.68 -2.41 0.05
C ILE A 61 8.82 -3.24 -0.55
N ASN A 62 8.52 -4.49 -0.87
CA ASN A 62 9.49 -5.39 -1.46
C ASN A 62 10.71 -5.53 -0.54
N GLY A 63 10.50 -5.32 0.76
CA GLY A 63 11.58 -5.43 1.71
C GLY A 63 12.17 -4.08 2.08
N THR A 64 11.45 -3.01 1.75
CA THR A 64 11.91 -1.66 2.05
C THR A 64 11.00 -0.99 3.08
N SER A 65 11.36 -1.11 4.35
CA SER A 65 10.57 -0.52 5.43
C SER A 65 10.32 0.96 5.16
N LEU A 66 9.09 1.39 5.40
CA LEU A 66 8.71 2.79 5.18
C LEU A 66 8.61 3.54 6.51
N VAL A 67 8.71 2.79 7.61
CA VAL A 67 8.64 3.39 8.93
C VAL A 67 9.63 4.54 9.08
N GLY A 68 9.10 5.74 9.30
CA GLY A 68 9.94 6.91 9.46
C GLY A 68 10.00 7.76 8.21
N LEU A 69 9.93 7.10 7.04
CA LEU A 69 9.97 7.80 5.77
C LEU A 69 8.75 8.69 5.59
N PRO A 70 8.95 9.86 4.96
CA PRO A 70 7.87 10.82 4.72
C PRO A 70 6.88 10.31 3.67
N LEU A 71 5.67 10.88 3.68
CA LEU A 71 4.64 10.50 2.73
C LEU A 71 5.10 10.72 1.30
N SER A 72 5.90 11.77 1.10
CA SER A 72 6.42 12.10 -0.23
C SER A 72 7.41 11.04 -0.70
N THR A 73 8.24 10.57 0.20
CA THR A 73 9.23 9.56 -0.12
C THR A 73 8.58 8.21 -0.39
N CYS A 74 7.86 7.70 0.60
CA CYS A 74 7.18 6.41 0.47
C CYS A 74 6.42 6.33 -0.85
N GLN A 75 5.80 7.44 -1.25
CA GLN A 75 5.04 7.49 -2.50
C GLN A 75 5.93 7.17 -3.69
N SER A 76 7.11 7.80 -3.72
CA SER A 76 8.04 7.59 -4.81
C SER A 76 8.38 6.10 -4.97
N ILE A 77 8.59 5.43 -3.84
CA ILE A 77 8.91 4.01 -3.86
C ILE A 77 7.75 3.19 -4.41
N ILE A 78 6.56 3.76 -4.37
CA ILE A 78 5.37 3.09 -4.87
C ILE A 78 5.07 3.49 -6.32
N LYS A 79 5.57 4.66 -6.71
CA LYS A 79 5.37 5.16 -8.07
C LYS A 79 6.33 4.50 -9.05
N GLY A 80 7.44 3.98 -8.51
CA GLY A 80 8.42 3.33 -9.35
C GLY A 80 8.09 1.87 -9.62
N LEU A 81 6.86 1.48 -9.31
CA LEU A 81 6.42 0.11 -9.51
C LEU A 81 5.74 -0.05 -10.88
N LYS A 82 5.60 1.07 -11.58
CA LYS A 82 4.98 1.05 -12.91
C LYS A 82 5.80 0.23 -13.88
N ASN A 83 7.10 0.52 -13.96
CA ASN A 83 7.98 -0.21 -14.86
C ASN A 83 7.95 -1.71 -14.57
N GLN A 84 7.46 -2.08 -13.39
CA GLN A 84 7.37 -3.47 -12.99
C GLN A 84 5.92 -3.93 -12.94
N SER A 85 5.71 -5.23 -13.08
CA SER A 85 4.36 -5.80 -13.06
C SER A 85 4.03 -6.36 -11.67
N ARG A 86 4.80 -7.36 -11.25
CA ARG A 86 4.59 -7.98 -9.94
C ARG A 86 5.37 -7.25 -8.86
N VAL A 87 4.70 -6.95 -7.75
CA VAL A 87 5.34 -6.25 -6.64
C VAL A 87 4.85 -6.79 -5.31
N LYS A 88 5.77 -7.01 -4.39
CA LYS A 88 5.44 -7.53 -3.07
C LYS A 88 5.43 -6.41 -2.03
N LEU A 89 4.37 -6.34 -1.25
CA LEU A 89 4.24 -5.32 -0.22
C LEU A 89 3.56 -5.88 1.03
N ASN A 90 4.00 -5.41 2.20
CA ASN A 90 3.44 -5.88 3.46
C ASN A 90 2.36 -4.92 3.96
N ILE A 91 1.14 -5.42 4.07
CA ILE A 91 0.03 -4.60 4.54
C ILE A 91 -0.36 -4.97 5.97
N VAL A 92 -0.80 -3.98 6.73
CA VAL A 92 -1.21 -4.20 8.12
C VAL A 92 -2.37 -3.29 8.50
N SER A 93 -3.55 -3.88 8.68
CA SER A 93 -4.73 -3.11 9.04
C SER A 93 -4.38 -1.99 10.01
N GLY A 94 -4.56 -0.75 9.55
CA GLY A 94 -4.24 0.40 10.38
C GLY A 94 -4.99 0.36 11.70
N PRO A 95 -5.05 1.52 12.38
CA PRO A 95 -5.73 1.65 13.68
C PRO A 95 -7.24 1.53 13.55
N SER A 96 -7.84 0.77 14.46
CA SER A 96 -9.29 0.58 14.45
C SER A 96 -9.97 1.53 15.41
N SER A 97 -10.40 2.68 14.89
CA SER A 97 -11.06 3.69 15.70
C SER A 97 -12.52 3.86 15.27
N GLY A 98 -13.36 4.32 16.20
CA GLY A 98 -14.76 4.51 15.90
C GLY A 98 -15.49 3.21 15.66
N GLY A 1 -17.99 -12.06 2.82
CA GLY A 1 -16.77 -12.58 3.39
C GLY A 1 -15.59 -11.62 3.21
N SER A 2 -14.48 -11.93 3.87
CA SER A 2 -13.28 -11.09 3.78
C SER A 2 -12.28 -11.68 2.80
N SER A 3 -11.65 -10.83 2.01
CA SER A 3 -10.66 -11.26 1.03
C SER A 3 -9.31 -10.60 1.28
N GLY A 4 -8.40 -11.34 1.91
CA GLY A 4 -7.09 -10.82 2.20
C GLY A 4 -6.96 -10.31 3.63
N SER A 5 -5.98 -10.84 4.36
CA SER A 5 -5.77 -10.44 5.75
C SER A 5 -4.49 -9.63 5.88
N SER A 6 -4.25 -9.09 7.08
CA SER A 6 -3.07 -8.29 7.34
C SER A 6 -1.81 -9.14 7.22
N GLY A 7 -1.04 -8.90 6.16
CA GLY A 7 0.19 -9.65 5.95
C GLY A 7 0.82 -9.35 4.60
N ASP A 8 1.65 -10.27 4.12
CA ASP A 8 2.32 -10.09 2.84
C ASP A 8 1.30 -10.05 1.69
N VAL A 9 1.42 -9.03 0.85
CA VAL A 9 0.52 -8.87 -0.28
C VAL A 9 1.29 -8.82 -1.59
N PHE A 10 0.70 -9.39 -2.63
CA PHE A 10 1.33 -9.40 -3.95
C PHE A 10 0.43 -8.75 -5.00
N ILE A 11 0.84 -7.57 -5.47
CA ILE A 11 0.08 -6.84 -6.48
C ILE A 11 0.55 -7.18 -7.89
N GLU A 12 -0.30 -7.84 -8.65
CA GLU A 12 0.03 -8.22 -10.02
C GLU A 12 -0.54 -7.22 -11.02
N LYS A 13 0.34 -6.59 -11.79
CA LYS A 13 -0.07 -5.61 -12.79
C LYS A 13 0.81 -5.68 -14.03
N GLN A 14 0.59 -4.77 -14.96
CA GLN A 14 1.37 -4.73 -16.20
C GLN A 14 2.42 -3.63 -16.14
N LYS A 15 3.54 -3.85 -16.82
CA LYS A 15 4.61 -2.87 -16.86
C LYS A 15 4.23 -1.65 -17.69
N GLY A 16 4.31 -0.47 -17.09
CA GLY A 16 3.97 0.75 -17.79
C GLY A 16 2.87 1.53 -17.09
N GLU A 17 2.02 0.82 -16.34
CA GLU A 17 0.92 1.45 -15.63
C GLU A 17 1.30 1.69 -14.17
N ILE A 18 0.55 2.56 -13.51
CA ILE A 18 0.79 2.88 -12.11
C ILE A 18 0.03 1.93 -11.18
N LEU A 19 0.24 2.07 -9.88
CA LEU A 19 -0.43 1.24 -8.90
C LEU A 19 -1.88 1.66 -8.72
N GLY A 20 -2.33 2.59 -9.55
CA GLY A 20 -3.70 3.06 -9.48
C GLY A 20 -4.22 3.09 -8.05
N VAL A 21 -3.44 3.67 -7.15
CA VAL A 21 -3.82 3.76 -5.75
C VAL A 21 -3.16 4.96 -5.07
N VAL A 22 -3.93 5.67 -4.26
CA VAL A 22 -3.43 6.83 -3.55
C VAL A 22 -3.11 6.50 -2.10
N ILE A 23 -2.03 7.07 -1.59
CA ILE A 23 -1.61 6.84 -0.21
C ILE A 23 -1.51 8.14 0.57
N VAL A 24 -1.68 8.07 1.88
CA VAL A 24 -1.60 9.24 2.74
C VAL A 24 -0.99 8.90 4.08
N GLU A 25 -0.59 9.93 4.83
CA GLU A 25 0.02 9.74 6.14
C GLU A 25 -0.84 8.84 7.01
N SER A 26 -0.21 7.89 7.68
CA SER A 26 -0.91 6.96 8.55
C SER A 26 -1.24 7.60 9.89
N GLY A 27 -1.74 8.84 9.83
CA GLY A 27 -2.08 9.55 11.05
C GLY A 27 -1.08 9.32 12.16
N TRP A 28 0.00 10.10 12.16
CA TRP A 28 1.04 9.98 13.17
C TRP A 28 0.44 9.59 14.52
N GLY A 29 0.40 8.29 14.80
CA GLY A 29 -0.15 7.82 16.06
C GLY A 29 -0.11 6.31 16.17
N SER A 30 -0.56 5.62 15.13
CA SER A 30 -0.58 4.16 15.12
C SER A 30 0.82 3.60 15.40
N ILE A 31 0.87 2.34 15.81
CA ILE A 31 2.12 1.68 16.12
C ILE A 31 3.24 2.17 15.19
N LEU A 32 3.13 1.83 13.91
CA LEU A 32 4.12 2.23 12.93
C LEU A 32 3.49 3.10 11.85
N PRO A 33 3.62 4.42 11.99
CA PRO A 33 3.06 5.39 11.03
C PRO A 33 3.81 5.37 9.69
N THR A 34 3.40 4.46 8.81
CA THR A 34 4.02 4.34 7.50
C THR A 34 3.19 5.04 6.43
N VAL A 35 2.10 4.40 6.02
CA VAL A 35 1.22 4.95 4.99
C VAL A 35 0.01 4.06 4.77
N ILE A 36 -1.13 4.67 4.48
CA ILE A 36 -2.37 3.93 4.24
C ILE A 36 -3.04 4.40 2.95
N ILE A 37 -3.87 3.52 2.38
CA ILE A 37 -4.57 3.85 1.14
C ILE A 37 -5.66 4.88 1.39
N ALA A 38 -5.61 5.97 0.63
CA ALA A 38 -6.59 7.04 0.76
C ALA A 38 -7.69 6.91 -0.31
N ASN A 39 -7.37 6.23 -1.40
CA ASN A 39 -8.31 6.04 -2.49
C ASN A 39 -7.78 5.04 -3.50
N MET A 40 -8.69 4.40 -4.23
CA MET A 40 -8.31 3.42 -5.24
C MET A 40 -8.89 3.79 -6.60
N MET A 41 -8.07 3.63 -7.65
CA MET A 41 -8.50 3.95 -9.00
C MET A 41 -9.73 3.13 -9.39
N HIS A 42 -10.45 3.60 -10.41
CA HIS A 42 -11.64 2.91 -10.88
C HIS A 42 -11.29 1.89 -11.97
N GLY A 43 -10.18 1.19 -11.78
CA GLY A 43 -9.75 0.20 -12.75
C GLY A 43 -8.25 0.00 -12.75
N GLY A 44 -7.63 0.13 -11.58
CA GLY A 44 -6.20 -0.03 -11.48
C GLY A 44 -5.80 -1.41 -10.96
N PRO A 45 -4.50 -1.63 -10.79
CA PRO A 45 -3.97 -2.90 -10.30
C PRO A 45 -4.29 -3.14 -8.82
N ALA A 46 -4.41 -2.05 -8.07
CA ALA A 46 -4.72 -2.15 -6.65
C ALA A 46 -6.20 -2.46 -6.43
N GLU A 47 -7.06 -1.71 -7.11
CA GLU A 47 -8.50 -1.92 -6.98
C GLU A 47 -8.90 -3.31 -7.46
N LYS A 48 -8.16 -3.83 -8.43
CA LYS A 48 -8.42 -5.16 -8.97
C LYS A 48 -7.78 -6.24 -8.12
N SER A 49 -6.61 -5.93 -7.56
CA SER A 49 -5.88 -6.88 -6.72
C SER A 49 -6.74 -7.30 -5.53
N GLY A 50 -7.51 -6.36 -5.00
CA GLY A 50 -8.36 -6.65 -3.86
C GLY A 50 -7.57 -7.13 -2.66
N LYS A 51 -6.26 -6.96 -2.71
CA LYS A 51 -5.38 -7.38 -1.62
C LYS A 51 -5.43 -6.37 -0.47
N LEU A 52 -5.64 -5.10 -0.81
CA LEU A 52 -5.71 -4.05 0.20
C LEU A 52 -7.12 -3.45 0.25
N ASN A 53 -7.31 -2.48 1.14
CA ASN A 53 -8.60 -1.83 1.30
C ASN A 53 -8.43 -0.43 1.88
N ILE A 54 -9.35 0.46 1.52
CA ILE A 54 -9.31 1.83 2.00
C ILE A 54 -9.10 1.88 3.52
N GLY A 55 -7.89 2.26 3.93
CA GLY A 55 -7.58 2.35 5.34
C GLY A 55 -6.36 1.52 5.72
N ASP A 56 -6.15 0.42 5.00
CA ASP A 56 -5.02 -0.45 5.26
C ASP A 56 -3.71 0.32 5.17
N GLN A 57 -2.71 -0.13 5.93
CA GLN A 57 -1.41 0.53 5.93
C GLN A 57 -0.33 -0.41 5.38
N ILE A 58 0.71 0.18 4.80
CA ILE A 58 1.81 -0.59 4.23
C ILE A 58 3.03 -0.56 5.13
N MET A 59 3.40 -1.72 5.68
CA MET A 59 4.55 -1.81 6.56
C MET A 59 5.85 -1.60 5.78
N SER A 60 5.95 -2.24 4.63
CA SER A 60 7.14 -2.11 3.79
C SER A 60 6.79 -2.34 2.32
N ILE A 61 7.77 -2.11 1.44
CA ILE A 61 7.57 -2.29 0.02
C ILE A 61 8.71 -3.09 -0.60
N ASN A 62 8.45 -4.36 -0.87
CA ASN A 62 9.45 -5.24 -1.47
C ASN A 62 10.65 -5.39 -0.54
N GLY A 63 10.42 -5.20 0.76
CA GLY A 63 11.49 -5.32 1.73
C GLY A 63 12.05 -3.98 2.15
N THR A 64 11.36 -2.91 1.78
CA THR A 64 11.79 -1.57 2.12
C THR A 64 10.90 -0.95 3.20
N SER A 65 11.44 -0.82 4.40
CA SER A 65 10.69 -0.26 5.52
C SER A 65 10.32 1.20 5.24
N LEU A 66 9.05 1.53 5.47
CA LEU A 66 8.57 2.89 5.26
C LEU A 66 8.48 3.66 6.57
N VAL A 67 8.21 2.94 7.65
CA VAL A 67 8.10 3.55 8.97
C VAL A 67 9.17 4.63 9.17
N GLY A 68 8.72 5.86 9.34
CA GLY A 68 9.65 6.97 9.54
C GLY A 68 9.75 7.87 8.32
N LEU A 69 9.73 7.27 7.14
CA LEU A 69 9.81 8.02 5.89
C LEU A 69 8.59 8.92 5.71
N PRO A 70 8.80 10.08 5.09
CA PRO A 70 7.73 11.06 4.85
C PRO A 70 6.74 10.56 3.80
N LEU A 71 5.52 11.09 3.85
CA LEU A 71 4.49 10.71 2.89
C LEU A 71 4.93 10.96 1.46
N SER A 72 5.76 11.99 1.28
CA SER A 72 6.28 12.35 -0.04
C SER A 72 7.26 11.29 -0.55
N THR A 73 8.16 10.88 0.33
CA THR A 73 9.17 9.88 -0.03
C THR A 73 8.51 8.53 -0.31
N CYS A 74 7.75 8.03 0.66
CA CYS A 74 7.08 6.75 0.52
C CYS A 74 6.38 6.65 -0.84
N GLN A 75 5.74 7.73 -1.26
CA GLN A 75 5.04 7.76 -2.53
C GLN A 75 5.96 7.33 -3.67
N SER A 76 7.14 7.95 -3.75
CA SER A 76 8.10 7.62 -4.78
C SER A 76 8.36 6.12 -4.84
N ILE A 77 8.64 5.53 -3.68
CA ILE A 77 8.91 4.10 -3.58
C ILE A 77 7.75 3.29 -4.14
N ILE A 78 6.57 3.91 -4.20
CA ILE A 78 5.38 3.24 -4.71
C ILE A 78 5.14 3.59 -6.18
N LYS A 79 5.56 4.79 -6.57
CA LYS A 79 5.39 5.24 -7.95
C LYS A 79 6.41 4.58 -8.87
N GLY A 80 7.53 4.14 -8.28
CA GLY A 80 8.57 3.50 -9.06
C GLY A 80 8.27 2.04 -9.33
N LEU A 81 7.05 1.61 -9.01
CA LEU A 81 6.63 0.23 -9.22
C LEU A 81 5.84 0.09 -10.51
N LYS A 82 5.76 1.18 -11.28
CA LYS A 82 5.03 1.18 -12.53
C LYS A 82 5.63 0.17 -13.51
N ASN A 83 6.95 0.14 -13.60
CA ASN A 83 7.65 -0.77 -14.48
C ASN A 83 7.85 -2.12 -13.82
N GLN A 84 7.08 -2.39 -12.77
CA GLN A 84 7.17 -3.65 -12.04
C GLN A 84 5.82 -4.35 -11.99
N SER A 85 5.54 -5.14 -13.02
CA SER A 85 4.27 -5.87 -13.10
C SER A 85 3.87 -6.41 -11.73
N ARG A 86 4.69 -7.32 -11.20
CA ARG A 86 4.42 -7.91 -9.89
C ARG A 86 5.29 -7.27 -8.81
N VAL A 87 4.66 -6.88 -7.71
CA VAL A 87 5.37 -6.25 -6.61
C VAL A 87 4.87 -6.77 -5.26
N LYS A 88 5.79 -7.03 -4.35
CA LYS A 88 5.44 -7.53 -3.02
C LYS A 88 5.42 -6.39 -2.01
N LEU A 89 4.30 -6.29 -1.28
CA LEU A 89 4.14 -5.24 -0.28
C LEU A 89 3.45 -5.79 0.97
N ASN A 90 3.90 -5.32 2.13
CA ASN A 90 3.32 -5.77 3.40
C ASN A 90 2.23 -4.82 3.87
N ILE A 91 1.04 -5.35 4.07
CA ILE A 91 -0.10 -4.55 4.53
C ILE A 91 -0.53 -4.95 5.93
N VAL A 92 -1.02 -3.99 6.69
CA VAL A 92 -1.48 -4.24 8.05
C VAL A 92 -2.70 -3.40 8.39
N SER A 93 -3.87 -4.04 8.46
CA SER A 93 -5.11 -3.35 8.77
C SER A 93 -4.90 -2.35 9.91
N GLY A 94 -5.09 -1.07 9.60
CA GLY A 94 -4.92 -0.03 10.61
C GLY A 94 -5.44 -0.46 11.97
N PRO A 95 -4.86 0.10 13.03
CA PRO A 95 -5.26 -0.21 14.40
C PRO A 95 -6.64 0.34 14.75
N SER A 96 -7.07 1.35 14.00
CA SER A 96 -8.38 1.96 14.23
C SER A 96 -9.50 1.02 13.81
N SER A 97 -10.40 0.73 14.74
CA SER A 97 -11.53 -0.16 14.48
C SER A 97 -12.82 0.63 14.33
N GLY A 98 -13.69 0.16 13.45
CA GLY A 98 -14.96 0.83 13.21
C GLY A 98 -15.69 0.30 12.00
N GLY A 1 -13.89 -0.95 3.91
CA GLY A 1 -12.94 -1.99 4.21
C GLY A 1 -13.02 -2.47 5.65
N SER A 2 -12.59 -3.71 5.89
CA SER A 2 -12.64 -4.28 7.22
C SER A 2 -11.41 -5.16 7.47
N SER A 3 -10.78 -4.97 8.62
CA SER A 3 -9.59 -5.74 8.98
C SER A 3 -9.75 -7.20 8.56
N GLY A 4 -8.63 -7.83 8.20
CA GLY A 4 -8.66 -9.22 7.78
C GLY A 4 -7.38 -9.65 7.11
N SER A 5 -7.02 -8.96 6.04
CA SER A 5 -5.81 -9.28 5.28
C SER A 5 -4.63 -8.41 5.75
N SER A 6 -3.88 -8.92 6.72
CA SER A 6 -2.74 -8.18 7.25
C SER A 6 -1.46 -9.01 7.15
N GLY A 7 -0.75 -8.86 6.04
CA GLY A 7 0.48 -9.60 5.84
C GLY A 7 1.10 -9.35 4.47
N ASP A 8 1.87 -10.31 3.98
CA ASP A 8 2.52 -10.17 2.68
C ASP A 8 1.49 -10.06 1.56
N VAL A 9 1.58 -8.99 0.79
CA VAL A 9 0.65 -8.76 -0.31
C VAL A 9 1.39 -8.75 -1.65
N PHE A 10 0.67 -9.13 -2.70
CA PHE A 10 1.26 -9.17 -4.04
C PHE A 10 0.31 -8.56 -5.06
N ILE A 11 0.68 -7.39 -5.58
CA ILE A 11 -0.15 -6.71 -6.57
C ILE A 11 0.28 -7.07 -7.98
N GLU A 12 -0.53 -7.89 -8.65
CA GLU A 12 -0.23 -8.32 -10.01
C GLU A 12 -0.80 -7.34 -11.02
N LYS A 13 0.08 -6.60 -11.70
CA LYS A 13 -0.33 -5.63 -12.70
C LYS A 13 0.54 -5.72 -13.95
N GLN A 14 0.30 -4.81 -14.89
CA GLN A 14 1.07 -4.79 -16.13
C GLN A 14 2.15 -3.72 -16.08
N LYS A 15 3.11 -3.81 -16.99
CA LYS A 15 4.21 -2.84 -17.05
C LYS A 15 3.77 -1.59 -17.81
N GLY A 16 4.18 -0.43 -17.30
CA GLY A 16 3.83 0.82 -17.95
C GLY A 16 2.76 1.59 -17.19
N GLU A 17 1.88 0.85 -16.53
CA GLU A 17 0.81 1.47 -15.75
C GLU A 17 1.21 1.65 -14.29
N ILE A 18 0.50 2.52 -13.59
CA ILE A 18 0.78 2.79 -12.18
C ILE A 18 0.00 1.84 -11.28
N LEU A 19 0.32 1.88 -9.99
CA LEU A 19 -0.35 1.02 -9.01
C LEU A 19 -1.79 1.49 -8.78
N GLY A 20 -2.19 2.54 -9.49
CA GLY A 20 -3.53 3.08 -9.35
C GLY A 20 -4.01 3.06 -7.91
N VAL A 21 -3.25 3.69 -7.02
CA VAL A 21 -3.60 3.75 -5.61
C VAL A 21 -3.01 5.00 -4.96
N VAL A 22 -3.76 5.56 -3.99
CA VAL A 22 -3.32 6.75 -3.28
C VAL A 22 -3.00 6.44 -1.83
N ILE A 23 -1.92 7.02 -1.32
CA ILE A 23 -1.51 6.80 0.06
C ILE A 23 -1.39 8.12 0.80
N VAL A 24 -1.49 8.06 2.13
CA VAL A 24 -1.39 9.25 2.96
C VAL A 24 -0.65 8.94 4.27
N GLU A 25 -0.47 9.98 5.08
CA GLU A 25 0.22 9.82 6.36
C GLU A 25 -0.57 8.90 7.30
N SER A 26 0.12 7.91 7.84
CA SER A 26 -0.51 6.94 8.74
C SER A 26 -0.58 7.51 10.16
N GLY A 27 -0.44 8.83 10.28
CA GLY A 27 -0.48 9.47 11.58
C GLY A 27 -1.90 9.65 12.08
N TRP A 28 -2.66 8.56 12.11
CA TRP A 28 -4.04 8.61 12.57
C TRP A 28 -4.26 7.66 13.74
N GLY A 29 -3.21 7.47 14.55
CA GLY A 29 -3.31 6.60 15.70
C GLY A 29 -2.50 5.32 15.52
N SER A 30 -2.30 4.91 14.26
CA SER A 30 -1.55 3.71 13.97
C SER A 30 -0.23 3.68 14.73
N ILE A 31 0.22 2.48 15.09
CA ILE A 31 1.47 2.32 15.83
C ILE A 31 2.65 2.81 14.99
N LEU A 32 2.85 2.21 13.83
CA LEU A 32 3.94 2.58 12.94
C LEU A 32 3.47 3.54 11.87
N PRO A 33 3.77 4.84 12.04
CA PRO A 33 3.39 5.88 11.08
C PRO A 33 4.15 5.78 9.77
N THR A 34 3.66 4.92 8.87
CA THR A 34 4.29 4.73 7.58
C THR A 34 3.47 5.34 6.46
N VAL A 35 2.39 4.65 6.08
CA VAL A 35 1.50 5.14 5.03
C VAL A 35 0.31 4.22 4.86
N ILE A 36 -0.86 4.81 4.62
CA ILE A 36 -2.09 4.05 4.43
C ILE A 36 -2.83 4.49 3.18
N ILE A 37 -3.55 3.56 2.57
CA ILE A 37 -4.32 3.86 1.36
C ILE A 37 -5.44 4.85 1.64
N ALA A 38 -5.40 5.97 0.95
CA ALA A 38 -6.43 7.00 1.13
C ALA A 38 -7.54 6.85 0.10
N ASN A 39 -7.21 6.27 -1.04
CA ASN A 39 -8.19 6.06 -2.11
C ASN A 39 -7.65 5.10 -3.17
N MET A 40 -8.55 4.45 -3.88
CA MET A 40 -8.16 3.50 -4.93
C MET A 40 -8.69 3.96 -6.29
N MET A 41 -7.88 3.76 -7.32
CA MET A 41 -8.26 4.15 -8.67
C MET A 41 -9.40 3.26 -9.18
N HIS A 42 -10.33 3.87 -9.92
CA HIS A 42 -11.46 3.13 -10.47
C HIS A 42 -11.04 2.32 -11.69
N GLY A 43 -10.35 1.21 -11.45
CA GLY A 43 -9.89 0.37 -12.54
C GLY A 43 -8.39 0.14 -12.52
N GLY A 44 -7.80 0.25 -11.33
CA GLY A 44 -6.36 0.05 -11.19
C GLY A 44 -6.01 -1.33 -10.68
N PRO A 45 -4.70 -1.61 -10.59
CA PRO A 45 -4.21 -2.90 -10.11
C PRO A 45 -4.47 -3.12 -8.62
N ALA A 46 -4.51 -2.02 -7.87
CA ALA A 46 -4.76 -2.08 -6.44
C ALA A 46 -6.22 -2.33 -6.14
N GLU A 47 -7.10 -1.66 -6.88
CA GLU A 47 -8.54 -1.81 -6.70
C GLU A 47 -9.00 -3.20 -7.13
N LYS A 48 -8.35 -3.75 -8.15
CA LYS A 48 -8.68 -5.07 -8.66
C LYS A 48 -7.98 -6.16 -7.84
N SER A 49 -6.81 -5.83 -7.31
CA SER A 49 -6.04 -6.79 -6.52
C SER A 49 -6.83 -7.24 -5.29
N GLY A 50 -7.52 -6.28 -4.67
CA GLY A 50 -8.31 -6.60 -3.48
C GLY A 50 -7.45 -7.07 -2.33
N LYS A 51 -6.15 -6.84 -2.43
CA LYS A 51 -5.22 -7.25 -1.39
C LYS A 51 -5.22 -6.25 -0.23
N LEU A 52 -5.43 -4.98 -0.56
CA LEU A 52 -5.46 -3.93 0.46
C LEU A 52 -6.87 -3.37 0.62
N ASN A 53 -7.02 -2.41 1.51
CA ASN A 53 -8.31 -1.79 1.76
C ASN A 53 -8.15 -0.37 2.32
N ILE A 54 -9.09 0.51 2.00
CA ILE A 54 -9.05 1.88 2.46
C ILE A 54 -8.80 1.95 3.96
N GLY A 55 -7.58 2.31 4.34
CA GLY A 55 -7.23 2.41 5.74
C GLY A 55 -6.02 1.58 6.10
N ASP A 56 -5.78 0.52 5.33
CA ASP A 56 -4.64 -0.36 5.57
C ASP A 56 -3.33 0.38 5.39
N GLN A 57 -2.35 0.05 6.21
CA GLN A 57 -1.03 0.68 6.14
C GLN A 57 0.01 -0.28 5.60
N ILE A 58 1.00 0.25 4.89
CA ILE A 58 2.06 -0.56 4.32
C ILE A 58 3.29 -0.57 5.22
N MET A 59 3.71 -1.75 5.63
CA MET A 59 4.88 -1.90 6.49
C MET A 59 6.17 -1.69 5.71
N SER A 60 6.22 -2.25 4.50
CA SER A 60 7.39 -2.12 3.65
C SER A 60 7.01 -2.30 2.18
N ILE A 61 7.99 -2.11 1.29
CA ILE A 61 7.77 -2.26 -0.14
C ILE A 61 8.89 -3.06 -0.79
N ASN A 62 8.59 -4.31 -1.11
CA ASN A 62 9.57 -5.20 -1.75
C ASN A 62 10.83 -5.29 -0.91
N GLY A 63 10.69 -5.09 0.39
CA GLY A 63 11.85 -5.15 1.28
C GLY A 63 12.36 -3.77 1.66
N THR A 64 11.56 -2.74 1.37
CA THR A 64 11.94 -1.37 1.68
C THR A 64 11.07 -0.80 2.79
N SER A 65 11.60 -0.79 4.02
CA SER A 65 10.87 -0.27 5.16
C SER A 65 10.48 1.19 4.95
N LEU A 66 9.24 1.51 5.29
CA LEU A 66 8.73 2.87 5.14
C LEU A 66 8.68 3.59 6.48
N VAL A 67 8.56 2.82 7.55
CA VAL A 67 8.50 3.38 8.90
C VAL A 67 9.51 4.50 9.07
N GLY A 68 9.01 5.69 9.37
CA GLY A 68 9.88 6.84 9.55
C GLY A 68 9.96 7.72 8.33
N LEU A 69 9.95 7.09 7.15
CA LEU A 69 10.02 7.81 5.89
C LEU A 69 8.81 8.73 5.72
N PRO A 70 9.03 9.90 5.12
CA PRO A 70 7.97 10.89 4.87
C PRO A 70 6.98 10.43 3.82
N LEU A 71 5.78 10.99 3.85
CA LEU A 71 4.75 10.63 2.89
C LEU A 71 5.22 10.85 1.46
N SER A 72 5.97 11.93 1.26
CA SER A 72 6.50 12.26 -0.06
C SER A 72 7.46 11.18 -0.56
N THR A 73 8.33 10.72 0.35
CA THR A 73 9.29 9.69 0.01
C THR A 73 8.62 8.35 -0.25
N CYS A 74 7.87 7.88 0.75
CA CYS A 74 7.16 6.60 0.63
C CYS A 74 6.40 6.51 -0.69
N GLN A 75 5.80 7.61 -1.09
CA GLN A 75 5.03 7.66 -2.33
C GLN A 75 5.95 7.36 -3.53
N SER A 76 7.10 8.01 -3.56
CA SER A 76 8.05 7.81 -4.66
C SER A 76 8.36 6.33 -4.83
N ILE A 77 8.69 5.65 -3.74
CA ILE A 77 9.01 4.23 -3.78
C ILE A 77 7.90 3.43 -4.44
N ILE A 78 6.66 3.90 -4.27
CA ILE A 78 5.51 3.23 -4.87
C ILE A 78 5.38 3.56 -6.35
N LYS A 79 5.96 4.69 -6.75
CA LYS A 79 5.92 5.12 -8.14
C LYS A 79 6.86 4.28 -9.01
N GLY A 80 7.88 3.71 -8.38
CA GLY A 80 8.84 2.89 -9.10
C GLY A 80 8.36 1.46 -9.28
N LEU A 81 7.04 1.27 -9.25
CA LEU A 81 6.46 -0.05 -9.40
C LEU A 81 5.70 -0.17 -10.72
N LYS A 82 5.69 0.93 -11.49
CA LYS A 82 4.99 0.96 -12.77
C LYS A 82 5.62 -0.04 -13.75
N ASN A 83 6.94 -0.08 -13.78
CA ASN A 83 7.66 -0.99 -14.67
C ASN A 83 7.83 -2.36 -14.02
N GLN A 84 7.08 -2.60 -12.96
CA GLN A 84 7.15 -3.87 -12.25
C GLN A 84 5.78 -4.57 -12.24
N SER A 85 5.59 -5.50 -13.17
CA SER A 85 4.34 -6.23 -13.28
C SER A 85 3.91 -6.77 -11.91
N ARG A 86 4.75 -7.59 -11.31
CA ARG A 86 4.46 -8.17 -10.01
C ARG A 86 5.29 -7.50 -8.91
N VAL A 87 4.60 -6.86 -7.96
CA VAL A 87 5.27 -6.18 -6.86
C VAL A 87 4.83 -6.74 -5.51
N LYS A 88 5.77 -6.88 -4.60
CA LYS A 88 5.48 -7.41 -3.26
C LYS A 88 5.47 -6.28 -2.23
N LEU A 89 4.42 -6.22 -1.43
CA LEU A 89 4.29 -5.20 -0.40
C LEU A 89 3.63 -5.77 0.85
N ASN A 90 4.08 -5.32 2.02
CA ASN A 90 3.52 -5.78 3.29
C ASN A 90 2.45 -4.81 3.79
N ILE A 91 1.24 -5.33 3.98
CA ILE A 91 0.14 -4.52 4.45
C ILE A 91 -0.27 -4.91 5.88
N VAL A 92 -0.76 -3.95 6.63
CA VAL A 92 -1.18 -4.19 8.01
C VAL A 92 -2.40 -3.33 8.38
N SER A 93 -3.54 -3.98 8.51
CA SER A 93 -4.78 -3.29 8.85
C SER A 93 -4.52 -2.17 9.85
N GLY A 94 -4.74 -0.93 9.40
CA GLY A 94 -4.51 0.22 10.26
C GLY A 94 -5.39 0.19 11.50
N PRO A 95 -5.55 1.35 12.15
CA PRO A 95 -6.36 1.48 13.36
C PRO A 95 -7.85 1.32 13.08
N SER A 96 -8.43 0.26 13.66
CA SER A 96 -9.85 -0.02 13.45
C SER A 96 -10.70 0.70 14.51
N SER A 97 -11.71 1.43 14.05
CA SER A 97 -12.58 2.18 14.96
C SER A 97 -11.77 3.09 15.87
N GLY A 98 -10.77 3.76 15.30
CA GLY A 98 -9.93 4.65 16.08
C GLY A 98 -9.38 5.79 15.25
#